data_2MMB
#
_entry.id   2MMB
#
_entity_poly.entity_id   1
_entity_poly.type   'polypeptide(L)'
_entity_poly.pdbx_seq_one_letter_code
;GTDFGTTNNFVSPNLQLKQNVLPPTPKNIPLPAFGQRIIGWGTGAEGARQRLENIQPADVSMIKKQGTTLEMITAWQDFY
EQEQQRNENNPTAKYRARLMKKIADLW
;
_entity_poly.pdbx_strand_id   A
#
# COMPACT_ATOMS: atom_id res chain seq x y z
N GLY A 1 6.79 0.09 21.64
CA GLY A 1 6.86 0.89 20.41
C GLY A 1 6.07 2.19 20.55
N THR A 2 4.76 2.09 20.76
CA THR A 2 3.83 3.19 20.99
C THR A 2 3.55 3.91 19.66
N ASP A 3 2.34 3.77 19.11
CA ASP A 3 1.87 4.48 17.91
C ASP A 3 0.34 4.58 17.94
N PHE A 4 -0.25 5.38 17.06
CA PHE A 4 -1.69 5.69 16.99
C PHE A 4 -2.02 6.22 15.58
N GLY A 5 -3.30 6.43 15.26
CA GLY A 5 -3.73 7.01 13.99
C GLY A 5 -5.18 7.45 14.02
N THR A 6 -5.97 7.12 13.01
CA THR A 6 -7.30 7.68 12.79
C THR A 6 -8.18 6.72 11.96
N THR A 7 -8.14 5.43 12.31
CA THR A 7 -8.82 4.30 11.66
C THR A 7 -10.37 4.37 11.69
N ASN A 8 -10.97 5.54 11.92
CA ASN A 8 -12.41 5.77 11.93
C ASN A 8 -12.70 7.19 11.45
N ASN A 9 -12.05 7.62 10.35
CA ASN A 9 -12.21 8.96 9.80
C ASN A 9 -12.09 8.82 8.29
N PHE A 10 -13.15 9.13 7.55
CA PHE A 10 -13.26 8.97 6.11
C PHE A 10 -13.86 10.24 5.52
N VAL A 11 -13.57 10.51 4.23
CA VAL A 11 -14.00 11.73 3.56
C VAL A 11 -14.37 11.44 2.10
N SER A 12 -14.75 12.48 1.37
CA SER A 12 -15.01 12.44 -0.07
C SER A 12 -13.69 12.71 -0.83
N PRO A 13 -13.56 12.25 -2.09
CA PRO A 13 -12.32 12.30 -2.84
C PRO A 13 -12.01 13.69 -3.38
N ASN A 14 -11.39 14.52 -2.55
CA ASN A 14 -11.29 15.96 -2.84
C ASN A 14 -10.26 16.64 -1.94
N LEU A 15 -9.22 15.89 -1.55
CA LEU A 15 -8.22 16.27 -0.57
C LEU A 15 -6.91 16.60 -1.30
N GLN A 16 -6.96 17.55 -2.23
CA GLN A 16 -5.82 18.00 -3.02
C GLN A 16 -4.90 18.95 -2.21
N LEU A 17 -4.95 18.88 -0.87
CA LEU A 17 -4.39 19.83 0.07
C LEU A 17 -4.16 19.16 1.43
N LYS A 18 -2.98 18.58 1.62
CA LYS A 18 -2.50 17.96 2.85
C LYS A 18 -0.98 18.16 2.97
N GLN A 19 -0.43 17.85 4.14
CA GLN A 19 1.00 17.84 4.40
C GLN A 19 1.56 16.42 4.27
N ASN A 20 2.87 16.27 4.44
CA ASN A 20 3.58 15.02 4.23
C ASN A 20 3.29 14.09 5.37
N VAL A 21 2.44 13.12 5.08
CA VAL A 21 2.06 12.09 6.02
C VAL A 21 1.80 10.78 5.28
N LEU A 22 2.11 9.66 5.90
CA LEU A 22 1.78 8.34 5.35
C LEU A 22 0.27 8.07 5.48
N PRO A 23 -0.31 7.21 4.64
CA PRO A 23 -1.66 6.65 4.84
C PRO A 23 -1.74 5.75 6.10
N PRO A 24 -2.95 5.34 6.52
CA PRO A 24 -3.17 4.46 7.68
C PRO A 24 -2.71 3.01 7.43
N THR A 25 -2.84 2.13 8.41
CA THR A 25 -2.53 0.71 8.28
C THR A 25 -3.54 -0.11 9.10
N PRO A 26 -3.69 -1.43 8.83
CA PRO A 26 -4.63 -2.26 9.57
C PRO A 26 -4.17 -2.48 11.02
N LYS A 27 -5.12 -2.63 11.96
CA LYS A 27 -4.85 -2.98 13.36
C LYS A 27 -4.45 -4.43 13.54
N ASN A 28 -3.42 -4.85 12.81
CA ASN A 28 -2.80 -6.14 12.94
C ASN A 28 -1.29 -5.92 13.08
N ILE A 29 -0.71 -5.01 12.28
CA ILE A 29 0.73 -4.85 12.15
C ILE A 29 1.09 -3.41 11.75
N PRO A 30 2.35 -2.99 11.87
CA PRO A 30 2.90 -1.74 11.31
C PRO A 30 3.29 -1.89 9.83
N LEU A 31 3.63 -0.79 9.13
CA LEU A 31 4.19 -0.80 7.77
C LEU A 31 5.27 -1.87 7.56
N PRO A 32 6.41 -1.94 8.27
CA PRO A 32 7.41 -3.01 8.10
C PRO A 32 6.89 -4.44 8.36
N ALA A 33 5.62 -4.64 8.71
CA ALA A 33 4.94 -5.93 8.64
C ALA A 33 3.66 -5.88 7.79
N PHE A 34 3.28 -4.78 7.15
CA PHE A 34 2.17 -4.78 6.19
C PHE A 34 2.54 -5.25 4.76
N GLY A 35 3.82 -5.53 4.46
CA GLY A 35 4.25 -5.81 3.10
C GLY A 35 5.23 -6.98 2.97
N GLN A 36 6.36 -6.94 3.68
CA GLN A 36 7.46 -7.92 3.60
C GLN A 36 6.94 -9.37 3.64
N ARG A 37 6.14 -9.67 4.66
CA ARG A 37 5.53 -10.93 5.08
C ARG A 37 4.07 -11.06 4.61
N ILE A 38 3.55 -10.12 3.82
CA ILE A 38 2.14 -10.04 3.44
C ILE A 38 2.07 -10.02 1.92
N ILE A 39 2.53 -8.93 1.31
CA ILE A 39 2.54 -8.61 -0.11
C ILE A 39 3.75 -9.27 -0.81
N GLY A 40 4.66 -9.92 -0.05
CA GLY A 40 5.88 -10.53 -0.58
C GLY A 40 6.83 -9.50 -1.22
N TRP A 41 6.70 -8.22 -0.89
CA TRP A 41 7.29 -7.11 -1.65
C TRP A 41 8.67 -6.66 -1.19
N GLY A 42 9.36 -7.49 -0.40
CA GLY A 42 10.64 -7.15 0.21
C GLY A 42 10.62 -5.76 0.81
N THR A 43 11.61 -4.93 0.45
CA THR A 43 11.71 -3.58 1.07
C THR A 43 12.49 -2.53 0.28
N GLY A 44 12.79 -2.81 -0.98
CA GLY A 44 13.90 -2.18 -1.68
C GLY A 44 13.74 -2.23 -3.19
N ALA A 45 12.58 -1.78 -3.67
CA ALA A 45 12.11 -1.73 -5.05
C ALA A 45 11.90 -3.13 -5.63
N GLU A 46 12.98 -3.87 -5.78
CA GLU A 46 13.03 -5.18 -6.38
C GLU A 46 12.07 -6.16 -5.70
N GLY A 47 11.97 -6.14 -4.37
CA GLY A 47 11.01 -6.96 -3.64
C GLY A 47 9.62 -6.86 -4.28
N ALA A 48 9.17 -5.62 -4.52
CA ALA A 48 7.89 -5.34 -5.11
C ALA A 48 7.87 -5.72 -6.59
N ARG A 49 8.98 -5.60 -7.34
CA ARG A 49 9.04 -6.11 -8.71
C ARG A 49 8.76 -7.61 -8.71
N GLN A 50 9.40 -8.36 -7.80
CA GLN A 50 9.38 -9.80 -7.80
C GLN A 50 7.97 -10.32 -7.57
N ARG A 51 7.11 -9.58 -6.87
CA ARG A 51 5.72 -9.99 -6.63
C ARG A 51 4.65 -9.20 -7.39
N LEU A 52 5.06 -8.35 -8.32
CA LEU A 52 4.15 -7.53 -9.12
C LEU A 52 3.91 -8.19 -10.47
N GLU A 53 4.97 -8.32 -11.27
CA GLU A 53 4.86 -8.55 -12.72
C GLU A 53 4.31 -9.93 -13.09
N ASN A 54 4.05 -10.76 -12.08
CA ASN A 54 3.81 -12.18 -12.18
C ASN A 54 2.91 -12.68 -11.05
N ILE A 55 2.17 -11.78 -10.41
CA ILE A 55 1.29 -12.06 -9.28
C ILE A 55 0.32 -13.20 -9.60
N GLN A 56 -0.32 -13.75 -8.58
CA GLN A 56 -1.27 -14.83 -8.74
C GLN A 56 -2.60 -14.50 -8.08
N PRO A 57 -3.68 -15.20 -8.46
CA PRO A 57 -5.02 -15.05 -7.90
C PRO A 57 -5.05 -15.41 -6.41
N ALA A 58 -4.07 -16.17 -5.91
CA ALA A 58 -3.96 -16.46 -4.50
C ALA A 58 -3.32 -15.29 -3.74
N ASP A 59 -2.34 -14.59 -4.34
CA ASP A 59 -1.57 -13.55 -3.65
C ASP A 59 -2.42 -12.37 -3.23
N VAL A 60 -3.56 -12.15 -3.89
CA VAL A 60 -4.54 -11.17 -3.46
C VAL A 60 -5.33 -11.72 -2.27
N SER A 61 -5.91 -12.92 -2.43
CA SER A 61 -6.95 -13.44 -1.56
C SER A 61 -6.52 -13.57 -0.11
N MET A 62 -5.24 -13.82 0.08
CA MET A 62 -4.52 -13.99 1.33
C MET A 62 -4.51 -12.72 2.14
N ILE A 63 -4.36 -11.56 1.50
CA ILE A 63 -4.09 -10.31 2.22
C ILE A 63 -5.28 -9.98 3.14
N LYS A 64 -6.49 -10.24 2.67
CA LYS A 64 -7.72 -10.08 3.44
C LYS A 64 -7.68 -10.84 4.75
N LYS A 65 -7.22 -12.09 4.67
CA LYS A 65 -7.18 -13.00 5.81
C LYS A 65 -6.27 -12.48 6.92
N GLN A 66 -5.28 -11.66 6.58
CA GLN A 66 -4.35 -11.09 7.52
C GLN A 66 -4.89 -9.77 8.12
N GLY A 67 -6.14 -9.40 7.84
CA GLY A 67 -6.80 -8.27 8.46
C GLY A 67 -6.81 -7.04 7.56
N THR A 68 -7.14 -7.20 6.28
CA THR A 68 -7.09 -6.12 5.30
C THR A 68 -8.37 -6.10 4.42
N THR A 69 -8.59 -4.99 3.73
CA THR A 69 -9.76 -4.68 2.92
C THR A 69 -9.30 -3.97 1.64
N LEU A 70 -10.20 -3.80 0.65
CA LEU A 70 -9.93 -3.02 -0.57
C LEU A 70 -9.60 -1.56 -0.23
N GLU A 71 -10.19 -1.06 0.85
CA GLU A 71 -9.89 0.25 1.43
C GLU A 71 -8.40 0.40 1.75
N MET A 72 -7.71 -0.67 2.14
CA MET A 72 -6.29 -0.61 2.48
C MET A 72 -5.41 -0.65 1.22
N ILE A 73 -5.96 -1.00 0.06
CA ILE A 73 -5.25 -1.15 -1.19
C ILE A 73 -5.66 -0.04 -2.16
N THR A 74 -6.05 1.12 -1.64
CA THR A 74 -6.39 2.28 -2.45
C THR A 74 -5.49 3.45 -2.06
N ALA A 75 -5.26 3.66 -0.76
CA ALA A 75 -4.56 4.87 -0.33
C ALA A 75 -3.05 4.68 -0.39
N TRP A 76 -2.56 3.48 -0.09
CA TRP A 76 -1.15 3.15 -0.26
C TRP A 76 -0.77 3.14 -1.73
N GLN A 77 -1.71 2.77 -2.60
CA GLN A 77 -1.50 2.84 -4.03
C GLN A 77 -1.34 4.30 -4.40
N ASP A 78 -2.38 5.10 -4.19
CA ASP A 78 -2.40 6.48 -4.65
C ASP A 78 -1.26 7.27 -3.99
N PHE A 79 -0.90 6.98 -2.73
CA PHE A 79 0.23 7.61 -2.06
C PHE A 79 1.52 7.39 -2.84
N TYR A 80 1.85 6.14 -3.14
CA TYR A 80 3.07 5.85 -3.86
C TYR A 80 2.98 6.42 -5.28
N GLU A 81 1.82 6.37 -5.92
CA GLU A 81 1.61 6.98 -7.23
C GLU A 81 1.79 8.50 -7.17
N GLN A 82 1.47 9.16 -6.05
CA GLN A 82 1.67 10.58 -5.86
C GLN A 82 3.16 10.95 -5.82
N GLU A 83 4.01 10.15 -5.14
CA GLU A 83 5.41 10.53 -4.95
C GLU A 83 6.20 10.34 -6.25
N GLN A 84 5.71 9.56 -7.21
CA GLN A 84 6.33 9.45 -8.52
C GLN A 84 6.45 10.79 -9.23
N GLN A 85 5.50 11.70 -9.01
CA GLN A 85 5.49 12.99 -9.70
C GLN A 85 6.65 13.88 -9.25
N ARG A 86 6.79 14.02 -7.93
CA ARG A 86 7.81 14.87 -7.31
C ARG A 86 9.19 14.34 -7.64
N ASN A 87 9.44 13.05 -7.39
CA ASN A 87 10.74 12.41 -7.58
C ASN A 87 10.53 11.20 -8.47
N GLU A 88 10.77 11.37 -9.76
CA GLU A 88 10.75 10.29 -10.74
C GLU A 88 11.79 9.22 -10.42
N ASN A 89 12.87 9.58 -9.73
CA ASN A 89 14.00 8.69 -9.44
C ASN A 89 13.66 7.61 -8.41
N ASN A 90 12.40 7.47 -7.99
CA ASN A 90 11.93 6.55 -6.95
C ASN A 90 11.33 5.27 -7.51
N PRO A 91 12.12 4.23 -7.83
CA PRO A 91 11.57 2.94 -8.23
C PRO A 91 10.82 2.24 -7.09
N THR A 92 11.13 2.52 -5.80
CA THR A 92 10.54 1.77 -4.71
C THR A 92 9.03 1.99 -4.72
N ALA A 93 8.59 3.24 -4.60
CA ALA A 93 7.19 3.60 -4.68
C ALA A 93 6.57 3.10 -5.99
N LYS A 94 7.27 3.27 -7.12
CA LYS A 94 6.82 2.87 -8.44
C LYS A 94 6.32 1.42 -8.45
N TYR A 95 7.16 0.45 -8.04
CA TYR A 95 6.73 -0.94 -7.97
C TYR A 95 5.66 -1.14 -6.89
N ARG A 96 5.76 -0.55 -5.68
CA ARG A 96 4.78 -0.75 -4.60
C ARG A 96 3.36 -0.39 -5.06
N ALA A 97 3.17 0.80 -5.64
CA ALA A 97 1.88 1.25 -6.17
C ALA A 97 1.37 0.27 -7.20
N ARG A 98 2.22 -0.07 -8.17
CA ARG A 98 1.83 -0.98 -9.25
C ARG A 98 1.38 -2.34 -8.71
N LEU A 99 1.98 -2.81 -7.62
CA LEU A 99 1.58 -4.04 -6.94
C LEU A 99 0.15 -3.94 -6.43
N MET A 100 -0.17 -2.85 -5.72
CA MET A 100 -1.53 -2.57 -5.23
C MET A 100 -2.54 -2.66 -6.37
N LYS A 101 -2.25 -2.02 -7.50
CA LYS A 101 -3.16 -1.96 -8.66
C LYS A 101 -3.60 -3.36 -9.09
N LYS A 102 -2.65 -4.28 -9.21
CA LYS A 102 -2.91 -5.66 -9.59
C LYS A 102 -3.74 -6.38 -8.53
N ILE A 103 -3.38 -6.24 -7.25
CA ILE A 103 -4.15 -6.83 -6.16
C ILE A 103 -5.62 -6.38 -6.23
N ALA A 104 -5.89 -5.09 -6.47
CA ALA A 104 -7.26 -4.57 -6.55
C ALA A 104 -8.00 -5.07 -7.80
N ASP A 105 -7.27 -5.45 -8.85
CA ASP A 105 -7.84 -5.98 -10.10
C ASP A 105 -8.37 -7.40 -9.91
N LEU A 106 -7.89 -8.08 -8.87
CA LEU A 106 -8.15 -9.49 -8.58
C LEU A 106 -9.11 -9.66 -7.40
N TRP A 107 -9.62 -8.54 -6.87
CA TRP A 107 -10.32 -8.53 -5.60
C TRP A 107 -11.68 -9.18 -5.75
N GLY A 1 1.59 16.77 14.89
CA GLY A 1 0.26 16.72 14.26
C GLY A 1 -0.37 15.36 14.49
N THR A 2 -1.57 15.13 13.92
CA THR A 2 -2.47 14.04 14.28
C THR A 2 -3.11 14.36 15.63
N ASP A 3 -4.43 14.57 15.67
CA ASP A 3 -5.16 14.86 16.90
C ASP A 3 -6.66 14.53 16.69
N PHE A 4 -7.50 14.67 17.71
CA PHE A 4 -8.97 14.64 17.66
C PHE A 4 -9.54 15.24 18.96
N GLY A 5 -10.88 15.30 19.09
CA GLY A 5 -11.57 15.69 20.31
C GLY A 5 -12.52 16.87 20.11
N THR A 6 -13.50 16.77 19.22
CA THR A 6 -14.48 17.83 18.94
C THR A 6 -15.91 17.29 19.04
N THR A 7 -16.19 16.42 20.03
CA THR A 7 -17.31 15.48 19.99
C THR A 7 -18.69 16.15 20.11
N ASN A 8 -18.79 17.46 20.35
CA ASN A 8 -20.06 18.15 20.63
C ASN A 8 -20.16 19.46 19.84
N ASN A 9 -19.67 19.48 18.60
CA ASN A 9 -19.63 20.69 17.78
C ASN A 9 -20.11 20.35 16.38
N PHE A 10 -21.38 20.64 16.08
CA PHE A 10 -22.00 20.39 14.79
C PHE A 10 -21.51 21.42 13.77
N VAL A 11 -20.28 21.26 13.27
CA VAL A 11 -19.73 22.07 12.18
C VAL A 11 -18.69 21.21 11.45
N SER A 12 -18.69 21.27 10.12
CA SER A 12 -17.73 20.53 9.32
C SER A 12 -16.31 21.08 9.58
N PRO A 13 -15.29 20.22 9.57
CA PRO A 13 -13.90 20.66 9.66
C PRO A 13 -13.41 21.27 8.35
N ASN A 14 -12.14 21.69 8.35
CA ASN A 14 -11.54 22.44 7.27
C ASN A 14 -10.02 22.33 7.17
N LEU A 15 -9.36 21.57 8.06
CA LEU A 15 -7.92 21.42 8.14
C LEU A 15 -7.38 20.52 7.01
N GLN A 16 -7.48 20.98 5.76
CA GLN A 16 -6.92 20.31 4.59
C GLN A 16 -5.41 20.57 4.41
N LEU A 17 -4.71 20.84 5.50
CA LEU A 17 -3.31 21.26 5.53
C LEU A 17 -2.56 20.37 6.51
N LYS A 18 -2.02 19.27 5.99
CA LYS A 18 -1.42 18.19 6.79
C LYS A 18 -0.14 17.72 6.12
N GLN A 19 0.62 16.83 6.77
CA GLN A 19 1.82 16.25 6.18
C GLN A 19 1.45 15.10 5.24
N ASN A 20 2.43 14.47 4.61
CA ASN A 20 2.25 13.45 3.59
C ASN A 20 1.94 12.11 4.25
N VAL A 21 0.78 12.01 4.89
CA VAL A 21 0.43 10.86 5.70
C VAL A 21 0.34 9.61 4.81
N LEU A 22 0.82 8.48 5.32
CA LEU A 22 0.73 7.17 4.69
C LEU A 22 -0.73 6.72 4.53
N PRO A 23 -1.00 5.74 3.65
CA PRO A 23 -2.22 4.95 3.68
C PRO A 23 -2.37 4.16 4.99
N PRO A 24 -3.57 3.62 5.27
CA PRO A 24 -3.81 2.69 6.37
C PRO A 24 -3.30 1.27 6.04
N THR A 25 -3.52 0.31 6.94
CA THR A 25 -3.08 -1.08 6.84
C THR A 25 -4.15 -2.02 7.40
N PRO A 26 -4.06 -3.34 7.13
CA PRO A 26 -4.92 -4.29 7.82
C PRO A 26 -4.46 -4.37 9.27
N LYS A 27 -5.41 -4.52 10.19
CA LYS A 27 -5.19 -4.44 11.64
C LYS A 27 -4.44 -5.63 12.24
N ASN A 28 -3.64 -6.35 11.47
CA ASN A 28 -3.10 -7.65 11.77
C ASN A 28 -1.60 -7.53 12.02
N ILE A 29 -0.89 -6.75 11.20
CA ILE A 29 0.57 -6.61 11.22
C ILE A 29 0.92 -5.17 10.82
N PRO A 30 2.13 -4.66 11.09
CA PRO A 30 2.55 -3.32 10.70
C PRO A 30 2.99 -3.24 9.24
N LEU A 31 3.24 -2.02 8.72
CA LEU A 31 3.78 -1.78 7.37
C LEU A 31 4.97 -2.69 7.02
N PRO A 32 6.10 -2.72 7.75
CA PRO A 32 7.23 -3.60 7.41
C PRO A 32 6.94 -5.09 7.57
N ALA A 33 5.71 -5.52 7.88
CA ALA A 33 5.26 -6.88 7.70
C ALA A 33 4.29 -6.98 6.53
N PHE A 34 3.35 -6.02 6.37
CA PHE A 34 2.24 -6.09 5.42
C PHE A 34 2.67 -6.27 3.95
N GLY A 35 3.92 -6.00 3.62
CA GLY A 35 4.49 -6.30 2.32
C GLY A 35 5.48 -7.44 2.47
N GLN A 36 6.52 -7.25 3.30
CA GLN A 36 7.69 -8.11 3.34
C GLN A 36 7.36 -9.60 3.52
N ARG A 37 6.32 -9.94 4.30
CA ARG A 37 5.99 -11.33 4.66
C ARG A 37 4.61 -11.75 4.18
N ILE A 38 3.97 -10.92 3.36
CA ILE A 38 2.58 -11.08 2.95
C ILE A 38 2.53 -11.05 1.43
N ILE A 39 3.27 -10.14 0.80
CA ILE A 39 3.40 -9.93 -0.63
C ILE A 39 4.71 -10.55 -1.13
N GLY A 40 5.64 -10.92 -0.24
CA GLY A 40 6.93 -11.48 -0.61
C GLY A 40 7.84 -10.50 -1.36
N TRP A 41 7.46 -9.21 -1.45
CA TRP A 41 8.10 -8.16 -2.24
C TRP A 41 9.47 -7.72 -1.73
N GLY A 42 10.17 -8.56 -0.97
CA GLY A 42 11.38 -8.25 -0.24
C GLY A 42 11.21 -6.94 0.48
N THR A 43 12.02 -5.95 0.15
CA THR A 43 12.05 -4.66 0.86
C THR A 43 12.94 -3.59 0.20
N GLY A 44 13.27 -3.73 -1.08
CA GLY A 44 14.38 -2.98 -1.68
C GLY A 44 14.32 -2.88 -3.19
N ALA A 45 13.14 -2.63 -3.76
CA ALA A 45 12.85 -2.48 -5.20
C ALA A 45 12.88 -3.85 -5.88
N GLU A 46 14.03 -4.52 -5.85
CA GLU A 46 14.25 -5.81 -6.46
C GLU A 46 13.33 -6.86 -5.87
N GLY A 47 13.03 -6.80 -4.57
CA GLY A 47 12.08 -7.70 -3.96
C GLY A 47 10.75 -7.70 -4.70
N ALA A 48 10.25 -6.51 -5.06
CA ALA A 48 9.01 -6.38 -5.82
C ALA A 48 9.22 -6.73 -7.29
N ARG A 49 10.41 -6.53 -7.88
CA ARG A 49 10.70 -6.93 -9.26
C ARG A 49 10.58 -8.44 -9.39
N GLN A 50 11.37 -9.16 -8.61
CA GLN A 50 11.52 -10.60 -8.72
C GLN A 50 10.21 -11.29 -8.32
N ARG A 51 9.26 -10.61 -7.65
CA ARG A 51 7.95 -11.16 -7.34
C ARG A 51 6.80 -10.41 -8.03
N LEU A 52 7.03 -9.78 -9.18
CA LEU A 52 6.00 -9.13 -10.00
C LEU A 52 5.85 -9.86 -11.31
N GLU A 53 6.94 -9.92 -12.08
CA GLU A 53 6.94 -10.24 -13.50
C GLU A 53 6.62 -11.73 -13.78
N ASN A 54 6.36 -12.50 -12.72
CA ASN A 54 6.17 -13.95 -12.67
C ASN A 54 5.12 -14.38 -11.65
N ILE A 55 4.24 -13.48 -11.20
CA ILE A 55 3.28 -13.80 -10.13
C ILE A 55 2.36 -14.98 -10.46
N GLN A 56 1.73 -15.53 -9.42
CA GLN A 56 0.76 -16.60 -9.51
C GLN A 56 -0.49 -16.17 -8.74
N PRO A 57 -1.71 -16.59 -9.12
CA PRO A 57 -2.95 -16.18 -8.46
C PRO A 57 -3.01 -16.67 -7.02
N ALA A 58 -2.31 -17.76 -6.71
CA ALA A 58 -2.20 -18.23 -5.34
C ALA A 58 -1.54 -17.18 -4.45
N ASP A 59 -0.57 -16.43 -4.99
CA ASP A 59 0.12 -15.39 -4.25
C ASP A 59 -0.83 -14.22 -3.94
N VAL A 60 -1.84 -14.03 -4.78
CA VAL A 60 -2.90 -13.06 -4.53
C VAL A 60 -3.81 -13.62 -3.43
N SER A 61 -4.32 -14.84 -3.60
CA SER A 61 -5.33 -15.37 -2.70
C SER A 61 -4.86 -15.56 -1.26
N MET A 62 -3.59 -15.88 -1.09
CA MET A 62 -2.94 -16.03 0.19
C MET A 62 -2.93 -14.73 0.98
N ILE A 63 -2.97 -13.55 0.35
CA ILE A 63 -2.97 -12.27 1.05
C ILE A 63 -4.28 -12.06 1.79
N LYS A 64 -5.42 -12.48 1.22
CA LYS A 64 -6.71 -12.33 1.88
C LYS A 64 -6.77 -13.13 3.17
N LYS A 65 -6.08 -14.28 3.22
CA LYS A 65 -5.99 -15.08 4.43
C LYS A 65 -5.28 -14.35 5.57
N GLN A 66 -4.52 -13.31 5.29
CA GLN A 66 -3.84 -12.54 6.32
C GLN A 66 -4.67 -11.34 6.78
N GLY A 67 -5.95 -11.25 6.38
CA GLY A 67 -6.86 -10.24 6.88
C GLY A 67 -6.82 -8.99 6.01
N THR A 68 -6.87 -9.17 4.70
CA THR A 68 -6.67 -8.12 3.72
C THR A 68 -7.86 -8.06 2.75
N THR A 69 -8.12 -6.89 2.19
CA THR A 69 -9.16 -6.62 1.21
C THR A 69 -8.55 -5.84 0.04
N LEU A 70 -9.31 -5.67 -1.04
CA LEU A 70 -8.91 -4.96 -2.23
C LEU A 70 -8.55 -3.50 -1.93
N GLU A 71 -9.20 -2.93 -0.93
CA GLU A 71 -8.96 -1.60 -0.38
C GLU A 71 -7.51 -1.43 0.08
N MET A 72 -6.90 -2.50 0.55
CA MET A 72 -5.55 -2.50 1.08
C MET A 72 -4.50 -2.64 -0.02
N ILE A 73 -4.91 -3.01 -1.23
CA ILE A 73 -4.01 -3.19 -2.36
C ILE A 73 -4.00 -1.88 -3.14
N THR A 74 -5.19 -1.38 -3.45
CA THR A 74 -5.40 -0.10 -4.11
C THR A 74 -4.74 1.04 -3.33
N ALA A 75 -4.92 1.11 -2.01
CA ALA A 75 -4.47 2.29 -1.26
C ALA A 75 -2.94 2.40 -1.21
N TRP A 76 -2.21 1.30 -1.36
CA TRP A 76 -0.75 1.31 -1.43
C TRP A 76 -0.28 1.44 -2.87
N GLN A 77 -1.00 0.88 -3.86
CA GLN A 77 -0.69 1.00 -5.27
C GLN A 77 -0.56 2.47 -5.65
N ASP A 78 -1.66 3.20 -5.53
CA ASP A 78 -1.84 4.54 -6.06
C ASP A 78 -0.87 5.51 -5.38
N PHE A 79 -0.63 5.31 -4.07
CA PHE A 79 0.39 6.04 -3.32
C PHE A 79 1.74 5.99 -4.05
N TYR A 80 2.21 4.79 -4.42
CA TYR A 80 3.50 4.64 -5.06
C TYR A 80 3.47 5.04 -6.53
N GLU A 81 2.34 4.83 -7.22
CA GLU A 81 2.09 5.32 -8.57
C GLU A 81 2.32 6.83 -8.65
N GLN A 82 1.89 7.59 -7.65
CA GLN A 82 2.11 9.03 -7.58
C GLN A 82 3.61 9.43 -7.50
N GLU A 83 4.53 8.52 -7.13
CA GLU A 83 5.98 8.81 -7.16
C GLU A 83 6.54 8.86 -8.58
N GLN A 84 5.90 8.15 -9.49
CA GLN A 84 6.42 7.95 -10.83
C GLN A 84 6.07 9.14 -11.71
N GLN A 85 4.87 9.70 -11.56
CA GLN A 85 4.53 10.94 -12.24
C GLN A 85 5.54 12.04 -11.87
N ARG A 86 5.86 12.18 -10.57
CA ARG A 86 6.76 13.23 -10.10
C ARG A 86 8.20 13.00 -10.54
N ASN A 87 8.70 11.76 -10.66
CA ASN A 87 10.05 11.52 -11.09
C ASN A 87 10.25 10.12 -11.65
N GLU A 88 11.09 10.05 -12.67
CA GLU A 88 11.35 8.84 -13.46
C GLU A 88 12.35 7.88 -12.81
N ASN A 89 12.96 8.23 -11.69
CA ASN A 89 14.17 7.56 -11.18
C ASN A 89 13.89 6.64 -9.99
N ASN A 90 12.65 6.18 -9.81
CA ASN A 90 12.12 5.73 -8.51
C ASN A 90 11.65 4.26 -8.54
N PRO A 91 12.58 3.31 -8.74
CA PRO A 91 12.27 1.90 -8.97
C PRO A 91 11.63 1.21 -7.76
N THR A 92 11.95 1.64 -6.54
CA THR A 92 11.36 1.10 -5.31
C THR A 92 9.84 1.25 -5.37
N ALA A 93 9.35 2.47 -5.58
CA ALA A 93 7.92 2.77 -5.71
C ALA A 93 7.35 2.08 -6.95
N LYS A 94 8.09 2.14 -8.07
CA LYS A 94 7.64 1.60 -9.35
C LYS A 94 7.29 0.12 -9.27
N TYR A 95 8.25 -0.74 -8.92
CA TYR A 95 8.02 -2.18 -8.94
C TYR A 95 6.87 -2.55 -8.01
N ARG A 96 6.78 -1.96 -6.82
CA ARG A 96 5.67 -2.27 -5.92
C ARG A 96 4.32 -1.79 -6.44
N ALA A 97 4.19 -0.60 -7.02
CA ALA A 97 2.91 -0.12 -7.57
C ALA A 97 2.41 -1.14 -8.59
N ARG A 98 3.23 -1.42 -9.60
CA ARG A 98 2.94 -2.38 -10.66
C ARG A 98 2.59 -3.78 -10.12
N LEU A 99 3.20 -4.18 -9.00
CA LEU A 99 2.87 -5.40 -8.28
C LEU A 99 1.47 -5.33 -7.67
N MET A 100 1.20 -4.34 -6.82
CA MET A 100 -0.11 -4.17 -6.19
C MET A 100 -1.22 -4.13 -7.25
N LYS A 101 -1.01 -3.42 -8.36
CA LYS A 101 -1.94 -3.39 -9.51
C LYS A 101 -2.30 -4.80 -9.96
N LYS A 102 -1.28 -5.60 -10.26
CA LYS A 102 -1.41 -7.00 -10.68
C LYS A 102 -2.09 -7.86 -9.62
N ILE A 103 -1.92 -7.55 -8.34
CA ILE A 103 -2.55 -8.29 -7.27
C ILE A 103 -4.07 -8.08 -7.37
N ALA A 104 -4.53 -6.84 -7.61
CA ALA A 104 -5.94 -6.54 -7.82
C ALA A 104 -6.49 -7.24 -9.08
N ASP A 105 -5.66 -7.53 -10.08
CA ASP A 105 -6.11 -8.13 -11.35
C ASP A 105 -6.78 -9.48 -11.11
N LEU A 106 -6.19 -10.27 -10.22
CA LEU A 106 -6.55 -11.66 -9.95
C LEU A 106 -7.46 -11.78 -8.73
N TRP A 107 -7.96 -10.65 -8.23
CA TRP A 107 -8.80 -10.59 -7.06
C TRP A 107 -10.19 -11.10 -7.41
N GLY A 1 14.40 15.11 2.38
CA GLY A 1 13.11 15.33 3.05
C GLY A 1 12.11 14.27 2.61
N THR A 2 12.15 13.08 3.21
CA THR A 2 11.23 12.01 2.86
C THR A 2 11.02 11.08 4.08
N ASP A 3 10.71 11.69 5.23
CA ASP A 3 10.21 10.99 6.41
C ASP A 3 8.88 11.64 6.83
N PHE A 4 8.43 11.52 8.08
CA PHE A 4 7.14 12.07 8.52
C PHE A 4 7.18 12.41 10.02
N GLY A 5 6.04 12.75 10.63
CA GLY A 5 5.90 12.98 12.06
C GLY A 5 4.47 12.76 12.49
N THR A 6 4.22 12.85 13.79
CA THR A 6 2.94 12.53 14.44
C THR A 6 2.70 13.41 15.68
N THR A 7 3.56 14.40 15.95
CA THR A 7 3.55 15.28 17.13
C THR A 7 2.38 16.30 17.12
N ASN A 8 1.29 16.02 16.39
CA ASN A 8 0.10 16.86 16.28
C ASN A 8 -1.18 16.03 16.39
N ASN A 9 -1.13 14.88 17.09
CA ASN A 9 -2.30 14.06 17.40
C ASN A 9 -3.25 14.79 18.36
N PHE A 10 -4.07 15.68 17.81
CA PHE A 10 -5.38 16.11 18.24
C PHE A 10 -6.04 16.71 16.99
N VAL A 11 -7.35 16.53 16.84
CA VAL A 11 -8.19 17.28 15.92
C VAL A 11 -9.60 17.25 16.50
N SER A 12 -10.36 18.34 16.39
CA SER A 12 -11.77 18.32 16.71
C SER A 12 -12.53 17.48 15.67
N PRO A 13 -13.68 16.89 16.02
CA PRO A 13 -14.51 16.10 15.12
C PRO A 13 -15.18 16.96 14.06
N ASN A 14 -14.48 17.25 12.95
CA ASN A 14 -15.05 17.96 11.83
C ASN A 14 -14.12 17.86 10.63
N LEU A 15 -14.58 17.24 9.54
CA LEU A 15 -13.79 17.02 8.33
C LEU A 15 -13.76 18.28 7.46
N GLN A 16 -13.51 19.45 8.04
CA GLN A 16 -13.53 20.71 7.28
C GLN A 16 -12.32 20.89 6.36
N LEU A 17 -11.49 19.86 6.18
CA LEU A 17 -10.08 19.96 5.87
C LEU A 17 -9.67 18.85 4.90
N LYS A 18 -9.53 19.20 3.62
CA LYS A 18 -9.07 18.33 2.53
C LYS A 18 -7.56 18.06 2.59
N GLN A 19 -7.11 17.46 3.69
CA GLN A 19 -5.76 16.96 3.86
C GLN A 19 -5.59 15.70 3.01
N ASN A 20 -4.36 15.22 2.93
CA ASN A 20 -3.97 13.98 2.27
C ASN A 20 -4.38 12.79 3.13
N VAL A 21 -5.55 12.26 2.83
CA VAL A 21 -6.12 11.07 3.45
C VAL A 21 -5.58 9.84 2.71
N LEU A 22 -5.13 8.84 3.47
CA LEU A 22 -4.73 7.52 2.97
C LEU A 22 -5.94 6.75 2.44
N PRO A 23 -5.75 5.83 1.47
CA PRO A 23 -6.79 4.89 1.03
C PRO A 23 -7.22 3.89 2.13
N PRO A 24 -8.34 3.16 1.91
CA PRO A 24 -8.94 2.26 2.90
C PRO A 24 -8.26 0.88 2.97
N THR A 25 -8.77 -0.05 3.80
CA THR A 25 -8.10 -1.29 4.21
C THR A 25 -9.10 -2.39 4.61
N PRO A 26 -8.70 -3.66 4.72
CA PRO A 26 -9.57 -4.74 5.23
C PRO A 26 -9.81 -4.60 6.74
N LYS A 27 -10.86 -5.23 7.26
CA LYS A 27 -11.33 -5.11 8.65
C LYS A 27 -10.56 -6.01 9.61
N ASN A 28 -9.22 -5.97 9.57
CA ASN A 28 -8.40 -6.94 10.26
C ASN A 28 -7.15 -6.36 10.88
N ILE A 29 -6.41 -5.51 10.16
CA ILE A 29 -5.07 -5.09 10.57
C ILE A 29 -4.81 -3.65 10.09
N PRO A 30 -3.82 -2.94 10.66
CA PRO A 30 -3.39 -1.61 10.21
C PRO A 30 -2.60 -1.68 8.90
N LEU A 31 -2.35 -0.55 8.24
CA LEU A 31 -1.52 -0.49 7.03
C LEU A 31 -0.15 -1.16 7.22
N PRO A 32 0.67 -0.83 8.23
CA PRO A 32 1.93 -1.51 8.52
C PRO A 32 1.80 -2.99 8.91
N ALA A 33 0.60 -3.58 8.85
CA ALA A 33 0.39 -5.01 8.87
C ALA A 33 -0.11 -5.51 7.51
N PHE A 34 -1.03 -4.78 6.88
CA PHE A 34 -1.69 -5.18 5.63
C PHE A 34 -0.70 -5.40 4.48
N GLY A 35 0.52 -4.88 4.59
CA GLY A 35 1.59 -5.16 3.65
C GLY A 35 2.66 -6.07 4.25
N GLN A 36 3.21 -5.65 5.40
CA GLN A 36 4.45 -6.20 5.95
C GLN A 36 4.39 -7.71 6.25
N ARG A 37 3.19 -8.29 6.41
CA ARG A 37 2.99 -9.69 6.77
C ARG A 37 2.08 -10.43 5.79
N ILE A 38 1.82 -9.83 4.62
CA ILE A 38 0.78 -10.23 3.70
C ILE A 38 1.35 -10.19 2.29
N ILE A 39 1.71 -8.98 1.85
CA ILE A 39 2.29 -8.66 0.54
C ILE A 39 3.80 -8.95 0.55
N GLY A 40 4.37 -9.36 1.68
CA GLY A 40 5.75 -9.80 1.78
C GLY A 40 6.76 -8.71 1.45
N TRP A 41 6.31 -7.46 1.36
CA TRP A 41 7.01 -6.36 0.71
C TRP A 41 8.02 -5.67 1.63
N GLY A 42 8.50 -6.35 2.66
CA GLY A 42 9.27 -5.80 3.76
C GLY A 42 8.60 -4.53 4.25
N THR A 43 9.23 -3.36 4.06
CA THR A 43 8.57 -2.05 4.27
C THR A 43 9.36 -0.83 3.78
N GLY A 44 10.39 -1.00 2.95
CA GLY A 44 11.34 0.06 2.65
C GLY A 44 11.92 0.00 1.26
N ALA A 45 11.08 -0.05 0.22
CA ALA A 45 11.45 -0.08 -1.21
C ALA A 45 12.05 -1.44 -1.58
N GLU A 46 13.14 -1.83 -0.93
CA GLU A 46 13.84 -3.10 -1.06
C GLU A 46 12.89 -4.27 -0.86
N GLY A 47 12.17 -4.27 0.27
CA GLY A 47 11.19 -5.29 0.55
C GLY A 47 10.26 -5.56 -0.65
N ALA A 48 9.79 -4.48 -1.27
CA ALA A 48 8.92 -4.55 -2.44
C ALA A 48 9.69 -4.97 -3.70
N ARG A 49 10.95 -4.54 -3.90
CA ARG A 49 11.79 -5.02 -5.00
C ARG A 49 11.79 -6.54 -4.98
N GLN A 50 12.14 -7.13 -3.83
CA GLN A 50 12.44 -8.54 -3.74
C GLN A 50 11.19 -9.33 -4.10
N ARG A 51 10.01 -8.98 -3.57
CA ARG A 51 8.84 -9.83 -3.76
C ARG A 51 8.13 -9.60 -5.11
N LEU A 52 8.31 -8.43 -5.71
CA LEU A 52 7.70 -8.02 -6.97
C LEU A 52 8.21 -8.85 -8.15
N GLU A 53 9.51 -8.72 -8.45
CA GLU A 53 10.04 -9.02 -9.79
C GLU A 53 9.86 -10.49 -10.17
N ASN A 54 9.59 -11.33 -9.16
CA ASN A 54 9.59 -12.77 -9.18
C ASN A 54 8.42 -13.30 -8.33
N ILE A 55 7.29 -12.60 -8.39
CA ILE A 55 6.09 -12.98 -7.63
C ILE A 55 5.62 -14.37 -8.01
N GLN A 56 4.79 -14.98 -7.18
CA GLN A 56 4.20 -16.27 -7.44
C GLN A 56 2.68 -16.18 -7.39
N PRO A 57 1.98 -17.09 -8.06
CA PRO A 57 0.53 -17.18 -8.00
C PRO A 57 0.09 -17.62 -6.61
N ALA A 58 0.90 -18.44 -5.92
CA ALA A 58 0.61 -18.84 -4.55
C ALA A 58 0.81 -17.69 -3.57
N ASP A 59 1.50 -16.61 -3.98
CA ASP A 59 1.64 -15.40 -3.19
C ASP A 59 0.42 -14.50 -3.36
N VAL A 60 -0.30 -14.60 -4.47
CA VAL A 60 -1.52 -13.84 -4.72
C VAL A 60 -2.67 -14.57 -4.03
N SER A 61 -2.85 -15.84 -4.34
CA SER A 61 -3.89 -16.68 -3.80
C SER A 61 -3.68 -17.06 -2.32
N MET A 62 -2.87 -16.31 -1.57
CA MET A 62 -2.82 -16.32 -0.12
C MET A 62 -3.43 -15.05 0.47
N ILE A 63 -3.33 -13.90 -0.20
CA ILE A 63 -3.78 -12.62 0.34
C ILE A 63 -5.29 -12.65 0.56
N LYS A 64 -6.01 -13.28 -0.37
CA LYS A 64 -7.46 -13.48 -0.31
C LYS A 64 -7.86 -14.18 0.99
N LYS A 65 -7.06 -15.11 1.49
CA LYS A 65 -7.33 -15.86 2.72
C LYS A 65 -7.10 -15.02 3.96
N GLN A 66 -6.46 -13.86 3.84
CA GLN A 66 -6.29 -12.90 4.91
C GLN A 66 -7.25 -11.74 4.64
N GLY A 67 -8.51 -12.05 4.38
CA GLY A 67 -9.60 -11.10 4.54
C GLY A 67 -9.65 -10.01 3.48
N THR A 68 -8.99 -10.23 2.35
CA THR A 68 -8.77 -9.20 1.35
C THR A 68 -9.63 -9.49 0.11
N THR A 69 -9.79 -8.49 -0.76
CA THR A 69 -10.45 -8.55 -2.06
C THR A 69 -9.58 -7.82 -3.07
N LEU A 70 -9.93 -7.92 -4.35
CA LEU A 70 -9.29 -7.22 -5.45
C LEU A 70 -9.22 -5.76 -5.14
N GLU A 71 -10.34 -5.27 -4.62
CA GLU A 71 -10.60 -3.85 -4.61
C GLU A 71 -9.55 -3.08 -3.76
N MET A 72 -8.93 -3.79 -2.82
CA MET A 72 -7.84 -3.36 -1.95
C MET A 72 -6.55 -3.17 -2.76
N ILE A 73 -6.31 -4.08 -3.70
CA ILE A 73 -5.09 -4.16 -4.49
C ILE A 73 -5.10 -3.08 -5.59
N THR A 74 -6.26 -2.62 -6.04
CA THR A 74 -6.39 -1.45 -6.90
C THR A 74 -6.05 -0.16 -6.15
N ALA A 75 -6.55 0.07 -4.93
CA ALA A 75 -6.47 1.41 -4.35
C ALA A 75 -5.04 1.81 -3.96
N TRP A 76 -4.29 0.93 -3.27
CA TRP A 76 -2.89 1.17 -2.94
C TRP A 76 -1.97 0.88 -4.13
N GLN A 77 -2.50 0.52 -5.30
CA GLN A 77 -1.75 0.75 -6.51
C GLN A 77 -1.87 2.24 -6.80
N ASP A 78 -3.07 2.66 -7.17
CA ASP A 78 -3.29 3.92 -7.88
C ASP A 78 -2.80 5.10 -7.04
N PHE A 79 -3.04 5.02 -5.73
CA PHE A 79 -2.58 6.00 -4.75
C PHE A 79 -1.11 6.36 -4.95
N TYR A 80 -0.23 5.36 -5.00
CA TYR A 80 1.21 5.56 -5.14
C TYR A 80 1.63 5.80 -6.59
N GLU A 81 0.96 5.18 -7.56
CA GLU A 81 1.16 5.48 -8.98
C GLU A 81 1.10 6.99 -9.22
N GLN A 82 0.08 7.66 -8.71
CA GLN A 82 -0.11 9.08 -8.94
C GLN A 82 0.95 9.97 -8.28
N GLU A 83 1.73 9.44 -7.34
CA GLU A 83 2.88 10.15 -6.79
C GLU A 83 4.04 10.13 -7.81
N GLN A 84 4.15 9.09 -8.65
CA GLN A 84 5.31 8.94 -9.53
C GLN A 84 5.29 9.93 -10.69
N GLN A 85 4.11 10.41 -11.11
CA GLN A 85 4.02 11.37 -12.19
C GLN A 85 4.65 12.72 -11.84
N ARG A 86 4.72 13.04 -10.54
CA ARG A 86 5.39 14.24 -10.06
C ARG A 86 6.85 13.93 -9.70
N ASN A 87 7.14 12.79 -9.06
CA ASN A 87 8.46 12.48 -8.54
C ASN A 87 8.88 11.06 -8.89
N GLU A 88 9.59 10.92 -10.01
CA GLU A 88 10.25 9.68 -10.44
C GLU A 88 11.23 9.19 -9.35
N ASN A 89 11.89 10.11 -8.66
CA ASN A 89 12.84 9.84 -7.59
C ASN A 89 12.11 9.54 -6.27
N ASN A 90 11.21 8.54 -6.24
CA ASN A 90 10.47 8.16 -5.02
C ASN A 90 10.20 6.64 -4.99
N PRO A 91 11.25 5.82 -4.86
CA PRO A 91 11.25 4.39 -5.15
C PRO A 91 10.32 3.60 -4.22
N THR A 92 10.18 4.02 -2.96
CA THR A 92 9.32 3.37 -1.99
C THR A 92 7.88 3.33 -2.49
N ALA A 93 7.33 4.45 -2.99
CA ALA A 93 6.00 4.48 -3.61
C ALA A 93 6.00 3.63 -4.88
N LYS A 94 7.07 3.73 -5.68
CA LYS A 94 7.20 3.07 -6.97
C LYS A 94 7.06 1.55 -6.89
N TYR A 95 7.99 0.89 -6.22
CA TYR A 95 8.02 -0.56 -6.18
C TYR A 95 6.70 -1.10 -5.62
N ARG A 96 6.16 -0.52 -4.54
CA ARG A 96 4.94 -1.03 -3.96
C ARG A 96 3.76 -0.90 -4.93
N ALA A 97 3.58 0.23 -5.64
CA ALA A 97 2.55 0.37 -6.64
C ALA A 97 2.66 -0.75 -7.68
N ARG A 98 3.87 -0.97 -8.19
CA ARG A 98 4.14 -1.99 -9.19
C ARG A 98 3.88 -3.40 -8.68
N LEU A 99 4.13 -3.66 -7.40
CA LEU A 99 3.89 -4.97 -6.79
C LEU A 99 2.42 -5.35 -6.99
N MET A 100 1.53 -4.42 -6.66
CA MET A 100 0.10 -4.62 -6.78
C MET A 100 -0.32 -4.91 -8.23
N LYS A 101 0.38 -4.35 -9.22
CA LYS A 101 0.11 -4.58 -10.66
C LYS A 101 0.22 -6.06 -11.00
N LYS A 102 1.17 -6.76 -10.39
CA LYS A 102 1.37 -8.18 -10.62
C LYS A 102 0.36 -9.00 -9.82
N ILE A 103 0.01 -8.55 -8.61
CA ILE A 103 -1.02 -9.19 -7.79
C ILE A 103 -2.37 -9.18 -8.52
N ALA A 104 -2.81 -8.01 -9.00
CA ALA A 104 -4.10 -7.84 -9.65
C ALA A 104 -4.20 -8.55 -11.00
N ASP A 105 -3.05 -8.89 -11.60
CA ASP A 105 -2.97 -9.64 -12.85
C ASP A 105 -3.51 -11.05 -12.56
N LEU A 106 -2.90 -11.69 -11.57
CA LEU A 106 -3.08 -13.05 -11.10
C LEU A 106 -4.32 -13.25 -10.24
N TRP A 107 -5.21 -12.25 -10.21
CA TRP A 107 -6.38 -12.33 -9.35
C TRP A 107 -7.28 -13.47 -9.80
N GLY A 1 -14.78 15.11 17.42
CA GLY A 1 -16.03 14.83 16.71
C GLY A 1 -15.76 14.60 15.23
N THR A 2 -16.61 15.14 14.35
CA THR A 2 -16.28 15.42 12.96
C THR A 2 -17.26 16.49 12.48
N ASP A 3 -16.74 17.49 11.77
CA ASP A 3 -17.26 18.85 11.72
C ASP A 3 -16.37 19.69 10.79
N PHE A 4 -16.59 21.00 10.77
CA PHE A 4 -15.82 22.02 10.06
C PHE A 4 -15.76 23.27 10.96
N GLY A 5 -15.04 24.32 10.55
CA GLY A 5 -14.88 25.52 11.37
C GLY A 5 -13.68 26.38 10.99
N THR A 6 -13.39 26.54 9.69
CA THR A 6 -12.28 27.38 9.23
C THR A 6 -12.81 28.45 8.27
N THR A 7 -14.05 28.89 8.51
CA THR A 7 -14.62 30.04 7.82
C THR A 7 -13.86 31.31 8.23
N ASN A 8 -13.14 31.27 9.36
CA ASN A 8 -12.12 32.23 9.73
C ASN A 8 -10.83 31.45 10.01
N ASN A 9 -9.74 32.15 10.28
CA ASN A 9 -8.39 31.63 10.38
C ASN A 9 -7.84 31.96 11.77
N PHE A 10 -8.02 31.05 12.72
CA PHE A 10 -7.44 31.16 14.05
C PHE A 10 -7.16 29.76 14.58
N VAL A 11 -6.50 29.65 15.73
CA VAL A 11 -6.29 28.38 16.41
C VAL A 11 -7.61 27.99 17.09
N SER A 12 -8.20 26.86 16.68
CA SER A 12 -9.46 26.35 17.22
C SER A 12 -9.21 24.97 17.84
N PRO A 13 -9.90 24.60 18.93
CA PRO A 13 -9.78 23.28 19.56
C PRO A 13 -10.48 22.21 18.73
N ASN A 14 -9.79 21.65 17.74
CA ASN A 14 -10.35 20.62 16.90
C ASN A 14 -9.25 19.97 16.07
N LEU A 15 -9.46 18.71 15.75
CA LEU A 15 -8.59 17.88 14.91
C LEU A 15 -8.68 18.25 13.43
N GLN A 16 -8.77 19.55 13.09
CA GLN A 16 -8.84 20.03 11.71
C GLN A 16 -7.46 19.95 11.00
N LEU A 17 -6.59 19.07 11.47
CA LEU A 17 -5.23 18.85 11.02
C LEU A 17 -5.04 17.34 10.92
N LYS A 18 -5.63 16.79 9.86
CA LYS A 18 -5.47 15.40 9.48
C LYS A 18 -4.24 15.30 8.60
N GLN A 19 -3.48 14.21 8.73
CA GLN A 19 -2.22 14.00 8.04
C GLN A 19 -2.37 12.80 7.12
N ASN A 20 -1.38 12.51 6.29
CA ASN A 20 -1.46 11.46 5.27
C ASN A 20 -1.14 10.11 5.91
N VAL A 21 -2.11 9.56 6.62
CA VAL A 21 -1.97 8.32 7.36
C VAL A 21 -1.90 7.14 6.38
N LEU A 22 -1.23 6.05 6.79
CA LEU A 22 -1.19 4.80 6.03
C LEU A 22 -2.57 4.13 6.00
N PRO A 23 -2.84 3.26 5.01
CA PRO A 23 -3.99 2.35 5.03
C PRO A 23 -3.86 1.24 6.10
N PRO A 24 -4.94 0.46 6.35
CA PRO A 24 -4.93 -0.67 7.29
C PRO A 24 -4.15 -1.89 6.77
N THR A 25 -4.06 -2.94 7.58
CA THR A 25 -3.29 -4.16 7.35
C THR A 25 -4.09 -5.39 7.79
N PRO A 26 -3.70 -6.63 7.42
CA PRO A 26 -4.33 -7.82 7.96
C PRO A 26 -3.94 -7.94 9.44
N LYS A 27 -4.79 -8.54 10.28
CA LYS A 27 -4.61 -8.59 11.72
C LYS A 27 -3.53 -9.56 12.20
N ASN A 28 -2.49 -9.81 11.40
CA ASN A 28 -1.59 -10.92 11.52
C ASN A 28 -0.15 -10.44 11.58
N ILE A 29 0.25 -9.44 10.79
CA ILE A 29 1.65 -9.00 10.73
C ILE A 29 1.65 -7.47 10.50
N PRO A 30 2.77 -6.76 10.74
CA PRO A 30 2.88 -5.33 10.47
C PRO A 30 3.11 -5.07 8.97
N LEU A 31 2.98 -3.83 8.51
CA LEU A 31 3.28 -3.39 7.14
C LEU A 31 4.60 -3.96 6.60
N PRO A 32 5.77 -3.73 7.23
CA PRO A 32 7.05 -4.26 6.75
C PRO A 32 7.18 -5.79 6.87
N ALA A 33 6.16 -6.52 7.30
CA ALA A 33 6.06 -7.96 7.12
C ALA A 33 5.06 -8.28 6.02
N PHE A 34 3.92 -7.57 5.98
CA PHE A 34 2.83 -7.72 5.03
C PHE A 34 3.29 -7.60 3.57
N GLY A 35 4.46 -7.03 3.33
CA GLY A 35 5.14 -7.07 2.05
C GLY A 35 6.23 -8.11 2.09
N GLN A 36 7.27 -7.85 2.89
CA GLN A 36 8.56 -8.53 2.89
C GLN A 36 8.45 -10.06 3.05
N ARG A 37 7.53 -10.58 3.85
CA ARG A 37 7.43 -12.02 4.11
C ARG A 37 6.09 -12.60 3.66
N ILE A 38 5.42 -11.92 2.74
CA ILE A 38 4.08 -12.28 2.29
C ILE A 38 4.05 -12.12 0.76
N ILE A 39 4.23 -10.89 0.26
CA ILE A 39 4.38 -10.59 -1.15
C ILE A 39 5.75 -11.06 -1.65
N GLY A 40 6.78 -11.01 -0.81
CA GLY A 40 8.13 -11.45 -1.17
C GLY A 40 8.89 -10.44 -2.04
N TRP A 41 8.38 -9.21 -2.18
CA TRP A 41 8.91 -8.10 -2.98
C TRP A 41 10.20 -7.48 -2.42
N GLY A 42 11.01 -8.26 -1.72
CA GLY A 42 12.24 -7.84 -1.09
C GLY A 42 11.98 -6.61 -0.24
N THR A 43 12.65 -5.52 -0.60
CA THR A 43 12.49 -4.24 0.03
C THR A 43 12.72 -3.16 -1.02
N GLY A 44 12.31 -1.93 -0.71
CA GLY A 44 12.47 -0.78 -1.58
C GLY A 44 11.76 -1.00 -2.91
N ALA A 45 12.28 -0.31 -3.92
CA ALA A 45 11.93 -0.48 -5.33
C ALA A 45 12.37 -1.85 -5.82
N GLU A 46 13.60 -2.23 -5.50
CA GLU A 46 14.35 -3.24 -6.18
C GLU A 46 13.71 -4.62 -6.06
N GLY A 47 13.26 -5.00 -4.86
CA GLY A 47 12.65 -6.32 -4.73
C GLY A 47 11.28 -6.35 -5.44
N ALA A 48 10.52 -5.26 -5.36
CA ALA A 48 9.26 -5.14 -6.07
C ALA A 48 9.48 -5.05 -7.59
N ARG A 49 10.69 -4.77 -8.05
CA ARG A 49 11.08 -4.82 -9.46
C ARG A 49 11.43 -6.25 -9.86
N GLN A 50 12.01 -7.04 -8.96
CA GLN A 50 12.27 -8.44 -9.23
C GLN A 50 10.94 -9.18 -9.28
N ARG A 51 10.24 -9.29 -8.15
CA ARG A 51 9.10 -10.22 -8.00
C ARG A 51 7.79 -9.68 -8.60
N LEU A 52 7.88 -8.87 -9.66
CA LEU A 52 6.77 -8.29 -10.41
C LEU A 52 6.76 -8.84 -11.83
N GLU A 53 7.82 -8.60 -12.58
CA GLU A 53 7.83 -8.76 -14.03
C GLU A 53 7.78 -10.23 -14.44
N ASN A 54 7.83 -11.13 -13.47
CA ASN A 54 7.91 -12.58 -13.57
C ASN A 54 7.07 -13.18 -12.43
N ILE A 55 5.87 -12.65 -12.20
CA ILE A 55 4.95 -13.17 -11.19
C ILE A 55 4.37 -14.52 -11.65
N GLN A 56 3.79 -15.28 -10.72
CA GLN A 56 3.15 -16.56 -11.00
C GLN A 56 1.71 -16.54 -10.46
N PRO A 57 0.82 -17.40 -11.00
CA PRO A 57 -0.56 -17.53 -10.55
C PRO A 57 -0.66 -18.16 -9.16
N ALA A 58 0.40 -18.83 -8.67
CA ALA A 58 0.43 -19.32 -7.31
C ALA A 58 1.02 -18.28 -6.34
N ASP A 59 1.77 -17.29 -6.83
CA ASP A 59 2.39 -16.26 -6.00
C ASP A 59 1.37 -15.28 -5.49
N VAL A 60 0.30 -15.05 -6.24
CA VAL A 60 -0.87 -14.32 -5.75
C VAL A 60 -1.53 -15.19 -4.69
N SER A 61 -1.85 -16.44 -5.04
CA SER A 61 -2.71 -17.26 -4.22
C SER A 61 -2.16 -17.56 -2.84
N MET A 62 -0.84 -17.63 -2.73
CA MET A 62 -0.17 -17.87 -1.48
C MET A 62 -0.44 -16.77 -0.48
N ILE A 63 -0.76 -15.54 -0.90
CA ILE A 63 -0.98 -14.41 0.01
C ILE A 63 -2.30 -14.55 0.76
N LYS A 64 -3.36 -15.11 0.14
CA LYS A 64 -4.62 -15.33 0.85
C LYS A 64 -4.42 -16.25 2.04
N LYS A 65 -3.54 -17.24 1.87
CA LYS A 65 -3.25 -18.24 2.89
C LYS A 65 -2.66 -17.62 4.16
N GLN A 66 -2.06 -16.43 4.05
CA GLN A 66 -1.48 -15.72 5.18
C GLN A 66 -2.43 -14.68 5.79
N GLY A 67 -3.73 -14.71 5.44
CA GLY A 67 -4.76 -13.93 6.12
C GLY A 67 -5.15 -12.65 5.39
N THR A 68 -4.92 -12.61 4.09
CA THR A 68 -5.12 -11.43 3.25
C THR A 68 -6.44 -11.56 2.47
N THR A 69 -6.95 -10.45 1.92
CA THR A 69 -8.07 -10.42 0.98
C THR A 69 -7.64 -9.67 -0.28
N LEU A 70 -8.48 -9.72 -1.30
CA LEU A 70 -8.37 -8.93 -2.51
C LEU A 70 -8.24 -7.48 -2.10
N GLU A 71 -9.16 -7.09 -1.23
CA GLU A 71 -9.52 -5.73 -1.00
C GLU A 71 -8.39 -4.93 -0.34
N MET A 72 -7.45 -5.67 0.28
CA MET A 72 -6.24 -5.19 0.91
C MET A 72 -5.22 -4.77 -0.15
N ILE A 73 -5.17 -5.50 -1.26
CA ILE A 73 -4.23 -5.29 -2.35
C ILE A 73 -4.62 -4.02 -3.09
N THR A 74 -5.90 -3.87 -3.45
CA THR A 74 -6.44 -2.66 -4.09
C THR A 74 -6.15 -1.42 -3.25
N ALA A 75 -6.16 -1.52 -1.92
CA ALA A 75 -5.86 -0.40 -1.05
C ALA A 75 -4.38 -0.01 -1.09
N TRP A 76 -3.48 -0.96 -0.79
CA TRP A 76 -2.05 -0.68 -0.75
C TRP A 76 -1.54 -0.33 -2.13
N GLN A 77 -2.16 -0.82 -3.19
CA GLN A 77 -1.88 -0.44 -4.56
C GLN A 77 -2.09 1.05 -4.72
N ASP A 78 -3.31 1.51 -4.47
CA ASP A 78 -3.70 2.89 -4.73
C ASP A 78 -2.87 3.86 -3.91
N PHE A 79 -2.56 3.46 -2.68
CA PHE A 79 -1.69 4.19 -1.77
C PHE A 79 -0.29 4.42 -2.38
N TYR A 80 0.19 3.52 -3.23
CA TYR A 80 1.42 3.70 -4.00
C TYR A 80 1.21 4.37 -5.37
N GLU A 81 0.06 4.19 -6.02
CA GLU A 81 -0.28 4.86 -7.28
C GLU A 81 -0.28 6.39 -7.10
N GLN A 82 -0.76 6.85 -5.95
CA GLN A 82 -0.91 8.27 -5.67
C GLN A 82 0.40 8.97 -5.27
N GLU A 83 1.48 8.21 -5.13
CA GLU A 83 2.84 8.74 -5.01
C GLU A 83 3.45 9.05 -6.39
N GLN A 84 2.84 8.56 -7.47
CA GLN A 84 3.43 8.63 -8.80
C GLN A 84 2.94 9.85 -9.57
N GLN A 85 1.71 10.32 -9.33
CA GLN A 85 1.25 11.62 -9.80
C GLN A 85 2.15 12.72 -9.23
N ARG A 86 2.25 12.83 -7.90
CA ARG A 86 3.01 13.88 -7.23
C ARG A 86 4.44 14.01 -7.71
N ASN A 87 5.14 12.90 -8.00
CA ASN A 87 6.44 12.91 -8.60
C ASN A 87 6.69 11.57 -9.28
N GLU A 88 7.44 11.54 -10.37
CA GLU A 88 7.94 10.31 -10.99
C GLU A 88 9.08 9.67 -10.16
N ASN A 89 9.54 10.36 -9.12
CA ASN A 89 10.78 10.08 -8.41
C ASN A 89 10.62 8.98 -7.36
N ASN A 90 9.47 8.30 -7.30
CA ASN A 90 9.17 7.29 -6.28
C ASN A 90 9.08 5.92 -6.94
N PRO A 91 10.22 5.34 -7.35
CA PRO A 91 10.26 4.01 -7.94
C PRO A 91 9.80 2.97 -6.91
N THR A 92 10.04 3.18 -5.61
CA THR A 92 9.58 2.26 -4.57
C THR A 92 8.07 2.05 -4.71
N ALA A 93 7.30 3.14 -4.63
CA ALA A 93 5.87 3.07 -4.80
C ALA A 93 5.50 2.52 -6.20
N LYS A 94 6.15 3.00 -7.26
CA LYS A 94 5.90 2.60 -8.64
C LYS A 94 5.92 1.09 -8.81
N TYR A 95 7.01 0.42 -8.43
CA TYR A 95 7.08 -1.03 -8.53
C TYR A 95 6.07 -1.69 -7.58
N ARG A 96 5.88 -1.23 -6.34
CA ARG A 96 4.88 -1.81 -5.43
C ARG A 96 3.47 -1.76 -6.03
N ALA A 97 3.04 -0.63 -6.57
CA ALA A 97 1.74 -0.46 -7.18
C ALA A 97 1.61 -1.40 -8.38
N ARG A 98 2.61 -1.44 -9.26
CA ARG A 98 2.61 -2.30 -10.44
C ARG A 98 2.61 -3.79 -10.07
N LEU A 99 3.16 -4.15 -8.91
CA LEU A 99 3.12 -5.48 -8.34
C LEU A 99 1.73 -5.79 -7.80
N MET A 100 1.22 -4.96 -6.89
CA MET A 100 -0.13 -5.09 -6.35
C MET A 100 -1.16 -5.28 -7.49
N LYS A 101 -1.05 -4.46 -8.54
CA LYS A 101 -1.84 -4.54 -9.77
C LYS A 101 -1.89 -5.96 -10.29
N LYS A 102 -0.72 -6.50 -10.65
CA LYS A 102 -0.60 -7.85 -11.18
C LYS A 102 -1.08 -8.93 -10.20
N ILE A 103 -1.08 -8.68 -8.90
CA ILE A 103 -1.59 -9.62 -7.93
C ILE A 103 -3.11 -9.59 -7.99
N ALA A 104 -3.73 -8.41 -7.96
CA ALA A 104 -5.18 -8.25 -8.05
C ALA A 104 -5.74 -8.69 -9.40
N ASP A 105 -4.92 -8.64 -10.45
CA ASP A 105 -5.20 -9.04 -11.84
C ASP A 105 -5.46 -10.53 -11.91
N LEU A 106 -4.61 -11.29 -11.22
CA LEU A 106 -4.62 -12.75 -11.16
C LEU A 106 -5.61 -13.28 -10.13
N TRP A 107 -6.45 -12.43 -9.50
CA TRP A 107 -7.19 -12.76 -8.29
C TRP A 107 -8.49 -13.53 -8.60
N GLY A 1 1.18 14.58 29.34
CA GLY A 1 1.37 13.17 29.67
C GLY A 1 1.78 12.43 28.42
N THR A 2 0.99 11.43 28.02
CA THR A 2 1.14 10.66 26.80
C THR A 2 -0.27 10.26 26.29
N ASP A 3 -1.33 10.86 26.82
CA ASP A 3 -2.72 10.41 26.66
C ASP A 3 -3.49 11.53 25.96
N PHE A 4 -4.47 11.17 25.12
CA PHE A 4 -5.22 12.12 24.32
C PHE A 4 -6.56 11.48 23.91
N GLY A 5 -7.64 11.82 24.61
CA GLY A 5 -8.97 11.43 24.25
C GLY A 5 -9.47 12.26 23.07
N THR A 6 -10.54 11.79 22.45
CA THR A 6 -11.03 12.22 21.13
C THR A 6 -12.54 12.47 21.16
N THR A 7 -13.00 13.04 22.27
CA THR A 7 -14.40 13.25 22.58
C THR A 7 -15.05 14.35 21.70
N ASN A 8 -14.36 14.87 20.67
CA ASN A 8 -14.84 15.85 19.72
C ASN A 8 -14.26 15.51 18.34
N ASN A 9 -14.80 14.47 17.70
CA ASN A 9 -14.59 14.13 16.30
C ASN A 9 -15.96 13.80 15.67
N PHE A 10 -16.69 14.82 15.19
CA PHE A 10 -18.05 14.62 14.66
C PHE A 10 -18.48 15.71 13.67
N VAL A 11 -17.65 16.00 12.67
CA VAL A 11 -18.04 16.78 11.49
C VAL A 11 -17.11 16.37 10.34
N SER A 12 -17.49 16.64 9.09
CA SER A 12 -16.75 16.28 7.89
C SER A 12 -16.60 17.54 6.98
N PRO A 13 -15.90 18.59 7.45
CA PRO A 13 -15.81 19.87 6.76
C PRO A 13 -14.78 19.84 5.63
N ASN A 14 -14.56 20.99 5.00
CA ASN A 14 -13.56 21.28 3.97
C ASN A 14 -12.18 20.87 4.46
N LEU A 15 -11.73 19.72 3.99
CA LEU A 15 -10.36 19.26 4.07
C LEU A 15 -9.60 19.81 2.86
N GLN A 16 -8.84 20.88 3.05
CA GLN A 16 -7.93 21.40 2.03
C GLN A 16 -6.52 21.47 2.60
N LEU A 17 -5.91 20.29 2.76
CA LEU A 17 -4.53 20.15 3.18
C LEU A 17 -3.98 18.81 2.69
N LYS A 18 -3.68 18.73 1.40
CA LYS A 18 -3.04 17.55 0.84
C LYS A 18 -1.54 17.61 1.16
N GLN A 19 -1.11 16.74 2.06
CA GLN A 19 0.21 16.76 2.65
C GLN A 19 0.98 15.50 2.22
N ASN A 20 2.26 15.37 2.59
CA ASN A 20 3.11 14.24 2.21
C ASN A 20 2.97 13.10 3.23
N VAL A 21 1.81 12.45 3.21
CA VAL A 21 1.45 11.39 4.13
C VAL A 21 1.03 10.15 3.33
N LEU A 22 1.25 8.96 3.88
CA LEU A 22 0.87 7.70 3.24
C LEU A 22 -0.66 7.46 3.31
N PRO A 23 -1.19 6.50 2.52
CA PRO A 23 -2.54 5.94 2.68
C PRO A 23 -2.74 5.22 4.04
N PRO A 24 -3.98 4.79 4.38
CA PRO A 24 -4.28 4.03 5.59
C PRO A 24 -3.75 2.58 5.47
N THR A 25 -3.99 1.73 6.48
CA THR A 25 -3.50 0.35 6.50
C THR A 25 -4.47 -0.49 7.31
N PRO A 26 -4.60 -1.81 7.03
CA PRO A 26 -5.53 -2.67 7.74
C PRO A 26 -5.17 -2.75 9.23
N LYS A 27 -6.18 -2.97 10.07
CA LYS A 27 -6.10 -3.01 11.55
C LYS A 27 -5.47 -4.29 12.08
N ASN A 28 -4.60 -4.87 11.28
CA ASN A 28 -3.83 -6.03 11.56
C ASN A 28 -2.41 -5.51 11.74
N ILE A 29 -1.84 -4.89 10.70
CA ILE A 29 -0.42 -4.57 10.69
C ILE A 29 -0.15 -3.27 9.89
N PRO A 30 0.89 -2.51 10.24
CA PRO A 30 1.25 -1.23 9.63
C PRO A 30 2.00 -1.44 8.32
N LEU A 31 2.31 -0.37 7.58
CA LEU A 31 3.10 -0.37 6.34
C LEU A 31 4.33 -1.29 6.37
N PRO A 32 5.30 -1.16 7.31
CA PRO A 32 6.48 -2.01 7.35
C PRO A 32 6.18 -3.48 7.72
N ALA A 33 4.92 -3.86 7.89
CA ALA A 33 4.47 -5.24 7.95
C ALA A 33 3.62 -5.58 6.72
N PHE A 34 2.70 -4.68 6.35
CA PHE A 34 1.61 -4.86 5.41
C PHE A 34 2.07 -5.24 4.01
N GLY A 35 3.36 -5.05 3.70
CA GLY A 35 3.96 -5.60 2.51
C GLY A 35 4.96 -6.69 2.86
N GLN A 36 5.91 -6.36 3.73
CA GLN A 36 7.09 -7.18 4.03
C GLN A 36 6.76 -8.62 4.43
N ARG A 37 5.66 -8.85 5.15
CA ARG A 37 5.29 -10.17 5.65
C ARG A 37 3.95 -10.64 5.08
N ILE A 38 3.49 -10.01 3.99
CA ILE A 38 2.14 -10.14 3.47
C ILE A 38 2.27 -10.30 1.96
N ILE A 39 2.52 -9.19 1.26
CA ILE A 39 2.68 -9.04 -0.18
C ILE A 39 3.97 -9.72 -0.67
N GLY A 40 4.86 -10.19 0.22
CA GLY A 40 6.08 -10.88 -0.17
C GLY A 40 7.12 -9.97 -0.83
N TRP A 41 6.92 -8.66 -0.84
CA TRP A 41 7.73 -7.73 -1.63
C TRP A 41 9.06 -7.35 -0.97
N GLY A 42 9.50 -8.11 0.05
CA GLY A 42 10.64 -7.82 0.90
C GLY A 42 10.62 -6.36 1.30
N THR A 43 11.64 -5.62 0.85
CA THR A 43 11.69 -4.16 0.88
C THR A 43 12.97 -3.75 0.14
N GLY A 44 12.88 -2.90 -0.88
CA GLY A 44 14.07 -2.37 -1.55
C GLY A 44 14.04 -2.45 -3.07
N ALA A 45 12.86 -2.43 -3.68
CA ALA A 45 12.61 -2.55 -5.13
C ALA A 45 12.80 -3.98 -5.60
N GLU A 46 13.96 -4.58 -5.33
CA GLU A 46 14.29 -5.94 -5.67
C GLU A 46 13.22 -6.89 -5.14
N GLY A 47 12.85 -6.73 -3.88
CA GLY A 47 11.82 -7.53 -3.25
C GLY A 47 10.52 -7.52 -4.06
N ALA A 48 10.11 -6.34 -4.55
CA ALA A 48 8.92 -6.14 -5.37
C ALA A 48 9.14 -6.46 -6.85
N ARG A 49 10.36 -6.74 -7.31
CA ARG A 49 10.61 -7.24 -8.68
C ARG A 49 10.51 -8.76 -8.64
N GLN A 50 11.24 -9.37 -7.72
CA GLN A 50 11.29 -10.81 -7.58
C GLN A 50 9.94 -11.37 -7.13
N ARG A 51 9.09 -10.57 -6.48
CA ARG A 51 7.67 -10.87 -6.34
C ARG A 51 6.87 -9.83 -7.13
N LEU A 52 6.84 -9.93 -8.47
CA LEU A 52 5.89 -9.22 -9.33
C LEU A 52 5.65 -10.04 -10.59
N GLU A 53 6.69 -10.24 -11.40
CA GLU A 53 6.51 -10.69 -12.79
C GLU A 53 6.10 -12.15 -12.87
N ASN A 54 6.15 -12.84 -11.73
CA ASN A 54 6.06 -14.27 -11.52
C ASN A 54 5.09 -14.58 -10.38
N ILE A 55 4.05 -13.76 -10.26
CA ILE A 55 2.97 -13.89 -9.30
C ILE A 55 2.07 -15.08 -9.64
N GLN A 56 1.24 -15.48 -8.68
CA GLN A 56 0.30 -16.58 -8.77
C GLN A 56 -1.04 -16.12 -8.18
N PRO A 57 -2.14 -16.84 -8.40
CA PRO A 57 -3.45 -16.55 -7.82
C PRO A 57 -3.45 -16.72 -6.30
N ALA A 58 -2.69 -17.67 -5.74
CA ALA A 58 -2.60 -17.81 -4.29
C ALA A 58 -1.76 -16.72 -3.65
N ASP A 59 -0.84 -16.10 -4.40
CA ASP A 59 -0.05 -14.98 -3.87
C ASP A 59 -0.97 -13.78 -3.65
N VAL A 60 -2.01 -13.64 -4.48
CA VAL A 60 -3.07 -12.67 -4.26
C VAL A 60 -3.89 -13.17 -3.07
N SER A 61 -4.57 -14.31 -3.20
CA SER A 61 -5.57 -14.77 -2.27
C SER A 61 -5.01 -15.40 -0.98
N MET A 62 -3.84 -14.95 -0.51
CA MET A 62 -3.36 -15.05 0.84
C MET A 62 -3.57 -13.71 1.56
N ILE A 63 -3.53 -12.57 0.86
CA ILE A 63 -3.46 -11.25 1.48
C ILE A 63 -4.81 -10.87 2.09
N LYS A 64 -5.94 -11.29 1.52
CA LYS A 64 -7.26 -11.00 2.10
C LYS A 64 -7.40 -11.70 3.45
N LYS A 65 -6.77 -12.86 3.63
CA LYS A 65 -6.79 -13.60 4.89
C LYS A 65 -6.07 -12.84 6.00
N GLN A 66 -5.27 -11.82 5.68
CA GLN A 66 -4.59 -10.97 6.64
C GLN A 66 -5.35 -9.66 6.90
N GLY A 67 -6.65 -9.60 6.55
CA GLY A 67 -7.53 -8.53 6.97
C GLY A 67 -7.72 -7.45 5.90
N THR A 68 -7.34 -7.74 4.66
CA THR A 68 -7.28 -6.80 3.55
C THR A 68 -8.57 -6.84 2.71
N THR A 69 -8.79 -5.84 1.85
CA THR A 69 -9.81 -5.79 0.80
C THR A 69 -9.16 -5.21 -0.46
N LEU A 70 -9.85 -5.29 -1.61
CA LEU A 70 -9.37 -4.71 -2.87
C LEU A 70 -9.19 -3.19 -2.75
N GLU A 71 -10.03 -2.58 -1.91
CA GLU A 71 -10.04 -1.16 -1.59
C GLU A 71 -8.75 -0.65 -0.92
N MET A 72 -8.01 -1.57 -0.33
CA MET A 72 -6.67 -1.34 0.19
C MET A 72 -5.69 -1.19 -0.98
N ILE A 73 -5.69 -2.20 -1.86
CA ILE A 73 -4.70 -2.44 -2.91
C ILE A 73 -4.68 -1.29 -3.90
N THR A 74 -5.84 -0.78 -4.27
CA THR A 74 -6.01 0.38 -5.13
C THR A 74 -5.28 1.60 -4.55
N ALA A 75 -5.52 1.94 -3.28
CA ALA A 75 -4.95 3.15 -2.68
C ALA A 75 -3.43 3.02 -2.54
N TRP A 76 -2.97 1.80 -2.25
CA TRP A 76 -1.58 1.43 -2.08
C TRP A 76 -0.85 1.19 -3.40
N GLN A 77 -1.55 1.12 -4.52
CA GLN A 77 -0.94 1.15 -5.84
C GLN A 77 -0.70 2.61 -6.18
N ASP A 78 -1.80 3.38 -6.21
CA ASP A 78 -1.89 4.77 -6.64
C ASP A 78 -0.82 5.61 -5.98
N PHE A 79 -0.60 5.44 -4.67
CA PHE A 79 0.41 6.21 -3.95
C PHE A 79 1.79 6.07 -4.61
N TYR A 80 2.25 4.85 -4.89
CA TYR A 80 3.55 4.66 -5.52
C TYR A 80 3.54 5.10 -6.99
N GLU A 81 2.40 5.01 -7.69
CA GLU A 81 2.24 5.54 -9.03
C GLU A 81 2.54 7.05 -9.02
N GLN A 82 2.10 7.75 -7.99
CA GLN A 82 2.32 9.19 -7.86
C GLN A 82 3.78 9.58 -7.65
N GLU A 83 4.63 8.65 -7.22
CA GLU A 83 6.06 8.87 -7.04
C GLU A 83 6.79 8.81 -8.38
N GLN A 84 6.26 8.08 -9.37
CA GLN A 84 7.04 7.74 -10.55
C GLN A 84 7.02 8.86 -11.58
N GLN A 85 5.95 9.64 -11.61
CA GLN A 85 5.86 10.76 -12.53
C GLN A 85 6.99 11.76 -12.28
N ARG A 86 7.32 12.00 -11.00
CA ARG A 86 8.29 13.02 -10.60
C ARG A 86 9.72 12.58 -10.87
N ASN A 87 10.03 11.28 -10.86
CA ASN A 87 11.39 10.81 -11.04
C ASN A 87 11.45 9.48 -11.79
N GLU A 88 12.40 9.43 -12.71
CA GLU A 88 12.73 8.27 -13.54
C GLU A 88 13.50 7.20 -12.74
N ASN A 89 13.94 7.54 -11.53
CA ASN A 89 15.02 6.84 -10.82
C ASN A 89 14.50 6.32 -9.47
N ASN A 90 13.25 5.87 -9.43
CA ASN A 90 12.64 5.38 -8.18
C ASN A 90 12.04 4.00 -8.36
N PRO A 91 12.89 2.99 -8.57
CA PRO A 91 12.46 1.63 -8.87
C PRO A 91 11.68 1.02 -7.71
N THR A 92 11.90 1.43 -6.46
CA THR A 92 11.14 0.94 -5.32
C THR A 92 9.66 1.20 -5.61
N ALA A 93 9.26 2.47 -5.78
CA ALA A 93 7.88 2.78 -6.09
C ALA A 93 7.41 2.08 -7.36
N LYS A 94 8.24 2.12 -8.40
CA LYS A 94 7.90 1.52 -9.70
C LYS A 94 7.41 0.08 -9.58
N TYR A 95 8.21 -0.81 -9.00
CA TYR A 95 7.78 -2.20 -8.83
C TYR A 95 6.63 -2.30 -7.81
N ARG A 96 6.63 -1.53 -6.72
CA ARG A 96 5.58 -1.59 -5.69
C ARG A 96 4.19 -1.31 -6.25
N ALA A 97 4.03 -0.27 -7.06
CA ALA A 97 2.77 0.04 -7.72
C ALA A 97 2.36 -1.14 -8.59
N ARG A 98 3.24 -1.54 -9.51
CA ARG A 98 2.98 -2.59 -10.48
C ARG A 98 2.53 -3.89 -9.82
N LEU A 99 3.08 -4.20 -8.64
CA LEU A 99 2.71 -5.34 -7.83
C LEU A 99 1.26 -5.23 -7.40
N MET A 100 0.95 -4.19 -6.66
CA MET A 100 -0.42 -3.91 -6.20
C MET A 100 -1.42 -3.97 -7.37
N LYS A 101 -1.08 -3.36 -8.51
CA LYS A 101 -1.92 -3.38 -9.71
C LYS A 101 -2.22 -4.81 -10.13
N LYS A 102 -1.16 -5.60 -10.34
CA LYS A 102 -1.28 -7.01 -10.69
C LYS A 102 -2.14 -7.79 -9.70
N ILE A 103 -1.99 -7.52 -8.40
CA ILE A 103 -2.73 -8.17 -7.33
C ILE A 103 -4.24 -7.91 -7.55
N ALA A 104 -4.64 -6.68 -7.86
CA ALA A 104 -6.02 -6.36 -8.20
C ALA A 104 -6.48 -7.06 -9.49
N ASP A 105 -5.55 -7.38 -10.41
CA ASP A 105 -5.85 -7.99 -11.70
C ASP A 105 -6.38 -9.43 -11.55
N LEU A 106 -6.00 -10.11 -10.46
CA LEU A 106 -6.40 -11.49 -10.17
C LEU A 106 -7.48 -11.57 -9.11
N TRP A 107 -8.01 -10.44 -8.66
CA TRP A 107 -9.03 -10.42 -7.62
C TRP A 107 -10.31 -11.07 -8.15
N GLY A 1 4.00 17.61 3.06
CA GLY A 1 4.37 18.76 3.90
C GLY A 1 3.23 19.76 3.96
N THR A 2 3.52 21.00 4.36
CA THR A 2 2.55 22.06 4.59
C THR A 2 1.36 21.52 5.40
N ASP A 3 1.59 21.26 6.68
CA ASP A 3 0.62 20.63 7.56
C ASP A 3 0.61 21.29 8.93
N PHE A 4 -0.27 20.79 9.79
CA PHE A 4 -0.67 21.38 11.05
C PHE A 4 -1.27 20.30 11.93
N GLY A 5 -1.68 20.67 13.14
CA GLY A 5 -2.37 19.84 14.10
C GLY A 5 -3.55 20.60 14.67
N THR A 6 -4.26 19.96 15.59
CA THR A 6 -5.55 20.39 16.13
C THR A 6 -5.44 20.52 17.65
N THR A 7 -4.23 20.70 18.19
CA THR A 7 -3.94 20.66 19.61
C THR A 7 -4.63 21.77 20.42
N ASN A 8 -5.39 22.68 19.80
CA ASN A 8 -6.12 23.75 20.48
C ASN A 8 -7.50 23.98 19.85
N ASN A 9 -8.03 23.06 19.04
CA ASN A 9 -9.31 23.19 18.38
C ASN A 9 -9.94 21.81 18.29
N PHE A 10 -11.26 21.77 18.40
CA PHE A 10 -12.09 20.63 18.02
C PHE A 10 -12.25 20.59 16.49
N VAL A 11 -12.98 19.60 15.96
CA VAL A 11 -13.04 19.35 14.52
C VAL A 11 -14.34 18.61 14.20
N SER A 12 -15.14 19.14 13.29
CA SER A 12 -16.41 18.55 12.90
C SER A 12 -16.23 17.15 12.27
N PRO A 13 -17.26 16.30 12.31
CA PRO A 13 -17.17 14.91 11.84
C PRO A 13 -17.22 14.77 10.32
N ASN A 14 -16.12 15.13 9.68
CA ASN A 14 -16.05 15.32 8.25
C ASN A 14 -14.60 15.28 7.80
N LEU A 15 -14.45 15.14 6.50
CA LEU A 15 -13.23 14.75 5.78
C LEU A 15 -13.15 15.47 4.41
N GLN A 16 -13.62 16.71 4.30
CA GLN A 16 -13.57 17.50 3.06
C GLN A 16 -12.14 18.03 2.77
N LEU A 17 -11.11 17.28 3.17
CA LEU A 17 -9.69 17.51 3.06
C LEU A 17 -9.05 16.12 3.05
N LYS A 18 -8.10 15.93 2.14
CA LYS A 18 -7.05 14.92 2.22
C LYS A 18 -5.92 15.45 3.10
N GLN A 19 -5.11 14.56 3.65
CA GLN A 19 -3.90 14.89 4.39
C GLN A 19 -2.81 13.86 4.04
N ASN A 20 -1.66 13.90 4.71
CA ASN A 20 -0.71 12.81 4.72
C ASN A 20 -1.13 11.85 5.82
N VAL A 21 -1.67 10.71 5.43
CA VAL A 21 -2.05 9.60 6.31
C VAL A 21 -1.54 8.30 5.67
N LEU A 22 -1.50 7.19 6.40
CA LEU A 22 -1.21 5.87 5.84
C LEU A 22 -2.54 5.22 5.41
N PRO A 23 -2.58 4.45 4.31
CA PRO A 23 -3.71 3.59 3.97
C PRO A 23 -3.90 2.46 5.01
N PRO A 24 -5.06 1.80 5.02
CA PRO A 24 -5.45 0.87 6.08
C PRO A 24 -4.79 -0.51 5.94
N THR A 25 -4.92 -1.34 6.97
CA THR A 25 -4.41 -2.72 6.96
C THR A 25 -5.48 -3.68 7.51
N PRO A 26 -5.40 -5.00 7.20
CA PRO A 26 -6.34 -5.97 7.75
C PRO A 26 -6.11 -6.15 9.26
N LYS A 27 -7.13 -6.56 10.01
CA LYS A 27 -7.03 -6.78 11.45
C LYS A 27 -6.32 -8.09 11.82
N ASN A 28 -5.15 -8.33 11.23
CA ASN A 28 -4.41 -9.57 11.37
C ASN A 28 -2.95 -9.28 11.60
N ILE A 29 -2.38 -8.27 10.92
CA ILE A 29 -0.99 -7.88 11.05
C ILE A 29 -0.84 -6.37 10.74
N PRO A 30 0.25 -5.72 11.16
CA PRO A 30 0.55 -4.32 10.82
C PRO A 30 1.13 -4.19 9.39
N LEU A 31 1.28 -2.95 8.87
CA LEU A 31 1.83 -2.67 7.53
C LEU A 31 3.12 -3.43 7.22
N PRO A 32 4.22 -3.29 7.98
CA PRO A 32 5.46 -3.97 7.63
C PRO A 32 5.36 -5.50 7.78
N ALA A 33 4.28 -6.04 8.34
CA ALA A 33 3.98 -7.45 8.33
C ALA A 33 2.96 -7.81 7.25
N PHE A 34 2.25 -6.84 6.68
CA PHE A 34 1.32 -6.98 5.58
C PHE A 34 2.02 -7.02 4.21
N GLY A 35 3.35 -7.11 4.13
CA GLY A 35 4.08 -6.96 2.86
C GLY A 35 5.20 -7.97 2.72
N GLN A 36 6.25 -7.78 3.51
CA GLN A 36 7.44 -8.62 3.62
C GLN A 36 7.09 -10.12 3.69
N ARG A 37 6.07 -10.52 4.45
CA ARG A 37 5.69 -11.91 4.70
C ARG A 37 4.33 -12.28 4.07
N ILE A 38 3.79 -11.42 3.18
CA ILE A 38 2.43 -11.57 2.63
C ILE A 38 2.47 -11.37 1.11
N ILE A 39 2.98 -10.22 0.69
CA ILE A 39 3.14 -9.77 -0.70
C ILE A 39 4.49 -10.26 -1.26
N GLY A 40 5.35 -10.86 -0.41
CA GLY A 40 6.63 -11.45 -0.78
C GLY A 40 7.66 -10.43 -1.27
N TRP A 41 7.34 -9.13 -1.27
CA TRP A 41 8.05 -8.02 -1.91
C TRP A 41 9.39 -7.63 -1.24
N GLY A 42 10.02 -8.56 -0.53
CA GLY A 42 11.25 -8.36 0.21
C GLY A 42 10.94 -7.43 1.34
N THR A 43 11.33 -6.17 1.21
CA THR A 43 10.96 -5.11 2.15
C THR A 43 11.25 -3.73 1.53
N GLY A 44 11.15 -3.57 0.22
CA GLY A 44 11.65 -2.33 -0.37
C GLY A 44 11.63 -2.38 -1.88
N ALA A 45 12.46 -1.54 -2.48
CA ALA A 45 12.49 -1.29 -3.91
C ALA A 45 12.86 -2.58 -4.66
N GLU A 46 14.06 -3.10 -4.39
CA GLU A 46 14.60 -4.29 -5.00
C GLU A 46 13.67 -5.48 -4.76
N GLY A 47 13.21 -5.67 -3.53
CA GLY A 47 12.27 -6.72 -3.18
C GLY A 47 11.00 -6.66 -4.01
N ALA A 48 10.37 -5.48 -4.08
CA ALA A 48 9.15 -5.29 -4.83
C ALA A 48 9.40 -5.34 -6.34
N ARG A 49 10.64 -5.22 -6.81
CA ARG A 49 10.96 -5.43 -8.21
C ARG A 49 11.01 -6.94 -8.46
N GLN A 50 11.62 -7.70 -7.55
CA GLN A 50 11.91 -9.11 -7.72
C GLN A 50 10.68 -9.99 -7.66
N ARG A 51 9.60 -9.59 -6.98
CA ARG A 51 8.41 -10.44 -6.90
C ARG A 51 7.41 -10.09 -8.00
N LEU A 52 7.33 -8.80 -8.34
CA LEU A 52 6.43 -8.19 -9.31
C LEU A 52 6.56 -8.78 -10.70
N GLU A 53 7.72 -8.64 -11.33
CA GLU A 53 7.83 -8.78 -12.79
C GLU A 53 7.67 -10.24 -13.26
N ASN A 54 7.45 -11.17 -12.33
CA ASN A 54 7.30 -12.60 -12.49
C ASN A 54 6.21 -13.14 -11.55
N ILE A 55 5.34 -12.27 -11.03
CA ILE A 55 4.28 -12.66 -10.12
C ILE A 55 3.36 -13.68 -10.82
N GLN A 56 2.71 -14.55 -10.05
CA GLN A 56 1.94 -15.68 -10.57
C GLN A 56 0.52 -15.56 -10.02
N PRO A 57 -0.48 -16.29 -10.56
CA PRO A 57 -1.80 -16.38 -9.94
C PRO A 57 -1.70 -16.93 -8.51
N ALA A 58 -0.73 -17.82 -8.27
CA ALA A 58 -0.48 -18.35 -6.94
C ALA A 58 -0.10 -17.25 -5.93
N ASP A 59 0.71 -16.27 -6.35
CA ASP A 59 1.22 -15.26 -5.43
C ASP A 59 0.16 -14.22 -5.08
N VAL A 60 -0.95 -14.15 -5.82
CA VAL A 60 -2.09 -13.32 -5.45
C VAL A 60 -3.05 -14.16 -4.63
N SER A 61 -3.40 -15.34 -5.13
CA SER A 61 -4.31 -16.28 -4.52
C SER A 61 -3.67 -17.00 -3.33
N MET A 62 -2.66 -16.40 -2.68
CA MET A 62 -2.18 -16.70 -1.35
C MET A 62 -2.64 -15.61 -0.38
N ILE A 63 -2.65 -14.34 -0.81
CA ILE A 63 -2.84 -13.16 0.03
C ILE A 63 -4.24 -13.22 0.63
N LYS A 64 -5.22 -13.61 -0.19
CA LYS A 64 -6.61 -13.75 0.20
C LYS A 64 -6.80 -14.75 1.34
N LYS A 65 -5.91 -15.74 1.47
CA LYS A 65 -5.94 -16.73 2.55
C LYS A 65 -5.29 -16.21 3.81
N GLN A 66 -4.70 -15.01 3.81
CA GLN A 66 -4.15 -14.38 5.01
C GLN A 66 -5.05 -13.26 5.54
N GLY A 67 -6.34 -13.22 5.17
CA GLY A 67 -7.27 -12.25 5.73
C GLY A 67 -7.16 -10.90 5.06
N THR A 68 -7.11 -10.86 3.73
CA THR A 68 -6.99 -9.64 2.95
C THR A 68 -8.12 -9.58 1.92
N THR A 69 -8.40 -8.39 1.40
CA THR A 69 -9.41 -8.11 0.40
C THR A 69 -8.85 -7.14 -0.65
N LEU A 70 -9.54 -7.01 -1.79
CA LEU A 70 -9.19 -6.13 -2.90
C LEU A 70 -9.10 -4.67 -2.43
N GLU A 71 -9.99 -4.25 -1.54
CA GLU A 71 -10.06 -2.89 -0.98
C GLU A 71 -8.79 -2.47 -0.21
N MET A 72 -7.95 -3.43 0.19
CA MET A 72 -6.66 -3.14 0.79
C MET A 72 -5.68 -2.77 -0.33
N ILE A 73 -5.61 -3.63 -1.35
CA ILE A 73 -4.62 -3.59 -2.41
C ILE A 73 -4.73 -2.26 -3.15
N THR A 74 -5.95 -1.86 -3.49
CA THR A 74 -6.25 -0.60 -4.18
C THR A 74 -5.73 0.60 -3.38
N ALA A 75 -5.89 0.63 -2.06
CA ALA A 75 -5.48 1.80 -1.30
C ALA A 75 -3.96 1.89 -1.17
N TRP A 76 -3.27 0.75 -1.05
CA TRP A 76 -1.81 0.71 -1.03
C TRP A 76 -1.22 1.01 -2.39
N GLN A 77 -1.88 0.58 -3.48
CA GLN A 77 -1.48 0.88 -4.83
C GLN A 77 -1.42 2.38 -5.00
N ASP A 78 -2.59 3.03 -4.88
CA ASP A 78 -2.71 4.43 -5.21
C ASP A 78 -1.84 5.30 -4.32
N PHE A 79 -1.70 5.00 -3.02
CA PHE A 79 -0.79 5.74 -2.15
C PHE A 79 0.62 5.78 -2.76
N TYR A 80 1.14 4.62 -3.16
CA TYR A 80 2.48 4.56 -3.72
C TYR A 80 2.51 5.27 -5.09
N GLU A 81 1.46 5.18 -5.92
CA GLU A 81 1.35 5.92 -7.17
C GLU A 81 1.39 7.43 -6.95
N GLN A 82 0.73 7.90 -5.88
CA GLN A 82 0.63 9.31 -5.53
C GLN A 82 1.92 9.84 -4.91
N GLU A 83 2.75 9.01 -4.31
CA GLU A 83 3.96 9.51 -3.63
C GLU A 83 5.12 9.60 -4.62
N GLN A 84 5.00 8.97 -5.79
CA GLN A 84 5.99 9.05 -6.86
C GLN A 84 6.06 10.44 -7.47
N GLN A 85 4.92 11.12 -7.67
CA GLN A 85 4.91 12.43 -8.35
C GLN A 85 5.76 13.45 -7.60
N ARG A 86 5.74 13.40 -6.26
CA ARG A 86 6.35 14.41 -5.41
C ARG A 86 7.83 14.13 -5.17
N ASN A 87 8.30 12.91 -5.43
CA ASN A 87 9.70 12.60 -5.45
C ASN A 87 9.92 11.46 -6.43
N GLU A 88 10.44 11.78 -7.62
CA GLU A 88 10.82 10.81 -8.65
C GLU A 88 11.80 9.80 -8.07
N ASN A 89 12.66 10.27 -7.18
CA ASN A 89 13.83 9.62 -6.63
C ASN A 89 13.48 8.47 -5.67
N ASN A 90 12.23 8.00 -5.66
CA ASN A 90 11.69 7.05 -4.68
C ASN A 90 11.20 5.77 -5.36
N PRO A 91 12.11 4.82 -5.63
CA PRO A 91 11.78 3.58 -6.33
C PRO A 91 10.98 2.60 -5.47
N THR A 92 10.93 2.75 -4.13
CA THR A 92 10.22 1.79 -3.30
C THR A 92 8.75 1.78 -3.73
N ALA A 93 8.09 2.94 -3.61
CA ALA A 93 6.72 3.13 -4.02
C ALA A 93 6.51 2.68 -5.46
N LYS A 94 7.43 3.06 -6.36
CA LYS A 94 7.34 2.73 -7.77
C LYS A 94 7.05 1.25 -8.01
N TYR A 95 7.86 0.36 -7.44
CA TYR A 95 7.61 -1.06 -7.56
C TYR A 95 6.40 -1.50 -6.72
N ARG A 96 6.22 -1.02 -5.48
CA ARG A 96 5.11 -1.44 -4.62
C ARG A 96 3.75 -1.19 -5.28
N ALA A 97 3.55 -0.01 -5.88
CA ALA A 97 2.37 0.35 -6.65
C ALA A 97 2.17 -0.68 -7.75
N ARG A 98 3.17 -0.83 -8.62
CA ARG A 98 3.10 -1.72 -9.76
C ARG A 98 2.87 -3.18 -9.37
N LEU A 99 3.25 -3.58 -8.15
CA LEU A 99 2.96 -4.88 -7.57
C LEU A 99 1.49 -4.97 -7.23
N MET A 100 0.98 -4.06 -6.39
CA MET A 100 -0.41 -4.00 -5.99
C MET A 100 -1.34 -3.94 -7.22
N LYS A 101 -0.94 -3.21 -8.27
CA LYS A 101 -1.61 -3.14 -9.56
C LYS A 101 -1.84 -4.54 -10.12
N LYS A 102 -0.75 -5.29 -10.33
CA LYS A 102 -0.85 -6.62 -10.88
C LYS A 102 -1.58 -7.58 -9.94
N ILE A 103 -1.49 -7.35 -8.64
CA ILE A 103 -2.24 -8.15 -7.69
C ILE A 103 -3.73 -8.04 -8.00
N ALA A 104 -4.25 -6.82 -8.19
CA ALA A 104 -5.66 -6.60 -8.52
C ALA A 104 -6.01 -7.09 -9.93
N ASP A 105 -5.02 -7.23 -10.82
CA ASP A 105 -5.16 -7.72 -12.19
C ASP A 105 -5.65 -9.17 -12.13
N LEU A 106 -4.92 -9.97 -11.35
CA LEU A 106 -5.07 -11.43 -11.22
C LEU A 106 -5.96 -11.81 -10.04
N TRP A 107 -6.73 -10.86 -9.51
CA TRP A 107 -7.73 -11.13 -8.50
C TRP A 107 -8.78 -12.10 -9.05
N GLY A 1 -0.86 16.02 19.28
CA GLY A 1 -0.91 15.26 20.53
C GLY A 1 -1.93 14.13 20.43
N THR A 2 -2.38 13.58 21.55
CA THR A 2 -3.26 12.41 21.58
C THR A 2 -4.26 12.57 22.74
N ASP A 3 -5.43 11.97 22.61
CA ASP A 3 -6.24 11.47 23.73
C ASP A 3 -6.93 10.19 23.26
N PHE A 4 -7.72 9.56 24.12
CA PHE A 4 -8.40 8.31 23.82
C PHE A 4 -9.86 8.35 24.32
N GLY A 5 -10.43 9.54 24.50
CA GLY A 5 -11.75 9.71 25.08
C GLY A 5 -12.82 9.14 24.16
N THR A 6 -13.15 9.87 23.10
CA THR A 6 -14.23 9.58 22.17
C THR A 6 -13.73 9.98 20.77
N THR A 7 -12.71 9.27 20.28
CA THR A 7 -11.94 9.65 19.11
C THR A 7 -12.64 9.35 17.76
N ASN A 8 -13.94 9.03 17.74
CA ASN A 8 -14.58 8.35 16.60
C ASN A 8 -15.92 8.93 16.17
N ASN A 9 -16.29 10.14 16.64
CA ASN A 9 -17.61 10.73 16.40
C ASN A 9 -17.56 12.22 15.99
N PHE A 10 -16.71 12.63 15.04
CA PHE A 10 -16.81 13.97 14.43
C PHE A 10 -16.27 13.95 12.99
N VAL A 11 -16.57 14.99 12.20
CA VAL A 11 -15.95 15.29 10.92
C VAL A 11 -14.49 15.74 11.11
N SER A 12 -13.80 16.02 10.00
CA SER A 12 -12.46 16.59 9.92
C SER A 12 -12.52 17.97 9.24
N PRO A 13 -11.44 18.77 9.35
CA PRO A 13 -11.32 20.06 8.68
C PRO A 13 -11.27 19.93 7.16
N ASN A 14 -11.37 21.08 6.48
CA ASN A 14 -11.29 21.21 5.02
C ASN A 14 -9.89 20.83 4.54
N LEU A 15 -9.71 19.57 4.17
CA LEU A 15 -8.44 19.00 3.72
C LEU A 15 -8.16 19.32 2.24
N GLN A 16 -8.50 20.51 1.76
CA GLN A 16 -8.42 20.87 0.34
C GLN A 16 -6.97 21.18 -0.11
N LEU A 17 -5.98 20.52 0.52
CA LEU A 17 -4.55 20.81 0.47
C LEU A 17 -3.75 19.50 0.57
N LYS A 18 -3.28 18.98 -0.56
CA LYS A 18 -2.43 17.78 -0.58
C LYS A 18 -1.02 18.12 -0.10
N GLN A 19 -0.64 17.65 1.09
CA GLN A 19 0.74 17.68 1.58
C GLN A 19 1.34 16.28 1.45
N ASN A 20 2.59 16.12 1.90
CA ASN A 20 3.27 14.84 1.99
C ASN A 20 2.71 14.11 3.19
N VAL A 21 1.77 13.23 2.94
CA VAL A 21 1.16 12.34 3.92
C VAL A 21 1.10 10.94 3.30
N LEU A 22 1.27 9.89 4.11
CA LEU A 22 1.21 8.52 3.60
C LEU A 22 -0.25 8.07 3.47
N PRO A 23 -0.52 7.10 2.58
CA PRO A 23 -1.82 6.44 2.52
C PRO A 23 -2.09 5.62 3.81
N PRO A 24 -3.36 5.24 4.04
CA PRO A 24 -3.76 4.50 5.23
C PRO A 24 -3.38 3.01 5.18
N THR A 25 -3.57 2.32 6.31
CA THR A 25 -3.15 0.93 6.52
C THR A 25 -4.21 0.18 7.35
N PRO A 26 -4.30 -1.15 7.27
CA PRO A 26 -5.29 -1.91 8.01
C PRO A 26 -4.90 -1.93 9.48
N LYS A 27 -5.90 -1.90 10.37
CA LYS A 27 -5.73 -1.84 11.82
C LYS A 27 -5.30 -3.18 12.40
N ASN A 28 -4.16 -3.69 11.92
CA ASN A 28 -3.62 -4.96 12.29
C ASN A 28 -2.14 -4.76 12.58
N ILE A 29 -1.42 -4.10 11.68
CA ILE A 29 0.04 -3.96 11.70
C ILE A 29 0.42 -2.64 10.98
N PRO A 30 1.63 -2.10 11.19
CA PRO A 30 2.10 -0.92 10.46
C PRO A 30 2.63 -1.28 9.07
N LEU A 31 2.85 -0.27 8.21
CA LEU A 31 3.41 -0.36 6.85
C LEU A 31 4.57 -1.36 6.70
N PRO A 32 5.68 -1.26 7.43
CA PRO A 32 6.81 -2.19 7.28
C PRO A 32 6.53 -3.62 7.78
N ALA A 33 5.31 -3.92 8.24
CA ALA A 33 4.80 -5.27 8.41
C ALA A 33 3.74 -5.58 7.36
N PHE A 34 2.88 -4.61 7.04
CA PHE A 34 1.79 -4.71 6.09
C PHE A 34 2.28 -5.02 4.66
N GLY A 35 3.56 -4.82 4.37
CA GLY A 35 4.17 -5.26 3.13
C GLY A 35 4.97 -6.53 3.34
N GLN A 36 6.01 -6.43 4.17
CA GLN A 36 7.12 -7.39 4.28
C GLN A 36 6.65 -8.78 4.72
N ARG A 37 5.49 -8.90 5.39
CA ARG A 37 4.98 -10.19 5.87
C ARG A 37 3.65 -10.58 5.20
N ILE A 38 3.24 -9.85 4.15
CA ILE A 38 1.88 -9.89 3.61
C ILE A 38 1.97 -9.90 2.08
N ILE A 39 2.33 -8.76 1.49
CA ILE A 39 2.47 -8.53 0.05
C ILE A 39 3.67 -9.33 -0.50
N GLY A 40 4.50 -9.92 0.37
CA GLY A 40 5.51 -10.87 -0.05
C GLY A 40 6.71 -10.19 -0.71
N TRP A 41 6.77 -8.86 -0.67
CA TRP A 41 7.63 -8.01 -1.49
C TRP A 41 9.04 -7.81 -0.89
N GLY A 42 9.47 -8.72 -0.01
CA GLY A 42 10.68 -8.58 0.77
C GLY A 42 10.68 -7.24 1.45
N THR A 43 11.65 -6.39 1.12
CA THR A 43 11.72 -5.03 1.66
C THR A 43 12.62 -4.18 0.77
N GLY A 44 12.04 -3.42 -0.15
CA GLY A 44 12.75 -2.46 -0.97
C GLY A 44 12.20 -2.46 -2.38
N ALA A 45 13.08 -2.73 -3.33
CA ALA A 45 12.84 -2.68 -4.78
C ALA A 45 12.89 -4.11 -5.31
N GLU A 46 14.03 -4.75 -5.09
CA GLU A 46 14.38 -6.09 -5.48
C GLU A 46 13.31 -7.08 -4.98
N GLY A 47 12.94 -6.98 -3.69
CA GLY A 47 11.91 -7.83 -3.12
C GLY A 47 10.56 -7.68 -3.83
N ALA A 48 10.18 -6.46 -4.22
CA ALA A 48 8.93 -6.19 -4.92
C ALA A 48 8.98 -6.58 -6.39
N ARG A 49 10.17 -6.72 -6.97
CA ARG A 49 10.38 -7.13 -8.35
C ARG A 49 10.13 -8.62 -8.46
N GLN A 50 10.88 -9.48 -7.73
CA GLN A 50 10.88 -10.92 -7.98
C GLN A 50 9.54 -11.57 -7.69
N ARG A 51 8.64 -10.88 -6.98
CA ARG A 51 7.36 -11.44 -6.59
C ARG A 51 6.20 -10.96 -7.47
N LEU A 52 6.43 -9.95 -8.29
CA LEU A 52 5.41 -9.29 -9.11
C LEU A 52 5.19 -10.03 -10.38
N GLU A 53 6.24 -10.07 -11.21
CA GLU A 53 6.06 -10.33 -12.63
C GLU A 53 5.51 -11.75 -12.86
N ASN A 54 5.51 -12.58 -11.80
CA ASN A 54 5.13 -13.96 -11.74
C ASN A 54 4.21 -14.24 -10.53
N ILE A 55 3.32 -13.31 -10.20
CA ILE A 55 2.30 -13.44 -9.14
C ILE A 55 1.49 -14.74 -9.30
N GLN A 56 0.72 -15.14 -8.28
CA GLN A 56 -0.32 -16.15 -8.41
C GLN A 56 -1.64 -15.67 -7.76
N PRO A 57 -2.77 -16.32 -8.07
CA PRO A 57 -4.05 -16.02 -7.44
C PRO A 57 -4.04 -16.37 -5.95
N ALA A 58 -3.20 -17.33 -5.54
CA ALA A 58 -3.05 -17.68 -4.13
C ALA A 58 -2.38 -16.55 -3.34
N ASP A 59 -1.51 -15.75 -3.99
CA ASP A 59 -0.82 -14.65 -3.33
C ASP A 59 -1.78 -13.49 -3.05
N VAL A 60 -2.90 -13.34 -3.78
CA VAL A 60 -3.88 -12.29 -3.49
C VAL A 60 -4.85 -12.77 -2.42
N SER A 61 -5.41 -13.97 -2.58
CA SER A 61 -6.30 -14.59 -1.60
C SER A 61 -5.56 -15.26 -0.45
N MET A 62 -4.44 -14.65 -0.04
CA MET A 62 -3.88 -14.72 1.30
C MET A 62 -3.94 -13.33 1.95
N ILE A 63 -3.62 -12.24 1.22
CA ILE A 63 -3.56 -10.87 1.71
C ILE A 63 -4.94 -10.48 2.27
N LYS A 64 -6.00 -10.88 1.57
CA LYS A 64 -7.39 -10.63 1.97
C LYS A 64 -7.70 -11.19 3.36
N LYS A 65 -7.06 -12.31 3.75
CA LYS A 65 -7.30 -12.95 5.03
C LYS A 65 -6.69 -12.14 6.17
N GLN A 66 -5.72 -11.26 5.87
CA GLN A 66 -5.03 -10.51 6.91
C GLN A 66 -5.76 -9.23 7.28
N GLY A 67 -7.00 -9.06 6.80
CA GLY A 67 -7.76 -7.86 7.03
C GLY A 67 -7.33 -6.79 6.05
N THR A 68 -7.28 -7.16 4.77
CA THR A 68 -6.93 -6.26 3.70
C THR A 68 -8.10 -6.24 2.73
N THR A 69 -8.33 -5.09 2.12
CA THR A 69 -9.40 -4.81 1.20
C THR A 69 -8.79 -4.24 -0.08
N LEU A 70 -9.60 -4.15 -1.14
CA LEU A 70 -9.21 -3.59 -2.42
C LEU A 70 -8.80 -2.12 -2.26
N GLU A 71 -9.43 -1.43 -1.32
CA GLU A 71 -9.09 -0.10 -0.82
C GLU A 71 -7.62 0.01 -0.45
N MET A 72 -7.11 -0.98 0.30
CA MET A 72 -5.79 -0.87 0.89
C MET A 72 -4.76 -0.81 -0.24
N ILE A 73 -4.89 -1.76 -1.16
CA ILE A 73 -3.98 -2.00 -2.26
C ILE A 73 -3.98 -0.80 -3.20
N THR A 74 -5.17 -0.31 -3.56
CA THR A 74 -5.33 0.80 -4.49
C THR A 74 -4.59 2.06 -4.01
N ALA A 75 -4.54 2.33 -2.70
CA ALA A 75 -3.87 3.53 -2.22
C ALA A 75 -2.35 3.43 -2.36
N TRP A 76 -1.75 2.30 -1.93
CA TRP A 76 -0.31 2.11 -2.00
C TRP A 76 0.18 1.90 -3.43
N GLN A 77 -0.70 1.45 -4.32
CA GLN A 77 -0.43 1.43 -5.75
C GLN A 77 -0.16 2.85 -6.23
N ASP A 78 -1.20 3.68 -6.12
CA ASP A 78 -1.26 4.97 -6.77
C ASP A 78 -0.23 5.91 -6.17
N PHE A 79 -0.06 5.89 -4.84
CA PHE A 79 0.97 6.69 -4.17
C PHE A 79 2.33 6.47 -4.83
N TYR A 80 2.67 5.21 -5.13
CA TYR A 80 3.95 4.91 -5.76
C TYR A 80 3.96 5.27 -7.24
N GLU A 81 2.85 5.15 -7.97
CA GLU A 81 2.73 5.62 -9.35
C GLU A 81 2.90 7.15 -9.42
N GLN A 82 2.48 7.87 -8.38
CA GLN A 82 2.73 9.30 -8.21
C GLN A 82 4.22 9.62 -7.98
N GLU A 83 5.10 8.65 -7.71
CA GLU A 83 6.54 8.91 -7.57
C GLU A 83 7.24 8.87 -8.92
N GLN A 84 6.83 8.02 -9.86
CA GLN A 84 7.55 7.88 -11.12
C GLN A 84 7.43 9.16 -11.96
N GLN A 85 6.26 9.81 -11.93
CA GLN A 85 6.00 11.08 -12.63
C GLN A 85 6.87 12.25 -12.15
N ARG A 86 7.64 12.07 -11.06
CA ARG A 86 8.60 13.04 -10.58
C ARG A 86 10.01 12.47 -10.67
N ASN A 87 10.22 11.25 -10.18
CA ASN A 87 11.52 10.57 -10.15
C ASN A 87 11.40 9.16 -10.73
N GLU A 88 11.66 9.04 -12.04
CA GLU A 88 11.88 7.78 -12.75
C GLU A 88 13.01 6.93 -12.15
N ASN A 89 13.89 7.57 -11.36
CA ASN A 89 15.04 6.97 -10.69
C ASN A 89 14.63 6.29 -9.38
N ASN A 90 13.34 5.95 -9.18
CA ASN A 90 12.88 5.28 -7.97
C ASN A 90 12.26 3.92 -8.30
N PRO A 91 13.09 2.90 -8.56
CA PRO A 91 12.61 1.57 -8.89
C PRO A 91 11.81 0.94 -7.74
N THR A 92 12.03 1.40 -6.51
CA THR A 92 11.35 0.92 -5.32
C THR A 92 9.84 1.15 -5.50
N ALA A 93 9.41 2.41 -5.63
CA ALA A 93 8.01 2.71 -5.89
C ALA A 93 7.54 2.01 -7.16
N LYS A 94 8.31 2.10 -8.26
CA LYS A 94 7.93 1.54 -9.55
C LYS A 94 7.50 0.07 -9.46
N TYR A 95 8.34 -0.78 -8.88
CA TYR A 95 8.04 -2.19 -8.74
C TYR A 95 6.87 -2.39 -7.75
N ARG A 96 6.83 -1.66 -6.63
CA ARG A 96 5.72 -1.77 -5.68
C ARG A 96 4.39 -1.50 -6.37
N ALA A 97 4.24 -0.38 -7.08
CA ALA A 97 3.03 -0.03 -7.79
C ALA A 97 2.58 -1.18 -8.67
N ARG A 98 3.50 -1.69 -9.50
CA ARG A 98 3.17 -2.74 -10.44
C ARG A 98 2.71 -4.02 -9.74
N LEU A 99 3.31 -4.34 -8.59
CA LEU A 99 2.91 -5.45 -7.75
C LEU A 99 1.46 -5.24 -7.29
N MET A 100 1.19 -4.12 -6.64
CA MET A 100 -0.13 -3.77 -6.13
C MET A 100 -1.20 -3.84 -7.23
N LYS A 101 -0.91 -3.26 -8.40
CA LYS A 101 -1.78 -3.27 -9.58
C LYS A 101 -2.22 -4.69 -9.95
N LYS A 102 -1.27 -5.62 -9.96
CA LYS A 102 -1.52 -7.03 -10.25
C LYS A 102 -2.39 -7.70 -9.19
N ILE A 103 -2.26 -7.31 -7.93
CA ILE A 103 -3.07 -7.85 -6.85
C ILE A 103 -4.52 -7.36 -7.07
N ALA A 104 -4.74 -6.08 -7.38
CA ALA A 104 -6.06 -5.55 -7.69
C ALA A 104 -6.64 -6.07 -9.01
N ASP A 105 -5.82 -6.71 -9.84
CA ASP A 105 -6.20 -7.39 -11.09
C ASP A 105 -6.95 -8.67 -10.72
N LEU A 106 -6.35 -9.47 -9.85
CA LEU A 106 -6.76 -10.81 -9.45
C LEU A 106 -7.66 -10.80 -8.22
N TRP A 107 -8.21 -9.65 -7.84
CA TRP A 107 -9.07 -9.52 -6.67
C TRP A 107 -10.34 -10.35 -6.82
N GLY A 1 6.80 17.26 17.55
CA GLY A 1 6.18 17.66 18.81
C GLY A 1 5.87 16.45 19.67
N THR A 2 4.62 15.97 19.57
CA THR A 2 4.04 15.01 20.49
C THR A 2 4.27 15.48 21.94
N ASP A 3 3.73 16.66 22.27
CA ASP A 3 3.87 17.29 23.58
C ASP A 3 2.51 17.90 23.92
N PHE A 4 1.73 17.27 24.80
CA PHE A 4 0.36 17.67 25.13
C PHE A 4 0.03 17.25 26.57
N GLY A 5 -1.19 17.56 27.03
CA GLY A 5 -1.65 17.15 28.35
C GLY A 5 -2.97 17.78 28.79
N THR A 6 -3.89 18.08 27.87
CA THR A 6 -5.21 18.62 28.23
C THR A 6 -6.24 18.13 27.20
N THR A 7 -6.37 16.80 27.13
CA THR A 7 -6.92 16.02 26.04
C THR A 7 -8.46 16.07 25.99
N ASN A 8 -9.07 17.13 26.52
CA ASN A 8 -10.51 17.39 26.41
C ASN A 8 -10.83 18.86 26.10
N ASN A 9 -9.81 19.74 26.02
CA ASN A 9 -10.02 21.19 26.08
C ASN A 9 -9.40 21.85 24.86
N PHE A 10 -9.86 21.47 23.68
CA PHE A 10 -9.58 22.17 22.43
C PHE A 10 -10.80 22.04 21.51
N VAL A 11 -10.69 22.56 20.29
CA VAL A 11 -11.65 22.35 19.22
C VAL A 11 -11.00 21.41 18.19
N SER A 12 -11.81 20.80 17.35
CA SER A 12 -11.38 19.99 16.22
C SER A 12 -10.78 20.90 15.14
N PRO A 13 -9.85 20.41 14.31
CA PRO A 13 -9.43 21.12 13.11
C PRO A 13 -10.53 21.07 12.04
N ASN A 14 -10.27 21.74 10.93
CA ASN A 14 -11.12 21.77 9.77
C ASN A 14 -10.36 21.11 8.63
N LEU A 15 -10.81 19.94 8.16
CA LEU A 15 -10.32 19.31 6.93
C LEU A 15 -10.88 20.05 5.70
N GLN A 16 -10.73 21.38 5.67
CA GLN A 16 -11.20 22.28 4.63
C GLN A 16 -10.20 22.31 3.47
N LEU A 17 -9.67 21.16 3.04
CA LEU A 17 -8.75 21.01 1.94
C LEU A 17 -8.70 19.53 1.58
N LYS A 18 -8.79 19.23 0.30
CA LYS A 18 -8.54 17.88 -0.23
C LYS A 18 -7.04 17.73 -0.49
N GLN A 19 -6.38 16.78 0.18
CA GLN A 19 -4.99 16.42 -0.05
C GLN A 19 -4.90 14.98 -0.54
N ASN A 20 -3.69 14.52 -0.88
CA ASN A 20 -3.37 13.16 -1.33
C ASN A 20 -3.64 12.18 -0.20
N VAL A 21 -4.88 11.76 -0.06
CA VAL A 21 -5.35 10.75 0.89
C VAL A 21 -4.98 9.36 0.35
N LEU A 22 -4.62 8.44 1.25
CA LEU A 22 -4.28 7.07 0.89
C LEU A 22 -5.52 6.27 0.47
N PRO A 23 -5.39 5.23 -0.38
CA PRO A 23 -6.44 4.25 -0.62
C PRO A 23 -6.87 3.49 0.66
N PRO A 24 -8.00 2.77 0.61
CA PRO A 24 -8.52 2.01 1.74
C PRO A 24 -7.69 0.75 2.03
N THR A 25 -7.88 0.17 3.22
CA THR A 25 -7.21 -1.06 3.63
C THR A 25 -8.21 -2.03 4.29
N PRO A 26 -7.99 -3.36 4.22
CA PRO A 26 -8.97 -4.36 4.66
C PRO A 26 -9.12 -4.28 6.19
N LYS A 27 -10.32 -4.55 6.69
CA LYS A 27 -10.63 -4.51 8.13
C LYS A 27 -10.09 -5.75 8.86
N ASN A 28 -8.82 -6.06 8.66
CA ASN A 28 -8.16 -7.16 9.33
C ASN A 28 -6.84 -6.70 9.90
N ILE A 29 -6.11 -5.82 9.21
CA ILE A 29 -4.81 -5.31 9.60
C ILE A 29 -4.68 -3.86 9.10
N PRO A 30 -3.71 -3.07 9.59
CA PRO A 30 -3.44 -1.72 9.08
C PRO A 30 -2.53 -1.74 7.84
N LEU A 31 -2.36 -0.60 7.14
CA LEU A 31 -1.46 -0.43 5.99
C LEU A 31 -0.05 -1.04 6.19
N PRO A 32 0.71 -0.72 7.26
CA PRO A 32 2.04 -1.28 7.45
C PRO A 32 2.02 -2.78 7.79
N ALA A 33 0.87 -3.44 7.86
CA ALA A 33 0.78 -4.89 7.87
C ALA A 33 0.27 -5.39 6.53
N PHE A 34 -0.73 -4.71 5.95
CA PHE A 34 -1.36 -5.09 4.68
C PHE A 34 -0.36 -5.16 3.52
N GLY A 35 0.79 -4.51 3.64
CA GLY A 35 1.94 -4.84 2.85
C GLY A 35 2.74 -5.84 3.65
N GLN A 36 3.56 -5.33 4.57
CA GLN A 36 4.78 -5.92 5.13
C GLN A 36 4.69 -7.38 5.60
N ARG A 37 3.50 -7.91 5.89
CA ARG A 37 3.31 -9.27 6.42
C ARG A 37 2.33 -10.10 5.59
N ILE A 38 2.05 -9.64 4.37
CA ILE A 38 1.05 -10.17 3.46
C ILE A 38 1.73 -10.32 2.09
N ILE A 39 2.25 -9.22 1.58
CA ILE A 39 2.70 -9.05 0.20
C ILE A 39 4.15 -9.53 0.00
N GLY A 40 4.98 -9.55 1.05
CA GLY A 40 6.37 -10.02 1.02
C GLY A 40 7.38 -8.93 0.62
N TRP A 41 6.94 -7.69 0.48
CA TRP A 41 7.63 -6.58 -0.14
C TRP A 41 8.56 -5.81 0.80
N GLY A 42 8.84 -6.32 2.00
CA GLY A 42 9.66 -5.67 3.01
C GLY A 42 9.11 -4.28 3.25
N THR A 43 9.93 -3.24 3.01
CA THR A 43 9.41 -1.88 3.25
C THR A 43 10.07 -0.73 2.50
N GLY A 44 10.87 -1.03 1.50
CA GLY A 44 11.95 -0.11 1.20
C GLY A 44 12.64 -0.51 -0.07
N ALA A 45 11.87 -0.45 -1.16
CA ALA A 45 12.26 -0.75 -2.54
C ALA A 45 12.73 -2.20 -2.72
N GLU A 46 13.90 -2.56 -2.18
CA GLU A 46 14.54 -3.86 -2.20
C GLU A 46 13.57 -4.96 -1.81
N GLY A 47 12.82 -4.74 -0.72
CA GLY A 47 11.86 -5.70 -0.21
C GLY A 47 10.93 -6.17 -1.33
N ALA A 48 10.40 -5.22 -2.10
CA ALA A 48 9.47 -5.48 -3.20
C ALA A 48 10.20 -6.16 -4.35
N ARG A 49 11.35 -5.65 -4.76
CA ARG A 49 12.18 -6.17 -5.85
C ARG A 49 12.39 -7.68 -5.71
N GLN A 50 12.86 -8.11 -4.53
CA GLN A 50 13.22 -9.48 -4.24
C GLN A 50 11.98 -10.38 -4.18
N ARG A 51 10.77 -9.83 -4.06
CA ARG A 51 9.52 -10.58 -4.15
C ARG A 51 8.62 -10.00 -5.25
N LEU A 52 9.16 -9.85 -6.47
CA LEU A 52 8.45 -9.28 -7.62
C LEU A 52 8.88 -9.95 -8.92
N GLU A 53 10.18 -9.91 -9.20
CA GLU A 53 10.76 -10.39 -10.46
C GLU A 53 10.83 -11.92 -10.53
N ASN A 54 10.23 -12.58 -9.54
CA ASN A 54 10.25 -14.01 -9.26
C ASN A 54 8.98 -14.35 -8.47
N ILE A 55 7.82 -13.87 -8.94
CA ILE A 55 6.54 -14.23 -8.32
C ILE A 55 6.23 -15.70 -8.63
N GLN A 56 5.26 -16.26 -7.92
CA GLN A 56 4.68 -17.57 -8.19
C GLN A 56 3.16 -17.50 -8.02
N PRO A 57 2.36 -18.37 -8.66
CA PRO A 57 0.90 -18.33 -8.57
C PRO A 57 0.38 -18.66 -7.17
N ALA A 58 1.21 -19.28 -6.34
CA ALA A 58 0.88 -19.55 -4.95
C ALA A 58 0.92 -18.27 -4.13
N ASP A 59 1.86 -17.37 -4.44
CA ASP A 59 2.10 -16.14 -3.69
C ASP A 59 0.98 -15.13 -3.88
N VAL A 60 0.20 -15.26 -4.95
CA VAL A 60 -1.04 -14.50 -5.10
C VAL A 60 -2.14 -15.22 -4.33
N SER A 61 -2.32 -16.53 -4.53
CA SER A 61 -3.44 -17.30 -3.98
C SER A 61 -3.38 -17.48 -2.46
N MET A 62 -2.50 -16.79 -1.74
CA MET A 62 -2.41 -16.77 -0.30
C MET A 62 -2.94 -15.43 0.25
N ILE A 63 -2.82 -14.34 -0.50
CA ILE A 63 -3.17 -13.00 -0.03
C ILE A 63 -4.68 -12.86 0.14
N LYS A 64 -5.48 -13.52 -0.70
CA LYS A 64 -6.94 -13.61 -0.56
C LYS A 64 -7.31 -14.11 0.83
N LYS A 65 -6.60 -15.13 1.29
CA LYS A 65 -6.89 -15.81 2.55
C LYS A 65 -6.61 -14.92 3.76
N GLN A 66 -5.90 -13.78 3.59
CA GLN A 66 -5.69 -12.78 4.63
C GLN A 66 -6.65 -11.59 4.46
N GLY A 67 -7.82 -11.81 3.85
CA GLY A 67 -8.89 -10.83 3.88
C GLY A 67 -8.80 -9.79 2.77
N THR A 68 -8.09 -10.12 1.69
CA THR A 68 -7.85 -9.20 0.58
C THR A 68 -8.80 -9.52 -0.56
N THR A 69 -9.09 -8.54 -1.42
CA THR A 69 -9.82 -8.72 -2.67
C THR A 69 -8.98 -8.17 -3.82
N LEU A 70 -9.42 -8.43 -5.05
CA LEU A 70 -8.77 -7.99 -6.27
C LEU A 70 -8.59 -6.49 -6.20
N GLU A 71 -9.70 -5.83 -5.92
CA GLU A 71 -9.87 -4.41 -6.15
C GLU A 71 -8.94 -3.55 -5.26
N MET A 72 -8.52 -4.14 -4.15
CA MET A 72 -7.51 -3.64 -3.22
C MET A 72 -6.14 -3.61 -3.91
N ILE A 73 -5.83 -4.67 -4.66
CA ILE A 73 -4.58 -4.85 -5.37
C ILE A 73 -4.52 -3.92 -6.59
N THR A 74 -5.64 -3.55 -7.20
CA THR A 74 -5.62 -2.47 -8.19
C THR A 74 -5.43 -1.10 -7.51
N ALA A 75 -6.04 -0.86 -6.35
CA ALA A 75 -6.11 0.48 -5.80
C ALA A 75 -4.75 1.04 -5.38
N TRP A 76 -3.99 0.29 -4.57
CA TRP A 76 -2.68 0.77 -4.14
C TRP A 76 -1.70 0.79 -5.31
N GLN A 77 -1.89 -0.10 -6.28
CA GLN A 77 -1.10 -0.15 -7.49
C GLN A 77 -1.25 1.17 -8.23
N ASP A 78 -2.47 1.52 -8.66
CA ASP A 78 -2.67 2.68 -9.53
C ASP A 78 -2.26 3.96 -8.79
N PHE A 79 -2.47 3.99 -7.47
CA PHE A 79 -1.96 5.04 -6.59
C PHE A 79 -0.44 5.21 -6.76
N TYR A 80 0.35 4.15 -6.54
CA TYR A 80 1.80 4.23 -6.62
C TYR A 80 2.31 4.35 -8.06
N GLU A 81 1.67 3.73 -9.06
CA GLU A 81 1.97 3.91 -10.47
C GLU A 81 1.92 5.39 -10.83
N GLN A 82 0.94 6.14 -10.34
CA GLN A 82 0.83 7.57 -10.57
C GLN A 82 1.96 8.41 -9.92
N GLU A 83 2.84 7.83 -9.08
CA GLU A 83 4.09 8.50 -8.66
C GLU A 83 5.10 8.53 -9.82
N GLN A 84 5.17 7.47 -10.62
CA GLN A 84 6.25 7.32 -11.59
C GLN A 84 6.17 8.40 -12.66
N GLN A 85 4.96 8.67 -13.16
CA GLN A 85 4.69 9.74 -14.13
C GLN A 85 5.01 11.15 -13.60
N ARG A 86 5.29 11.35 -12.31
CA ARG A 86 5.56 12.69 -11.75
C ARG A 86 6.92 12.81 -11.07
N ASN A 87 7.50 11.73 -10.55
CA ASN A 87 8.82 11.72 -9.96
C ASN A 87 9.42 10.33 -10.09
N GLU A 88 10.19 10.11 -11.16
CA GLU A 88 10.89 8.86 -11.44
C GLU A 88 11.93 8.48 -10.37
N ASN A 89 12.24 9.39 -9.44
CA ASN A 89 13.25 9.21 -8.40
C ASN A 89 12.68 8.46 -7.17
N ASN A 90 11.46 7.94 -7.23
CA ASN A 90 10.79 7.20 -6.15
C ASN A 90 10.78 5.69 -6.44
N PRO A 91 11.83 4.93 -6.12
CA PRO A 91 11.90 3.50 -6.42
C PRO A 91 10.98 2.68 -5.51
N THR A 92 10.69 3.18 -4.31
CA THR A 92 9.85 2.53 -3.33
C THR A 92 8.46 2.31 -3.95
N ALA A 93 7.77 3.40 -4.31
CA ALA A 93 6.53 3.38 -5.08
C ALA A 93 6.69 2.53 -6.35
N LYS A 94 7.79 2.72 -7.10
CA LYS A 94 8.00 2.05 -8.38
C LYS A 94 7.88 0.54 -8.25
N TYR A 95 8.74 -0.08 -7.44
CA TYR A 95 8.75 -1.52 -7.30
C TYR A 95 7.43 -2.02 -6.74
N ARG A 96 6.90 -1.43 -5.65
CA ARG A 96 5.69 -1.95 -5.02
C ARG A 96 4.50 -1.96 -5.99
N ALA A 97 4.32 -0.95 -6.85
CA ALA A 97 3.23 -0.97 -7.80
C ALA A 97 3.45 -2.08 -8.84
N ARG A 98 4.68 -2.19 -9.39
CA ARG A 98 5.04 -3.20 -10.40
C ARG A 98 4.72 -4.62 -9.94
N LEU A 99 4.83 -4.87 -8.63
CA LEU A 99 4.46 -6.12 -8.01
C LEU A 99 2.97 -6.36 -8.15
N MET A 100 2.14 -5.45 -7.62
CA MET A 100 0.69 -5.63 -7.55
C MET A 100 0.07 -5.87 -8.93
N LYS A 101 0.63 -5.24 -9.97
CA LYS A 101 0.27 -5.41 -11.39
C LYS A 101 0.13 -6.88 -11.73
N LYS A 102 1.20 -7.63 -11.49
CA LYS A 102 1.30 -9.05 -11.70
C LYS A 102 0.40 -9.87 -10.77
N ILE A 103 0.16 -9.41 -9.54
CA ILE A 103 -0.76 -10.10 -8.64
C ILE A 103 -2.17 -10.05 -9.26
N ALA A 104 -2.61 -8.89 -9.76
CA ALA A 104 -3.89 -8.75 -10.45
C ALA A 104 -3.93 -9.54 -11.78
N ASP A 105 -2.76 -9.79 -12.39
CA ASP A 105 -2.67 -10.56 -13.64
C ASP A 105 -3.03 -12.01 -13.40
N LEU A 106 -2.41 -12.58 -12.36
CA LEU A 106 -2.60 -13.95 -11.90
C LEU A 106 -3.91 -14.15 -11.13
N TRP A 107 -4.73 -13.10 -10.98
CA TRP A 107 -5.88 -13.14 -10.09
C TRP A 107 -6.90 -14.14 -10.60
N GLY A 1 4.67 12.70 34.22
CA GLY A 1 3.66 13.21 33.29
C GLY A 1 2.31 12.66 33.69
N THR A 2 1.86 11.56 33.08
CA THR A 2 0.52 11.00 33.31
C THR A 2 -0.54 12.01 32.85
N ASP A 3 -0.28 12.63 31.70
CA ASP A 3 -1.05 13.70 31.06
C ASP A 3 -2.11 13.07 30.15
N PHE A 4 -3.02 13.87 29.59
CA PHE A 4 -3.88 13.44 28.48
C PHE A 4 -4.31 14.68 27.68
N GLY A 5 -4.78 14.48 26.44
CA GLY A 5 -5.22 15.51 25.52
C GLY A 5 -6.54 15.10 24.86
N THR A 6 -7.04 15.92 23.93
CA THR A 6 -8.42 15.79 23.44
C THR A 6 -8.59 16.23 21.96
N THR A 7 -7.50 16.48 21.23
CA THR A 7 -7.48 17.12 19.91
C THR A 7 -8.30 16.39 18.82
N ASN A 8 -8.70 15.14 19.04
CA ASN A 8 -9.15 14.23 17.97
C ASN A 8 -10.68 14.06 17.93
N ASN A 9 -11.45 14.91 18.60
CA ASN A 9 -12.92 14.97 18.47
C ASN A 9 -13.34 16.43 18.40
N PHE A 10 -13.59 16.94 17.20
CA PHE A 10 -14.27 18.19 16.90
C PHE A 10 -14.51 18.25 15.39
N VAL A 11 -15.53 19.01 14.98
CA VAL A 11 -15.87 19.28 13.59
C VAL A 11 -14.79 20.08 12.86
N SER A 12 -15.04 20.43 11.59
CA SER A 12 -14.09 21.12 10.73
C SER A 12 -14.79 22.09 9.77
N PRO A 13 -14.06 23.10 9.25
CA PRO A 13 -14.42 23.81 8.03
C PRO A 13 -14.29 22.89 6.80
N ASN A 14 -14.65 23.39 5.61
CA ASN A 14 -14.69 22.58 4.40
C ASN A 14 -13.30 22.47 3.77
N LEU A 15 -12.47 21.62 4.34
CA LEU A 15 -11.04 21.63 4.07
C LEU A 15 -10.71 20.74 2.87
N GLN A 16 -10.82 21.28 1.66
CA GLN A 16 -10.40 20.65 0.41
C GLN A 16 -8.88 20.81 0.15
N LEU A 17 -8.07 20.83 1.20
CA LEU A 17 -6.62 21.02 1.11
C LEU A 17 -5.97 20.33 2.30
N LYS A 18 -5.26 19.23 2.06
CA LYS A 18 -4.68 18.41 3.13
C LYS A 18 -3.21 18.10 2.85
N GLN A 19 -2.57 17.41 3.78
CA GLN A 19 -1.24 16.85 3.61
C GLN A 19 -1.32 15.61 2.71
N ASN A 20 -0.16 15.09 2.34
CA ASN A 20 0.05 13.79 1.72
C ASN A 20 -0.21 12.74 2.79
N VAL A 21 -1.38 12.13 2.70
CA VAL A 21 -1.85 11.01 3.52
C VAL A 21 -1.73 9.71 2.70
N LEU A 22 -1.56 8.57 3.37
CA LEU A 22 -1.48 7.25 2.73
C LEU A 22 -2.86 6.65 2.40
N PRO A 23 -2.93 5.76 1.39
CA PRO A 23 -4.13 4.96 1.08
C PRO A 23 -4.57 4.02 2.23
N PRO A 24 -5.77 3.41 2.12
CA PRO A 24 -6.32 2.54 3.15
C PRO A 24 -5.57 1.21 3.27
N THR A 25 -5.85 0.47 4.34
CA THR A 25 -5.26 -0.83 4.66
C THR A 25 -6.33 -1.73 5.31
N PRO A 26 -6.13 -3.06 5.33
CA PRO A 26 -6.99 -3.96 6.08
C PRO A 26 -6.73 -3.76 7.57
N LYS A 27 -7.80 -3.84 8.37
CA LYS A 27 -7.81 -3.59 9.80
C LYS A 27 -7.26 -4.78 10.58
N ASN A 28 -6.14 -5.36 10.14
CA ASN A 28 -5.55 -6.54 10.70
C ASN A 28 -4.10 -6.24 11.06
N ILE A 29 -3.33 -5.59 10.17
CA ILE A 29 -1.95 -5.24 10.43
C ILE A 29 -1.66 -3.86 9.80
N PRO A 30 -0.65 -3.12 10.30
CA PRO A 30 -0.28 -1.82 9.77
C PRO A 30 0.51 -1.96 8.45
N LEU A 31 0.60 -0.88 7.66
CA LEU A 31 1.36 -0.73 6.41
C LEU A 31 2.65 -1.57 6.33
N PRO A 32 3.64 -1.45 7.25
CA PRO A 32 4.88 -2.19 7.13
C PRO A 32 4.68 -3.71 7.21
N ALA A 33 3.71 -4.19 8.01
CA ALA A 33 3.38 -5.60 8.09
C ALA A 33 2.60 -5.96 6.84
N PHE A 34 1.69 -5.07 6.43
CA PHE A 34 0.81 -5.27 5.30
C PHE A 34 1.56 -5.40 3.98
N GLY A 35 2.86 -5.11 3.94
CA GLY A 35 3.72 -5.43 2.83
C GLY A 35 4.67 -6.56 3.20
N GLN A 36 5.53 -6.33 4.20
CA GLN A 36 6.73 -7.13 4.42
C GLN A 36 6.43 -8.58 4.87
N ARG A 37 5.22 -8.90 5.34
CA ARG A 37 4.84 -10.26 5.72
C ARG A 37 3.53 -10.67 5.07
N ILE A 38 3.18 -10.08 3.93
CA ILE A 38 1.91 -10.29 3.25
C ILE A 38 2.13 -10.28 1.74
N ILE A 39 2.88 -9.30 1.22
CA ILE A 39 3.02 -9.01 -0.21
C ILE A 39 4.39 -9.48 -0.73
N GLY A 40 5.31 -9.87 0.17
CA GLY A 40 6.59 -10.42 -0.21
C GLY A 40 7.53 -9.38 -0.82
N TRP A 41 7.18 -8.09 -0.71
CA TRP A 41 7.89 -7.02 -1.39
C TRP A 41 9.13 -6.55 -0.64
N GLY A 42 9.48 -7.20 0.47
CA GLY A 42 10.59 -6.80 1.31
C GLY A 42 10.58 -5.29 1.51
N THR A 43 11.73 -4.66 1.29
CA THR A 43 11.98 -3.37 1.97
C THR A 43 13.06 -2.50 1.29
N GLY A 44 13.17 -2.49 -0.04
CA GLY A 44 14.13 -1.57 -0.67
C GLY A 44 14.20 -1.68 -2.18
N ALA A 45 13.04 -1.53 -2.85
CA ALA A 45 12.81 -1.63 -4.29
C ALA A 45 13.03 -3.06 -4.81
N GLU A 46 14.23 -3.60 -4.60
CA GLU A 46 14.68 -4.94 -4.90
C GLU A 46 13.63 -5.95 -4.44
N GLY A 47 13.17 -5.83 -3.19
CA GLY A 47 12.21 -6.75 -2.62
C GLY A 47 10.94 -6.88 -3.48
N ALA A 48 10.41 -5.75 -3.96
CA ALA A 48 9.22 -5.72 -4.81
C ALA A 48 9.56 -6.24 -6.20
N ARG A 49 10.78 -5.99 -6.70
CA ARG A 49 11.22 -6.41 -8.02
C ARG A 49 11.32 -7.93 -8.06
N GLN A 50 11.81 -8.53 -6.98
CA GLN A 50 11.98 -9.96 -6.86
C GLN A 50 10.66 -10.69 -6.82
N ARG A 51 9.57 -10.05 -6.43
CA ARG A 51 8.28 -10.72 -6.28
C ARG A 51 7.36 -10.46 -7.47
N LEU A 52 7.68 -9.43 -8.25
CA LEU A 52 6.95 -8.95 -9.41
C LEU A 52 7.11 -9.90 -10.58
N GLU A 53 8.35 -10.07 -11.02
CA GLU A 53 8.70 -10.50 -12.37
C GLU A 53 8.44 -12.01 -12.59
N ASN A 54 7.95 -12.68 -11.55
CA ASN A 54 7.93 -14.13 -11.44
C ASN A 54 6.78 -14.63 -10.58
N ILE A 55 5.78 -13.77 -10.30
CA ILE A 55 4.77 -13.98 -9.28
C ILE A 55 4.07 -15.34 -9.46
N GLN A 56 3.49 -15.87 -8.38
CA GLN A 56 2.76 -17.13 -8.44
C GLN A 56 1.28 -16.84 -8.15
N PRO A 57 0.37 -17.76 -8.55
CA PRO A 57 -1.05 -17.73 -8.24
C PRO A 57 -1.40 -18.06 -6.79
N ALA A 58 -0.39 -18.43 -6.01
CA ALA A 58 -0.49 -18.51 -4.57
C ALA A 58 -0.21 -17.18 -3.87
N ASP A 59 0.54 -16.31 -4.51
CA ASP A 59 1.11 -15.14 -3.84
C ASP A 59 0.08 -14.03 -3.62
N VAL A 60 -1.07 -14.13 -4.30
CA VAL A 60 -2.24 -13.30 -4.09
C VAL A 60 -3.19 -14.04 -3.15
N SER A 61 -3.31 -15.37 -3.25
CA SER A 61 -4.18 -16.16 -2.39
C SER A 61 -3.65 -16.30 -0.95
N MET A 62 -2.78 -15.41 -0.51
CA MET A 62 -2.39 -15.22 0.88
C MET A 62 -2.93 -13.90 1.41
N ILE A 63 -3.19 -12.91 0.56
CA ILE A 63 -3.55 -11.55 0.93
C ILE A 63 -5.03 -11.50 1.33
N LYS A 64 -5.90 -12.24 0.65
CA LYS A 64 -7.32 -12.28 1.01
C LYS A 64 -7.51 -12.89 2.39
N LYS A 65 -6.62 -13.78 2.84
CA LYS A 65 -6.70 -14.36 4.17
C LYS A 65 -6.49 -13.30 5.26
N GLN A 66 -5.90 -12.16 4.92
CA GLN A 66 -5.53 -11.11 5.85
C GLN A 66 -6.71 -10.17 6.12
N GLY A 67 -7.88 -10.46 5.54
CA GLY A 67 -9.02 -9.55 5.58
C GLY A 67 -8.88 -8.41 4.58
N THR A 68 -8.16 -8.63 3.49
CA THR A 68 -7.99 -7.63 2.44
C THR A 68 -9.09 -7.81 1.40
N THR A 69 -9.39 -6.77 0.62
CA THR A 69 -10.23 -6.85 -0.57
C THR A 69 -9.48 -6.24 -1.76
N LEU A 70 -10.02 -6.41 -2.96
CA LEU A 70 -9.40 -5.94 -4.19
C LEU A 70 -9.30 -4.42 -4.19
N GLU A 71 -10.31 -3.76 -3.63
CA GLU A 71 -10.34 -2.30 -3.50
C GLU A 71 -9.15 -1.78 -2.70
N MET A 72 -8.72 -2.56 -1.72
CA MET A 72 -7.60 -2.18 -0.89
C MET A 72 -6.29 -2.19 -1.71
N ILE A 73 -6.21 -2.92 -2.81
CA ILE A 73 -5.01 -3.06 -3.63
C ILE A 73 -4.97 -1.99 -4.71
N THR A 74 -6.13 -1.70 -5.31
CA THR A 74 -6.25 -0.73 -6.40
C THR A 74 -5.86 0.68 -5.94
N ALA A 75 -6.04 1.03 -4.66
CA ALA A 75 -5.54 2.31 -4.20
C ALA A 75 -4.01 2.31 -4.09
N TRP A 76 -3.41 1.23 -3.55
CA TRP A 76 -1.96 1.23 -3.38
C TRP A 76 -1.25 1.22 -4.72
N GLN A 77 -1.79 0.58 -5.76
CA GLN A 77 -1.07 0.47 -7.00
C GLN A 77 -0.92 1.86 -7.60
N ASP A 78 -2.05 2.56 -7.70
CA ASP A 78 -2.18 3.89 -8.28
C ASP A 78 -1.40 4.91 -7.47
N PHE A 79 -1.41 4.76 -6.14
CA PHE A 79 -0.67 5.62 -5.23
C PHE A 79 0.80 5.63 -5.61
N TYR A 80 1.37 4.44 -5.83
CA TYR A 80 2.75 4.30 -6.24
C TYR A 80 2.96 4.80 -7.67
N GLU A 81 2.03 4.61 -8.60
CA GLU A 81 2.15 5.07 -9.99
C GLU A 81 2.39 6.58 -10.06
N GLN A 82 1.78 7.37 -9.16
CA GLN A 82 2.00 8.81 -9.16
C GLN A 82 3.47 9.17 -8.95
N GLU A 83 4.19 8.38 -8.15
CA GLU A 83 5.57 8.65 -7.78
C GLU A 83 6.44 8.68 -9.03
N GLN A 84 6.06 7.91 -10.06
CA GLN A 84 6.87 7.77 -11.25
C GLN A 84 6.73 8.97 -12.19
N GLN A 85 5.58 9.64 -12.20
CA GLN A 85 5.39 10.87 -12.95
C GLN A 85 6.24 11.96 -12.34
N ARG A 86 6.10 12.18 -11.03
CA ARG A 86 6.90 13.18 -10.34
C ARG A 86 8.40 12.86 -10.35
N ASN A 87 8.82 11.58 -10.37
CA ASN A 87 10.20 11.23 -10.60
C ASN A 87 10.36 9.80 -11.11
N GLU A 88 10.90 9.62 -12.31
CA GLU A 88 11.27 8.31 -12.86
C GLU A 88 12.28 7.57 -11.98
N ASN A 89 13.05 8.31 -11.16
CA ASN A 89 14.12 7.81 -10.30
C ASN A 89 13.60 7.13 -9.02
N ASN A 90 12.39 6.59 -9.03
CA ASN A 90 11.70 6.09 -7.84
C ASN A 90 11.38 4.60 -7.97
N PRO A 91 12.42 3.75 -8.00
CA PRO A 91 12.27 2.33 -8.31
C PRO A 91 11.40 1.62 -7.27
N THR A 92 11.42 2.10 -6.02
CA THR A 92 10.65 1.59 -4.90
C THR A 92 9.19 1.47 -5.30
N ALA A 93 8.53 2.62 -5.51
CA ALA A 93 7.15 2.69 -5.95
C ALA A 93 6.97 2.00 -7.30
N LYS A 94 7.88 2.22 -8.26
CA LYS A 94 7.78 1.66 -9.61
C LYS A 94 7.56 0.14 -9.59
N TYR A 95 8.35 -0.60 -8.82
CA TYR A 95 8.16 -2.03 -8.67
C TYR A 95 6.89 -2.34 -7.87
N ARG A 96 6.56 -1.60 -6.80
CA ARG A 96 5.31 -1.84 -6.07
C ARG A 96 4.09 -1.66 -6.97
N ALA A 97 3.96 -0.58 -7.73
CA ALA A 97 2.80 -0.29 -8.58
C ALA A 97 2.50 -1.51 -9.43
N ARG A 98 3.53 -1.94 -10.15
CA ARG A 98 3.53 -3.13 -10.98
C ARG A 98 3.16 -4.38 -10.20
N LEU A 99 3.77 -4.60 -9.04
CA LEU A 99 3.49 -5.75 -8.18
C LEU A 99 2.01 -5.78 -7.80
N MET A 100 1.50 -4.69 -7.23
CA MET A 100 0.11 -4.52 -6.84
C MET A 100 -0.85 -4.73 -8.03
N LYS A 101 -0.49 -4.25 -9.23
CA LYS A 101 -1.27 -4.52 -10.44
C LYS A 101 -1.35 -6.03 -10.69
N LYS A 102 -0.21 -6.72 -10.68
CA LYS A 102 -0.17 -8.17 -10.88
C LYS A 102 -0.96 -8.91 -9.80
N ILE A 103 -1.00 -8.37 -8.58
CA ILE A 103 -1.79 -8.90 -7.47
C ILE A 103 -3.27 -8.82 -7.83
N ALA A 104 -3.75 -7.65 -8.28
CA ALA A 104 -5.14 -7.48 -8.70
C ALA A 104 -5.51 -8.38 -9.89
N ASP A 105 -4.53 -8.77 -10.71
CA ASP A 105 -4.78 -9.55 -11.92
C ASP A 105 -5.21 -10.97 -11.55
N LEU A 106 -4.54 -11.55 -10.54
CA LEU A 106 -4.75 -12.91 -10.04
C LEU A 106 -5.72 -12.92 -8.85
N TRP A 107 -6.53 -11.87 -8.69
CA TRP A 107 -7.52 -11.82 -7.62
C TRP A 107 -8.59 -12.88 -7.81
N GLY A 1 -0.23 14.75 19.32
CA GLY A 1 -1.23 13.90 18.66
C GLY A 1 -1.34 12.51 19.28
N THR A 2 -1.42 12.42 20.59
CA THR A 2 -1.63 11.17 21.33
C THR A 2 -3.06 10.66 21.09
N ASP A 3 -3.34 9.47 21.60
CA ASP A 3 -4.65 8.84 21.63
C ASP A 3 -4.91 8.45 23.08
N PHE A 4 -5.84 9.14 23.75
CA PHE A 4 -6.23 8.91 25.14
C PHE A 4 -7.74 9.13 25.33
N GLY A 5 -8.51 9.13 24.24
CA GLY A 5 -9.89 9.55 24.18
C GLY A 5 -9.93 10.95 23.60
N THR A 6 -9.77 11.06 22.28
CA THR A 6 -9.77 12.31 21.54
C THR A 6 -10.11 11.96 20.10
N THR A 7 -11.29 11.33 19.95
CA THR A 7 -11.57 10.41 18.85
C THR A 7 -12.93 10.72 18.20
N ASN A 8 -13.82 11.42 18.90
CA ASN A 8 -15.23 11.57 18.52
C ASN A 8 -15.47 12.85 17.71
N ASN A 9 -14.42 13.54 17.27
CA ASN A 9 -14.43 14.98 16.97
C ASN A 9 -13.90 15.27 15.57
N PHE A 10 -14.83 15.50 14.64
CA PHE A 10 -14.55 15.81 13.24
C PHE A 10 -15.59 16.79 12.70
N VAL A 11 -15.39 18.11 12.86
CA VAL A 11 -16.35 19.15 12.46
C VAL A 11 -15.70 20.35 11.77
N SER A 12 -14.44 20.24 11.38
CA SER A 12 -13.62 21.38 10.96
C SER A 12 -14.09 22.00 9.62
N PRO A 13 -13.73 23.26 9.30
CA PRO A 13 -14.11 23.94 8.05
C PRO A 13 -13.41 23.36 6.81
N ASN A 14 -13.66 23.95 5.64
CA ASN A 14 -13.32 23.38 4.33
C ASN A 14 -11.84 23.63 3.98
N LEU A 15 -10.96 22.75 4.45
CA LEU A 15 -9.52 22.94 4.44
C LEU A 15 -8.87 21.74 3.74
N GLN A 16 -8.57 21.90 2.45
CA GLN A 16 -7.88 20.93 1.60
C GLN A 16 -6.35 21.00 1.71
N LEU A 17 -5.86 21.84 2.62
CA LEU A 17 -4.49 22.35 2.61
C LEU A 17 -3.73 21.70 3.77
N LYS A 18 -3.30 20.45 3.59
CA LYS A 18 -2.74 19.64 4.68
C LYS A 18 -1.51 18.83 4.24
N GLN A 19 -0.85 18.19 5.19
CA GLN A 19 0.33 17.37 4.97
C GLN A 19 -0.01 16.10 4.19
N ASN A 20 1.05 15.50 3.63
CA ASN A 20 1.10 14.24 2.89
C ASN A 20 0.79 13.07 3.83
N VAL A 21 -0.49 12.74 3.95
CA VAL A 21 -0.97 11.56 4.66
C VAL A 21 -0.58 10.30 3.86
N LEU A 22 -0.66 9.12 4.49
CA LEU A 22 -0.58 7.84 3.81
C LEU A 22 -2.00 7.29 3.61
N PRO A 23 -2.24 6.40 2.62
CA PRO A 23 -3.49 5.64 2.52
C PRO A 23 -3.71 4.75 3.76
N PRO A 24 -4.93 4.21 3.93
CA PRO A 24 -5.28 3.37 5.09
C PRO A 24 -4.66 1.96 4.98
N THR A 25 -4.73 1.20 6.08
CA THR A 25 -4.21 -0.16 6.19
C THR A 25 -5.26 -1.03 6.91
N PRO A 26 -5.27 -2.37 6.68
CA PRO A 26 -6.22 -3.25 7.35
C PRO A 26 -5.93 -3.27 8.85
N LYS A 27 -6.97 -3.44 9.66
CA LYS A 27 -6.89 -3.35 11.11
C LYS A 27 -6.24 -4.59 11.76
N ASN A 28 -5.21 -5.16 11.14
CA ASN A 28 -4.54 -6.37 11.54
C ASN A 28 -3.08 -6.05 11.80
N ILE A 29 -2.42 -5.38 10.86
CA ILE A 29 -0.99 -5.12 10.91
C ILE A 29 -0.73 -3.75 10.27
N PRO A 30 0.37 -3.07 10.65
CA PRO A 30 0.70 -1.74 10.14
C PRO A 30 1.27 -1.80 8.72
N LEU A 31 1.43 -0.65 8.05
CA LEU A 31 2.09 -0.52 6.74
C LEU A 31 3.33 -1.40 6.58
N PRO A 32 4.38 -1.28 7.41
CA PRO A 32 5.59 -2.08 7.26
C PRO A 32 5.38 -3.59 7.46
N ALA A 33 4.22 -4.04 7.92
CA ALA A 33 3.89 -5.46 8.01
C ALA A 33 2.99 -5.84 6.84
N PHE A 34 2.05 -4.96 6.46
CA PHE A 34 1.05 -5.17 5.42
C PHE A 34 1.65 -5.38 4.01
N GLY A 35 2.97 -5.45 3.89
CA GLY A 35 3.65 -5.78 2.66
C GLY A 35 4.81 -6.70 2.98
N GLN A 36 5.75 -6.24 3.79
CA GLN A 36 6.99 -6.99 4.06
C GLN A 36 6.69 -8.40 4.54
N ARG A 37 5.66 -8.58 5.37
CA ARG A 37 5.25 -9.84 5.98
C ARG A 37 3.95 -10.43 5.44
N ILE A 38 3.37 -9.83 4.40
CA ILE A 38 2.04 -10.16 3.92
C ILE A 38 2.10 -10.33 2.41
N ILE A 39 2.60 -9.34 1.68
CA ILE A 39 2.73 -9.35 0.22
C ILE A 39 4.06 -9.99 -0.20
N GLY A 40 4.93 -10.39 0.75
CA GLY A 40 6.16 -11.11 0.46
C GLY A 40 7.25 -10.26 -0.19
N TRP A 41 7.01 -8.98 -0.50
CA TRP A 41 7.84 -8.14 -1.39
C TRP A 41 9.21 -7.71 -0.82
N GLY A 42 9.70 -8.37 0.23
CA GLY A 42 10.87 -7.95 0.99
C GLY A 42 10.55 -6.59 1.58
N THR A 43 11.22 -5.54 1.11
CA THR A 43 10.80 -4.16 1.44
C THR A 43 11.39 -3.09 0.50
N GLY A 44 11.91 -3.53 -0.64
CA GLY A 44 12.78 -2.69 -1.47
C GLY A 44 12.57 -3.00 -2.93
N ALA A 45 13.29 -2.25 -3.77
CA ALA A 45 13.18 -2.36 -5.22
C ALA A 45 13.38 -3.81 -5.64
N GLU A 46 14.47 -4.42 -5.18
CA GLU A 46 14.85 -5.77 -5.54
C GLU A 46 13.90 -6.82 -4.93
N GLY A 47 13.46 -6.58 -3.69
CA GLY A 47 12.42 -7.36 -3.01
C GLY A 47 11.19 -7.49 -3.89
N ALA A 48 10.67 -6.33 -4.31
CA ALA A 48 9.46 -6.23 -5.09
C ALA A 48 9.68 -6.72 -6.51
N ARG A 49 10.86 -6.53 -7.12
CA ARG A 49 11.17 -7.05 -8.46
C ARG A 49 10.87 -8.53 -8.51
N GLN A 50 11.45 -9.27 -7.57
CA GLN A 50 11.45 -10.72 -7.64
C GLN A 50 10.12 -11.32 -7.24
N ARG A 51 9.20 -10.57 -6.64
CA ARG A 51 7.90 -11.05 -6.20
C ARG A 51 6.76 -10.47 -7.04
N LEU A 52 7.05 -9.98 -8.24
CA LEU A 52 6.12 -9.20 -9.07
C LEU A 52 5.91 -9.90 -10.40
N GLU A 53 6.96 -9.94 -11.23
CA GLU A 53 6.80 -10.38 -12.62
C GLU A 53 6.45 -11.87 -12.72
N ASN A 54 6.47 -12.60 -11.59
CA ASN A 54 6.26 -14.03 -11.46
C ASN A 54 5.33 -14.35 -10.29
N ILE A 55 4.47 -13.41 -9.86
CA ILE A 55 3.45 -13.65 -8.84
C ILE A 55 2.64 -14.91 -9.18
N GLN A 56 2.14 -15.61 -8.16
CA GLN A 56 1.24 -16.75 -8.33
C GLN A 56 -0.19 -16.31 -8.02
N PRO A 57 -1.20 -17.03 -8.50
CA PRO A 57 -2.60 -16.80 -8.17
C PRO A 57 -2.92 -17.17 -6.72
N ALA A 58 -2.06 -17.95 -6.06
CA ALA A 58 -2.21 -18.25 -4.65
C ALA A 58 -1.76 -17.08 -3.79
N ASP A 59 -0.75 -16.33 -4.24
CA ASP A 59 -0.06 -15.31 -3.46
C ASP A 59 -0.95 -14.10 -3.21
N VAL A 60 -2.01 -13.94 -4.00
CA VAL A 60 -3.04 -12.93 -3.90
C VAL A 60 -4.20 -13.45 -3.04
N SER A 61 -4.71 -14.65 -3.30
CA SER A 61 -5.92 -15.13 -2.62
C SER A 61 -5.73 -15.27 -1.11
N MET A 62 -4.49 -15.39 -0.66
CA MET A 62 -4.03 -15.53 0.71
C MET A 62 -4.11 -14.20 1.45
N ILE A 63 -3.90 -13.06 0.78
CA ILE A 63 -3.85 -11.77 1.44
C ILE A 63 -5.20 -11.43 2.06
N LYS A 64 -6.28 -11.84 1.40
CA LYS A 64 -7.64 -11.65 1.90
C LYS A 64 -7.81 -12.32 3.24
N LYS A 65 -7.22 -13.51 3.41
CA LYS A 65 -7.32 -14.28 4.64
C LYS A 65 -6.65 -13.56 5.82
N GLN A 66 -5.78 -12.58 5.57
CA GLN A 66 -5.15 -11.78 6.61
C GLN A 66 -5.95 -10.50 6.92
N GLY A 67 -7.12 -10.28 6.30
CA GLY A 67 -8.04 -9.20 6.67
C GLY A 67 -8.05 -8.05 5.67
N THR A 68 -7.91 -8.34 4.37
CA THR A 68 -7.66 -7.35 3.33
C THR A 68 -8.79 -7.34 2.29
N THR A 69 -8.92 -6.25 1.54
CA THR A 69 -9.86 -6.02 0.45
C THR A 69 -9.09 -5.53 -0.78
N LEU A 70 -9.73 -5.59 -1.97
CA LEU A 70 -9.13 -5.19 -3.23
C LEU A 70 -8.75 -3.71 -3.22
N GLU A 71 -9.59 -2.91 -2.59
CA GLU A 71 -9.41 -1.48 -2.45
C GLU A 71 -8.08 -1.09 -1.84
N MET A 72 -7.53 -1.92 -0.95
CA MET A 72 -6.26 -1.65 -0.31
C MET A 72 -5.13 -1.60 -1.36
N ILE A 73 -5.23 -2.43 -2.39
CA ILE A 73 -4.15 -2.76 -3.31
C ILE A 73 -4.01 -1.63 -4.34
N THR A 74 -5.12 -1.16 -4.90
CA THR A 74 -5.15 -0.06 -5.85
C THR A 74 -4.67 1.24 -5.19
N ALA A 75 -5.05 1.44 -3.94
CA ALA A 75 -4.67 2.67 -3.24
C ALA A 75 -3.16 2.72 -2.97
N TRP A 76 -2.59 1.64 -2.44
CA TRP A 76 -1.17 1.54 -2.17
C TRP A 76 -0.36 1.43 -3.46
N GLN A 77 -0.95 0.98 -4.57
CA GLN A 77 -0.35 1.14 -5.88
C GLN A 77 -0.18 2.62 -6.18
N ASP A 78 -1.31 3.31 -6.29
CA ASP A 78 -1.37 4.62 -6.90
C ASP A 78 -0.54 5.63 -6.13
N PHE A 79 -0.50 5.49 -4.80
CA PHE A 79 0.35 6.31 -3.94
C PHE A 79 1.79 6.37 -4.45
N TYR A 80 2.34 5.24 -4.90
CA TYR A 80 3.69 5.17 -5.44
C TYR A 80 3.73 5.53 -6.94
N GLU A 81 2.75 5.09 -7.73
CA GLU A 81 2.69 5.41 -9.17
C GLU A 81 2.72 6.91 -9.43
N GLN A 82 1.98 7.71 -8.65
CA GLN A 82 1.90 9.15 -8.89
C GLN A 82 3.28 9.82 -8.74
N GLU A 83 4.27 9.19 -8.10
CA GLU A 83 5.60 9.74 -7.88
C GLU A 83 6.46 9.57 -9.13
N GLN A 84 6.27 8.48 -9.89
CA GLN A 84 7.08 8.23 -11.09
C GLN A 84 6.88 9.33 -12.14
N GLN A 85 5.78 10.07 -12.05
CA GLN A 85 5.51 11.24 -12.87
C GLN A 85 6.55 12.33 -12.61
N ARG A 86 6.73 12.70 -11.34
CA ARG A 86 7.63 13.80 -10.94
C ARG A 86 9.09 13.37 -10.87
N ASN A 87 9.39 12.11 -10.58
CA ASN A 87 10.74 11.58 -10.57
C ASN A 87 10.71 10.18 -11.19
N GLU A 88 11.08 10.08 -12.47
CA GLU A 88 11.05 8.79 -13.17
C GLU A 88 11.99 7.76 -12.57
N ASN A 89 13.04 8.18 -11.85
CA ASN A 89 14.16 7.30 -11.49
C ASN A 89 13.92 6.58 -10.18
N ASN A 90 12.69 6.10 -9.96
CA ASN A 90 12.22 5.61 -8.67
C ASN A 90 11.69 4.18 -8.80
N PRO A 91 12.58 3.20 -8.96
CA PRO A 91 12.20 1.80 -9.12
C PRO A 91 11.64 1.20 -7.83
N THR A 92 12.00 1.71 -6.64
CA THR A 92 11.47 1.20 -5.38
C THR A 92 9.97 1.46 -5.34
N ALA A 93 9.55 2.72 -5.53
CA ALA A 93 8.14 3.09 -5.73
C ALA A 93 7.55 2.26 -6.87
N LYS A 94 8.16 2.29 -8.06
CA LYS A 94 7.62 1.63 -9.25
C LYS A 94 7.32 0.14 -9.04
N TYR A 95 8.28 -0.66 -8.58
CA TYR A 95 8.07 -2.10 -8.41
C TYR A 95 6.99 -2.34 -7.36
N ARG A 96 7.08 -1.77 -6.14
CA ARG A 96 6.08 -2.04 -5.11
C ARG A 96 4.69 -1.60 -5.58
N ALA A 97 4.56 -0.53 -6.38
CA ALA A 97 3.32 -0.16 -7.03
C ALA A 97 2.86 -1.24 -8.00
N ARG A 98 3.73 -1.65 -8.92
CA ARG A 98 3.39 -2.60 -9.98
C ARG A 98 3.11 -4.00 -9.45
N LEU A 99 3.65 -4.37 -8.28
CA LEU A 99 3.38 -5.65 -7.65
C LEU A 99 1.89 -5.73 -7.29
N MET A 100 1.40 -4.64 -6.71
CA MET A 100 -0.01 -4.46 -6.40
C MET A 100 -0.87 -4.69 -7.65
N LYS A 101 -0.41 -4.31 -8.86
CA LYS A 101 -1.18 -4.43 -10.10
C LYS A 101 -1.65 -5.86 -10.27
N LYS A 102 -0.71 -6.80 -10.41
CA LYS A 102 -1.06 -8.18 -10.68
C LYS A 102 -1.92 -8.75 -9.54
N ILE A 103 -1.63 -8.40 -8.30
CA ILE A 103 -2.46 -8.79 -7.16
C ILE A 103 -3.91 -8.28 -7.34
N ALA A 104 -4.14 -7.02 -7.71
CA ALA A 104 -5.48 -6.48 -7.94
C ALA A 104 -6.15 -7.02 -9.22
N ASP A 105 -5.36 -7.58 -10.14
CA ASP A 105 -5.80 -8.15 -11.42
C ASP A 105 -6.33 -9.57 -11.17
N LEU A 106 -5.57 -10.34 -10.41
CA LEU A 106 -5.84 -11.73 -10.03
C LEU A 106 -6.86 -11.85 -8.89
N TRP A 107 -7.50 -10.76 -8.48
CA TRP A 107 -8.38 -10.75 -7.34
C TRP A 107 -9.63 -11.59 -7.60
N GLY A 1 -2.31 30.49 14.01
CA GLY A 1 -1.06 29.98 14.56
C GLY A 1 -1.00 30.29 16.05
N THR A 2 -0.48 29.37 16.86
CA THR A 2 -0.51 29.45 18.31
C THR A 2 -1.97 29.60 18.79
N ASP A 3 -2.86 28.82 18.18
CA ASP A 3 -4.30 28.96 18.27
C ASP A 3 -4.77 28.21 19.51
N PHE A 4 -4.86 28.91 20.64
CA PHE A 4 -5.46 28.39 21.87
C PHE A 4 -6.58 29.33 22.30
N GLY A 5 -7.33 28.95 23.33
CA GLY A 5 -8.53 29.65 23.77
C GLY A 5 -9.64 28.65 23.98
N THR A 6 -10.88 29.08 23.82
CA THR A 6 -12.10 28.34 24.08
C THR A 6 -12.39 27.36 22.94
N THR A 7 -11.36 26.76 22.32
CA THR A 7 -11.50 26.13 21.01
C THR A 7 -12.47 24.95 21.05
N ASN A 8 -12.56 24.27 22.20
CA ASN A 8 -13.43 23.11 22.39
C ASN A 8 -14.87 23.52 22.74
N ASN A 9 -15.09 24.77 23.15
CA ASN A 9 -16.39 25.30 23.58
C ASN A 9 -17.16 25.92 22.41
N PHE A 10 -16.63 25.87 21.19
CA PHE A 10 -17.23 26.48 20.02
C PHE A 10 -17.13 25.52 18.82
N VAL A 11 -17.74 25.89 17.70
CA VAL A 11 -17.53 25.23 16.43
C VAL A 11 -16.13 25.62 15.95
N SER A 12 -15.54 24.80 15.08
CA SER A 12 -14.32 25.09 14.36
C SER A 12 -14.59 24.94 12.85
N PRO A 13 -13.83 25.60 11.97
CA PRO A 13 -14.09 25.60 10.54
C PRO A 13 -13.78 24.24 9.88
N ASN A 14 -14.05 24.17 8.57
CA ASN A 14 -13.69 23.10 7.67
C ASN A 14 -12.23 22.76 7.85
N LEU A 15 -11.97 21.64 8.49
CA LEU A 15 -10.70 20.95 8.37
C LEU A 15 -10.74 20.13 7.07
N GLN A 16 -10.35 20.71 5.94
CA GLN A 16 -10.18 19.99 4.67
C GLN A 16 -8.71 19.55 4.52
N LEU A 17 -7.97 19.39 5.62
CA LEU A 17 -6.54 19.08 5.63
C LEU A 17 -6.21 18.07 6.73
N LYS A 18 -6.26 16.78 6.36
CA LYS A 18 -5.72 15.67 7.15
C LYS A 18 -4.28 15.37 6.75
N GLN A 19 -3.65 14.41 7.42
CA GLN A 19 -2.46 13.71 6.97
C GLN A 19 -2.80 12.75 5.83
N ASN A 20 -1.77 12.19 5.21
CA ASN A 20 -1.85 11.08 4.28
C ASN A 20 -1.88 9.78 5.07
N VAL A 21 -3.08 9.33 5.41
CA VAL A 21 -3.38 8.08 6.09
C VAL A 21 -2.95 6.89 5.22
N LEU A 22 -2.51 5.78 5.83
CA LEU A 22 -2.17 4.54 5.11
C LEU A 22 -3.44 3.76 4.72
N PRO A 23 -3.38 2.94 3.66
CA PRO A 23 -4.46 2.04 3.24
C PRO A 23 -4.70 0.85 4.20
N PRO A 24 -5.83 0.13 4.05
CA PRO A 24 -6.22 -0.95 4.95
C PRO A 24 -5.35 -2.20 4.80
N THR A 25 -5.37 -3.07 5.81
CA THR A 25 -4.64 -4.33 5.90
C THR A 25 -5.56 -5.43 6.44
N PRO A 26 -5.32 -6.72 6.14
CA PRO A 26 -6.16 -7.78 6.68
C PRO A 26 -5.91 -7.92 8.17
N LYS A 27 -6.97 -8.23 8.94
CA LYS A 27 -6.89 -8.46 10.39
C LYS A 27 -6.25 -9.81 10.70
N ASN A 28 -5.13 -10.13 10.06
CA ASN A 28 -4.39 -11.36 10.23
C ASN A 28 -3.00 -11.00 10.74
N ILE A 29 -2.34 -10.03 10.09
CA ILE A 29 -0.98 -9.62 10.39
C ILE A 29 -0.90 -8.09 10.18
N PRO A 30 0.10 -7.38 10.71
CA PRO A 30 0.29 -5.95 10.48
C PRO A 30 0.96 -5.68 9.11
N LEU A 31 0.97 -4.43 8.66
CA LEU A 31 1.61 -3.97 7.42
C LEU A 31 2.99 -4.60 7.14
N PRO A 32 4.01 -4.47 8.01
CA PRO A 32 5.34 -5.00 7.72
C PRO A 32 5.43 -6.54 7.71
N ALA A 33 4.35 -7.26 8.03
CA ALA A 33 4.20 -8.68 7.73
C ALA A 33 3.42 -8.86 6.45
N PHE A 34 2.35 -8.07 6.24
CA PHE A 34 1.41 -8.18 5.14
C PHE A 34 2.06 -8.10 3.75
N GLY A 35 3.27 -7.55 3.66
CA GLY A 35 4.06 -7.55 2.43
C GLY A 35 5.13 -8.62 2.51
N GLN A 36 6.04 -8.44 3.45
CA GLN A 36 7.33 -9.10 3.52
C GLN A 36 7.23 -10.63 3.63
N ARG A 37 6.09 -11.16 4.11
CA ARG A 37 5.91 -12.57 4.43
C ARG A 37 4.68 -13.16 3.73
N ILE A 38 4.10 -12.42 2.81
CA ILE A 38 2.85 -12.74 2.14
C ILE A 38 3.04 -12.49 0.64
N ILE A 39 3.37 -11.24 0.28
CA ILE A 39 3.56 -10.80 -1.09
C ILE A 39 4.91 -11.30 -1.63
N GLY A 40 5.88 -11.66 -0.79
CA GLY A 40 7.18 -12.13 -1.29
C GLY A 40 8.11 -11.01 -1.72
N TRP A 41 7.72 -9.74 -1.51
CA TRP A 41 8.37 -8.57 -2.09
C TRP A 41 9.66 -8.13 -1.38
N GLY A 42 10.28 -9.03 -0.61
CA GLY A 42 11.39 -8.71 0.30
C GLY A 42 11.01 -7.54 1.17
N THR A 43 11.62 -6.37 0.96
CA THR A 43 11.15 -5.07 1.44
C THR A 43 11.92 -3.98 0.68
N GLY A 44 11.26 -2.93 0.21
CA GLY A 44 11.92 -1.83 -0.50
C GLY A 44 11.62 -1.85 -1.99
N ALA A 45 12.69 -1.75 -2.80
CA ALA A 45 12.67 -1.68 -4.25
C ALA A 45 13.04 -3.04 -4.83
N GLU A 46 14.24 -3.51 -4.46
CA GLU A 46 14.88 -4.67 -5.06
C GLU A 46 14.11 -5.96 -4.77
N GLY A 47 13.50 -6.05 -3.60
CA GLY A 47 12.78 -7.26 -3.20
C GLY A 47 11.49 -7.45 -3.99
N ALA A 48 10.90 -6.35 -4.47
CA ALA A 48 9.75 -6.37 -5.34
C ALA A 48 10.20 -6.67 -6.75
N ARG A 49 11.35 -6.13 -7.20
CA ARG A 49 11.80 -6.25 -8.58
C ARG A 49 11.87 -7.69 -9.03
N GLN A 50 12.67 -8.54 -8.38
CA GLN A 50 12.97 -9.86 -8.92
C GLN A 50 11.79 -10.82 -8.74
N ARG A 51 10.71 -10.43 -8.05
CA ARG A 51 9.49 -11.24 -7.93
C ARG A 51 8.41 -10.72 -8.90
N LEU A 52 8.40 -9.40 -9.18
CA LEU A 52 7.53 -8.70 -10.13
C LEU A 52 7.68 -9.24 -11.55
N GLU A 53 8.86 -9.09 -12.17
CA GLU A 53 8.98 -9.07 -13.65
C GLU A 53 8.75 -10.47 -14.27
N ASN A 54 8.54 -11.47 -13.41
CA ASN A 54 8.44 -12.90 -13.67
C ASN A 54 7.45 -13.59 -12.72
N ILE A 55 6.45 -12.87 -12.20
CA ILE A 55 5.48 -13.42 -11.27
C ILE A 55 4.69 -14.56 -11.93
N GLN A 56 4.06 -15.42 -11.12
CA GLN A 56 3.32 -16.60 -11.58
C GLN A 56 1.92 -16.57 -10.99
N PRO A 57 0.97 -17.33 -11.55
CA PRO A 57 -0.41 -17.33 -11.09
C PRO A 57 -0.55 -17.95 -9.70
N ALA A 58 0.42 -18.76 -9.26
CA ALA A 58 0.36 -19.31 -7.92
C ALA A 58 0.78 -18.28 -6.86
N ASP A 59 1.44 -17.20 -7.25
CA ASP A 59 1.90 -16.18 -6.31
C ASP A 59 0.74 -15.31 -5.84
N VAL A 60 -0.33 -15.19 -6.65
CA VAL A 60 -1.55 -14.51 -6.24
C VAL A 60 -2.44 -15.49 -5.48
N SER A 61 -2.58 -16.71 -6.00
CA SER A 61 -3.25 -17.86 -5.40
C SER A 61 -2.48 -18.43 -4.19
N MET A 62 -1.70 -17.63 -3.46
CA MET A 62 -1.18 -17.95 -2.14
C MET A 62 -1.57 -16.83 -1.18
N ILE A 63 -1.49 -15.56 -1.61
CA ILE A 63 -1.82 -14.38 -0.83
C ILE A 63 -3.28 -14.44 -0.38
N LYS A 64 -4.17 -14.86 -1.28
CA LYS A 64 -5.61 -14.96 -1.02
C LYS A 64 -5.89 -15.82 0.20
N LYS A 65 -5.11 -16.89 0.38
CA LYS A 65 -5.29 -17.84 1.46
C LYS A 65 -4.77 -17.29 2.79
N GLN A 66 -4.02 -16.18 2.80
CA GLN A 66 -3.64 -15.48 4.02
C GLN A 66 -4.64 -14.34 4.21
N GLY A 67 -5.92 -14.64 4.06
CA GLY A 67 -7.01 -13.79 4.49
C GLY A 67 -7.02 -12.44 3.81
N THR A 68 -6.66 -12.41 2.53
CA THR A 68 -6.51 -11.18 1.77
C THR A 68 -7.62 -11.10 0.72
N THR A 69 -7.79 -9.93 0.10
CA THR A 69 -8.86 -9.62 -0.84
C THR A 69 -8.33 -8.76 -1.98
N LEU A 70 -9.09 -8.65 -3.07
CA LEU A 70 -8.80 -7.78 -4.19
C LEU A 70 -8.88 -6.31 -3.78
N GLU A 71 -9.69 -5.98 -2.78
CA GLU A 71 -9.76 -4.65 -2.18
C GLU A 71 -8.43 -4.26 -1.54
N MET A 72 -7.84 -5.15 -0.73
CA MET A 72 -6.52 -4.88 -0.15
C MET A 72 -5.53 -4.76 -1.31
N ILE A 73 -5.63 -5.71 -2.23
CA ILE A 73 -4.80 -5.85 -3.42
C ILE A 73 -5.33 -4.90 -4.50
N THR A 74 -5.75 -3.71 -4.13
CA THR A 74 -5.86 -2.56 -5.02
C THR A 74 -5.51 -1.30 -4.24
N ALA A 75 -5.80 -1.26 -2.95
CA ALA A 75 -5.45 -0.11 -2.13
C ALA A 75 -3.94 -0.02 -1.85
N TRP A 76 -3.17 -1.05 -2.21
CA TRP A 76 -1.73 -1.08 -1.99
C TRP A 76 -0.90 -0.97 -3.26
N GLN A 77 -1.48 -1.12 -4.46
CA GLN A 77 -0.80 -0.75 -5.67
C GLN A 77 -0.93 0.76 -5.77
N ASP A 78 -2.16 1.28 -5.75
CA ASP A 78 -2.46 2.60 -6.26
C ASP A 78 -1.82 3.65 -5.38
N PHE A 79 -1.68 3.31 -4.09
CA PHE A 79 -0.98 4.10 -3.10
C PHE A 79 0.43 4.47 -3.58
N TYR A 80 1.11 3.54 -4.25
CA TYR A 80 2.42 3.76 -4.84
C TYR A 80 2.37 4.08 -6.34
N GLU A 81 1.36 3.62 -7.10
CA GLU A 81 1.23 3.96 -8.52
C GLU A 81 1.02 5.46 -8.67
N GLN A 82 0.31 6.11 -7.75
CA GLN A 82 0.15 7.56 -7.75
C GLN A 82 1.46 8.29 -7.42
N GLU A 83 2.46 7.63 -6.84
CA GLU A 83 3.74 8.29 -6.58
C GLU A 83 4.51 8.44 -7.89
N GLN A 84 4.37 7.49 -8.82
CA GLN A 84 5.02 7.58 -10.12
C GLN A 84 4.57 8.83 -10.87
N GLN A 85 3.29 9.22 -10.74
CA GLN A 85 2.79 10.35 -11.52
C GLN A 85 3.60 11.61 -11.19
N ARG A 86 3.95 11.80 -9.90
CA ARG A 86 4.62 12.99 -9.41
C ARG A 86 6.15 12.83 -9.33
N ASN A 87 6.68 11.64 -9.01
CA ASN A 87 8.11 11.39 -8.91
C ASN A 87 8.44 10.04 -9.52
N GLU A 88 8.92 10.06 -10.77
CA GLU A 88 9.44 8.87 -11.44
C GLU A 88 10.67 8.31 -10.73
N ASN A 89 11.45 9.19 -10.09
CA ASN A 89 12.82 8.96 -9.67
C ASN A 89 12.92 8.13 -8.39
N ASN A 90 11.85 7.44 -8.01
CA ASN A 90 11.65 6.80 -6.73
C ASN A 90 11.37 5.32 -6.98
N PRO A 91 12.42 4.50 -7.22
CA PRO A 91 12.27 3.12 -7.69
C PRO A 91 11.53 2.24 -6.70
N THR A 92 11.67 2.52 -5.40
CA THR A 92 11.10 1.78 -4.30
C THR A 92 9.59 1.70 -4.45
N ALA A 93 8.89 2.85 -4.48
CA ALA A 93 7.49 2.93 -4.87
C ALA A 93 7.27 2.22 -6.21
N LYS A 94 8.04 2.57 -7.25
CA LYS A 94 7.85 2.11 -8.61
C LYS A 94 7.71 0.60 -8.73
N TYR A 95 8.68 -0.18 -8.24
CA TYR A 95 8.62 -1.63 -8.29
C TYR A 95 7.46 -2.16 -7.46
N ARG A 96 7.29 -1.75 -6.19
CA ARG A 96 6.25 -2.34 -5.38
C ARG A 96 4.85 -1.99 -5.88
N ALA A 97 4.61 -0.81 -6.45
CA ALA A 97 3.37 -0.45 -7.12
C ALA A 97 3.09 -1.43 -8.25
N ARG A 98 4.06 -1.55 -9.16
CA ARG A 98 4.01 -2.45 -10.31
C ARG A 98 3.73 -3.88 -9.87
N LEU A 99 4.36 -4.32 -8.78
CA LEU A 99 4.16 -5.64 -8.21
C LEU A 99 2.73 -5.80 -7.77
N MET A 100 2.27 -4.99 -6.82
CA MET A 100 0.94 -5.06 -6.23
C MET A 100 -0.14 -5.15 -7.32
N LYS A 101 -0.12 -4.22 -8.29
CA LYS A 101 -0.93 -4.23 -9.50
C LYS A 101 -0.97 -5.61 -10.15
N LYS A 102 0.18 -6.23 -10.41
CA LYS A 102 0.25 -7.53 -11.09
C LYS A 102 -0.54 -8.63 -10.36
N ILE A 103 -0.73 -8.49 -9.06
CA ILE A 103 -1.47 -9.45 -8.26
C ILE A 103 -2.96 -9.30 -8.61
N ALA A 104 -3.51 -8.08 -8.64
CA ALA A 104 -4.87 -7.82 -9.11
C ALA A 104 -5.07 -8.31 -10.55
N ASP A 105 -4.00 -8.24 -11.34
CA ASP A 105 -3.94 -8.56 -12.76
C ASP A 105 -4.14 -10.06 -13.01
N LEU A 106 -4.07 -10.88 -11.95
CA LEU A 106 -4.11 -12.34 -11.95
C LEU A 106 -5.19 -12.87 -10.99
N TRP A 107 -6.01 -11.98 -10.42
CA TRP A 107 -6.88 -12.34 -9.31
C TRP A 107 -7.88 -13.42 -9.68
N GLY A 1 -9.03 26.39 21.67
CA GLY A 1 -7.77 26.02 21.02
C GLY A 1 -7.32 24.66 21.53
N THR A 2 -6.19 24.16 21.03
CA THR A 2 -5.44 23.05 21.59
C THR A 2 -3.98 23.49 21.52
N ASP A 3 -3.15 23.06 22.47
CA ASP A 3 -1.70 23.11 22.37
C ASP A 3 -1.17 21.83 23.01
N PHE A 4 -1.72 20.70 22.57
CA PHE A 4 -1.54 19.38 23.15
C PHE A 4 -1.00 18.43 22.07
N GLY A 5 -0.67 17.20 22.45
CA GLY A 5 -0.09 16.20 21.56
C GLY A 5 -1.04 15.84 20.44
N THR A 6 -2.05 15.03 20.72
CA THR A 6 -2.96 14.50 19.70
C THR A 6 -4.39 14.38 20.24
N THR A 7 -4.67 14.95 21.42
CA THR A 7 -5.82 14.64 22.24
C THR A 7 -7.14 15.13 21.61
N ASN A 8 -7.09 15.92 20.55
CA ASN A 8 -8.28 16.37 19.84
C ASN A 8 -8.14 16.15 18.34
N ASN A 9 -8.22 14.89 17.91
CA ASN A 9 -8.20 14.50 16.50
C ASN A 9 -9.37 13.55 16.26
N PHE A 10 -10.56 14.12 16.03
CA PHE A 10 -11.70 13.38 15.50
C PHE A 10 -11.34 12.82 14.13
N VAL A 11 -12.06 11.79 13.66
CA VAL A 11 -11.78 11.11 12.40
C VAL A 11 -13.06 10.97 11.58
N SER A 12 -13.84 12.05 11.54
CA SER A 12 -15.14 12.15 10.90
C SER A 12 -15.07 11.86 9.38
N PRO A 13 -16.18 11.56 8.69
CA PRO A 13 -16.24 11.51 7.24
C PRO A 13 -16.26 12.92 6.62
N ASN A 14 -15.08 13.54 6.52
CA ASN A 14 -14.92 14.82 5.83
C ASN A 14 -13.45 15.18 5.67
N LEU A 15 -12.87 14.99 4.47
CA LEU A 15 -11.49 15.35 4.16
C LEU A 15 -11.46 16.18 2.87
N GLN A 16 -11.76 17.47 2.99
CA GLN A 16 -11.67 18.40 1.87
C GLN A 16 -10.27 19.03 1.83
N LEU A 17 -9.23 18.20 1.89
CA LEU A 17 -7.83 18.59 1.81
C LEU A 17 -7.00 17.34 1.50
N LYS A 18 -6.35 17.30 0.33
CA LYS A 18 -5.43 16.21 0.01
C LYS A 18 -4.08 16.53 0.67
N GLN A 19 -4.03 16.43 1.99
CA GLN A 19 -2.78 16.53 2.71
C GLN A 19 -1.96 15.27 2.46
N ASN A 20 -0.72 15.29 2.91
CA ASN A 20 0.19 14.17 2.86
C ASN A 20 -0.16 13.22 4.00
N VAL A 21 -0.95 12.21 3.66
CA VAL A 21 -1.39 11.15 4.56
C VAL A 21 -1.33 9.79 3.87
N LEU A 22 -0.85 8.77 4.60
CA LEU A 22 -0.80 7.40 4.09
C LEU A 22 -2.22 6.86 3.80
N PRO A 23 -2.41 6.01 2.77
CA PRO A 23 -3.66 5.28 2.55
C PRO A 23 -4.00 4.33 3.71
N PRO A 24 -5.26 3.87 3.80
CA PRO A 24 -5.75 3.04 4.91
C PRO A 24 -5.21 1.60 4.83
N THR A 25 -5.35 0.87 5.93
CA THR A 25 -4.70 -0.43 6.14
C THR A 25 -5.68 -1.36 6.86
N PRO A 26 -5.60 -2.70 6.69
CA PRO A 26 -6.51 -3.64 7.36
C PRO A 26 -6.29 -3.67 8.86
N LYS A 27 -7.38 -3.77 9.62
CA LYS A 27 -7.46 -3.82 11.07
C LYS A 27 -6.86 -5.07 11.74
N ASN A 28 -5.85 -5.69 11.14
CA ASN A 28 -5.40 -7.03 11.43
C ASN A 28 -3.93 -7.01 11.80
N ILE A 29 -3.16 -6.12 11.17
CA ILE A 29 -1.72 -5.94 11.33
C ILE A 29 -1.44 -4.46 11.01
N PRO A 30 -0.27 -3.88 11.33
CA PRO A 30 0.08 -2.52 10.93
C PRO A 30 0.68 -2.45 9.50
N LEU A 31 0.93 -1.24 8.96
CA LEU A 31 1.63 -1.00 7.68
C LEU A 31 2.86 -1.89 7.48
N PRO A 32 3.89 -1.88 8.36
CA PRO A 32 5.10 -2.65 8.11
C PRO A 32 4.88 -4.16 8.08
N ALA A 33 3.76 -4.68 8.59
CA ALA A 33 3.39 -6.07 8.37
C ALA A 33 2.71 -6.17 7.02
N PHE A 34 1.76 -5.26 6.75
CA PHE A 34 0.83 -5.33 5.62
C PHE A 34 1.48 -5.46 4.24
N GLY A 35 2.75 -5.12 4.10
CA GLY A 35 3.53 -5.46 2.92
C GLY A 35 4.51 -6.58 3.24
N GLN A 36 5.41 -6.31 4.20
CA GLN A 36 6.65 -7.06 4.35
C GLN A 36 6.44 -8.53 4.74
N ARG A 37 5.29 -8.89 5.31
CA ARG A 37 4.99 -10.26 5.73
C ARG A 37 3.69 -10.78 5.14
N ILE A 38 3.06 -10.02 4.24
CA ILE A 38 1.72 -10.32 3.70
C ILE A 38 1.78 -10.34 2.17
N ILE A 39 2.66 -9.53 1.56
CA ILE A 39 2.84 -9.35 0.12
C ILE A 39 4.19 -9.94 -0.32
N GLY A 40 5.12 -10.22 0.60
CA GLY A 40 6.41 -10.80 0.26
C GLY A 40 7.30 -9.82 -0.51
N TRP A 41 6.97 -8.53 -0.48
CA TRP A 41 7.66 -7.47 -1.21
C TRP A 41 8.95 -7.02 -0.52
N GLY A 42 9.51 -7.85 0.37
CA GLY A 42 10.63 -7.54 1.24
C GLY A 42 10.43 -6.18 1.85
N THR A 43 11.39 -5.27 1.64
CA THR A 43 11.42 -3.96 2.34
C THR A 43 12.56 -3.03 1.91
N GLY A 44 13.11 -3.19 0.71
CA GLY A 44 14.17 -2.28 0.28
C GLY A 44 14.44 -2.39 -1.20
N ALA A 45 13.44 -1.99 -1.98
CA ALA A 45 13.27 -2.27 -3.39
C ALA A 45 13.21 -3.78 -3.57
N GLU A 46 14.35 -4.45 -3.47
CA GLU A 46 14.71 -5.73 -4.05
C GLU A 46 13.57 -6.73 -3.88
N GLY A 47 12.96 -6.79 -2.69
CA GLY A 47 11.78 -7.57 -2.38
C GLY A 47 10.66 -7.48 -3.44
N ALA A 48 10.14 -6.27 -3.66
CA ALA A 48 9.05 -5.99 -4.58
C ALA A 48 9.47 -6.20 -6.03
N ARG A 49 10.77 -6.17 -6.35
CA ARG A 49 11.21 -6.51 -7.69
C ARG A 49 11.12 -8.02 -7.93
N GLN A 50 11.49 -8.87 -6.97
CA GLN A 50 11.52 -10.31 -7.25
C GLN A 50 10.13 -10.96 -7.19
N ARG A 51 9.11 -10.30 -6.64
CA ARG A 51 7.77 -10.88 -6.49
C ARG A 51 6.74 -10.30 -7.47
N LEU A 52 7.16 -9.67 -8.57
CA LEU A 52 6.29 -8.85 -9.42
C LEU A 52 6.14 -9.42 -10.82
N GLU A 53 7.22 -9.47 -11.59
CA GLU A 53 7.16 -9.88 -13.00
C GLU A 53 6.80 -11.36 -13.14
N ASN A 54 6.81 -12.09 -12.02
CA ASN A 54 6.49 -13.50 -11.86
C ASN A 54 5.41 -13.67 -10.78
N ILE A 55 4.28 -12.97 -10.93
CA ILE A 55 3.12 -13.18 -10.06
C ILE A 55 2.39 -14.46 -10.50
N GLN A 56 1.53 -15.00 -9.62
CA GLN A 56 0.62 -16.11 -9.88
C GLN A 56 -0.79 -15.64 -9.52
N PRO A 57 -1.86 -16.31 -9.96
CA PRO A 57 -3.22 -16.05 -9.50
C PRO A 57 -3.36 -16.40 -8.02
N ALA A 58 -2.65 -17.42 -7.53
CA ALA A 58 -2.67 -17.79 -6.12
C ALA A 58 -1.97 -16.75 -5.25
N ASP A 59 -1.00 -16.02 -5.81
CA ASP A 59 -0.35 -14.90 -5.12
C ASP A 59 -1.33 -13.74 -5.00
N VAL A 60 -2.46 -13.81 -5.69
CA VAL A 60 -3.57 -12.87 -5.66
C VAL A 60 -4.77 -13.41 -4.86
N SER A 61 -4.72 -14.65 -4.40
CA SER A 61 -5.72 -15.20 -3.50
C SER A 61 -5.34 -15.20 -2.02
N MET A 62 -4.08 -15.37 -1.68
CA MET A 62 -3.53 -15.54 -0.34
C MET A 62 -3.68 -14.28 0.53
N ILE A 63 -3.55 -13.08 -0.03
CA ILE A 63 -3.57 -11.81 0.69
C ILE A 63 -4.96 -11.61 1.30
N LYS A 64 -6.01 -12.09 0.63
CA LYS A 64 -7.37 -12.05 1.19
C LYS A 64 -7.41 -12.85 2.48
N LYS A 65 -6.72 -13.99 2.55
CA LYS A 65 -6.70 -14.85 3.72
C LYS A 65 -6.06 -14.16 4.93
N GLN A 66 -5.26 -13.12 4.72
CA GLN A 66 -4.65 -12.38 5.81
C GLN A 66 -5.61 -11.32 6.38
N GLY A 67 -6.71 -10.97 5.71
CA GLY A 67 -7.65 -9.95 6.16
C GLY A 67 -7.69 -8.75 5.23
N THR A 68 -7.70 -8.95 3.91
CA THR A 68 -7.51 -7.88 2.93
C THR A 68 -8.62 -7.88 1.88
N THR A 69 -8.84 -6.72 1.28
CA THR A 69 -9.83 -6.49 0.23
C THR A 69 -9.20 -5.74 -0.95
N LEU A 70 -9.92 -5.66 -2.06
CA LEU A 70 -9.46 -5.10 -3.33
C LEU A 70 -9.03 -3.67 -3.14
N GLU A 71 -9.87 -2.96 -2.41
CA GLU A 71 -9.84 -1.53 -2.38
C GLU A 71 -8.59 -1.06 -1.63
N MET A 72 -8.04 -1.92 -0.78
CA MET A 72 -6.77 -1.72 -0.10
C MET A 72 -5.65 -1.74 -1.14
N ILE A 73 -5.61 -2.79 -1.95
CA ILE A 73 -4.56 -3.02 -2.95
C ILE A 73 -4.51 -1.88 -3.94
N THR A 74 -5.66 -1.49 -4.47
CA THR A 74 -5.74 -0.39 -5.42
C THR A 74 -5.29 0.93 -4.77
N ALA A 75 -5.69 1.22 -3.52
CA ALA A 75 -5.32 2.48 -2.89
C ALA A 75 -3.81 2.55 -2.62
N TRP A 76 -3.21 1.40 -2.28
CA TRP A 76 -1.79 1.25 -2.03
C TRP A 76 -0.95 1.12 -3.29
N GLN A 77 -1.58 0.82 -4.44
CA GLN A 77 -0.94 0.92 -5.74
C GLN A 77 -0.84 2.40 -6.10
N ASP A 78 -2.00 3.04 -6.16
CA ASP A 78 -2.21 4.37 -6.72
C ASP A 78 -1.35 5.41 -6.02
N PHE A 79 -1.18 5.24 -4.70
CA PHE A 79 -0.32 6.05 -3.86
C PHE A 79 1.07 6.21 -4.47
N TYR A 80 1.70 5.08 -4.86
CA TYR A 80 3.01 5.12 -5.47
C TYR A 80 2.92 5.47 -6.95
N GLU A 81 1.85 5.13 -7.65
CA GLU A 81 1.75 5.34 -9.09
C GLU A 81 1.68 6.81 -9.51
N GLN A 82 1.37 7.75 -8.61
CA GLN A 82 1.67 9.17 -8.87
C GLN A 82 3.16 9.49 -8.67
N GLU A 83 3.86 8.82 -7.76
CA GLU A 83 5.23 9.17 -7.39
C GLU A 83 6.17 8.96 -8.56
N GLN A 84 5.86 7.99 -9.42
CA GLN A 84 6.74 7.63 -10.52
C GLN A 84 7.00 8.81 -11.46
N GLN A 85 6.02 9.71 -11.58
CA GLN A 85 6.10 10.92 -12.39
C GLN A 85 7.28 11.79 -11.97
N ARG A 86 7.64 11.77 -10.70
CA ARG A 86 8.68 12.60 -10.09
C ARG A 86 9.87 11.80 -9.60
N ASN A 87 9.73 10.49 -9.45
CA ASN A 87 10.71 9.55 -8.92
C ASN A 87 11.71 9.18 -10.01
N GLU A 88 12.55 10.14 -10.38
CA GLU A 88 13.62 9.96 -11.35
C GLU A 88 14.58 8.83 -10.95
N ASN A 89 14.68 8.50 -9.65
CA ASN A 89 15.63 7.51 -9.16
C ASN A 89 15.09 6.70 -7.97
N ASN A 90 13.77 6.65 -7.74
CA ASN A 90 13.17 5.87 -6.65
C ASN A 90 12.65 4.52 -7.14
N PRO A 91 13.47 3.46 -7.22
CA PRO A 91 13.01 2.15 -7.65
C PRO A 91 11.93 1.62 -6.71
N THR A 92 12.05 1.93 -5.42
CA THR A 92 11.27 1.31 -4.37
C THR A 92 9.76 1.53 -4.60
N ALA A 93 9.29 2.77 -4.74
CA ALA A 93 7.88 3.03 -5.08
C ALA A 93 7.53 2.38 -6.42
N LYS A 94 8.43 2.54 -7.40
CA LYS A 94 8.29 2.07 -8.77
C LYS A 94 7.82 0.63 -8.86
N TYR A 95 8.46 -0.27 -8.14
CA TYR A 95 8.10 -1.67 -8.21
C TYR A 95 6.88 -1.95 -7.31
N ARG A 96 6.76 -1.34 -6.13
CA ARG A 96 5.62 -1.55 -5.23
C ARG A 96 4.30 -1.31 -5.93
N ALA A 97 4.15 -0.16 -6.58
CA ALA A 97 2.96 0.21 -7.30
C ALA A 97 2.62 -0.88 -8.30
N ARG A 98 3.60 -1.23 -9.16
CA ARG A 98 3.44 -2.25 -10.17
C ARG A 98 3.13 -3.63 -9.59
N LEU A 99 3.59 -3.96 -8.38
CA LEU A 99 3.26 -5.18 -7.66
C LEU A 99 1.79 -5.18 -7.26
N MET A 100 1.42 -4.17 -6.47
CA MET A 100 0.03 -3.97 -6.03
C MET A 100 -0.91 -3.99 -7.23
N LYS A 101 -0.54 -3.34 -8.35
CA LYS A 101 -1.25 -3.39 -9.62
C LYS A 101 -1.53 -4.82 -10.05
N LYS A 102 -0.49 -5.66 -10.15
CA LYS A 102 -0.67 -7.04 -10.61
C LYS A 102 -1.49 -7.87 -9.62
N ILE A 103 -1.55 -7.48 -8.35
CA ILE A 103 -2.42 -8.10 -7.40
C ILE A 103 -3.86 -7.67 -7.67
N ALA A 104 -4.14 -6.40 -8.00
CA ALA A 104 -5.48 -5.99 -8.40
C ALA A 104 -5.88 -6.55 -9.77
N ASP A 105 -4.93 -7.00 -10.59
CA ASP A 105 -5.15 -7.44 -11.95
C ASP A 105 -5.90 -8.76 -11.95
N LEU A 106 -5.36 -9.71 -11.20
CA LEU A 106 -5.86 -11.07 -11.07
C LEU A 106 -6.93 -11.17 -9.99
N TRP A 107 -7.46 -10.03 -9.53
CA TRP A 107 -8.50 -10.00 -8.53
C TRP A 107 -9.78 -10.52 -9.18
N GLY A 1 1.23 14.40 15.39
CA GLY A 1 1.32 15.21 16.61
C GLY A 1 0.10 15.01 17.46
N THR A 2 -0.69 16.05 17.71
CA THR A 2 -1.95 15.91 18.44
C THR A 2 -2.95 16.91 17.86
N ASP A 3 -4.21 16.50 17.74
CA ASP A 3 -5.36 17.34 17.40
C ASP A 3 -6.52 16.83 18.24
N PHE A 4 -7.35 17.74 18.76
CA PHE A 4 -8.62 17.45 19.41
C PHE A 4 -9.39 18.77 19.59
N GLY A 5 -10.72 18.73 19.69
CA GLY A 5 -11.53 19.90 20.04
C GLY A 5 -12.47 20.30 18.92
N THR A 6 -13.65 19.67 18.83
CA THR A 6 -14.71 20.07 17.90
C THR A 6 -16.12 19.99 18.51
N THR A 7 -16.28 19.53 19.75
CA THR A 7 -17.58 19.14 20.32
C THR A 7 -18.63 20.27 20.32
N ASN A 8 -18.19 21.53 20.24
CA ASN A 8 -19.02 22.72 20.46
C ASN A 8 -19.37 23.42 19.14
N ASN A 9 -19.32 22.74 17.98
CA ASN A 9 -19.80 23.30 16.74
C ASN A 9 -20.38 22.17 15.89
N PHE A 10 -21.50 22.45 15.24
CA PHE A 10 -22.34 21.52 14.49
C PHE A 10 -22.02 21.49 12.99
N VAL A 11 -20.93 22.13 12.55
CA VAL A 11 -20.58 22.26 11.14
C VAL A 11 -19.36 21.39 10.84
N SER A 12 -19.17 21.11 9.55
CA SER A 12 -18.08 20.29 9.04
C SER A 12 -16.74 20.99 9.31
N PRO A 13 -15.63 20.25 9.48
CA PRO A 13 -14.33 20.84 9.76
C PRO A 13 -13.70 21.50 8.53
N ASN A 14 -12.48 22.01 8.69
CA ASN A 14 -11.84 22.93 7.74
C ASN A 14 -10.31 22.79 7.71
N LEU A 15 -9.82 21.57 7.95
CA LEU A 15 -8.43 21.29 8.21
C LEU A 15 -7.97 20.06 7.43
N GLN A 16 -8.24 20.03 6.13
CA GLN A 16 -7.68 19.01 5.22
C GLN A 16 -6.20 19.31 4.91
N LEU A 17 -5.43 19.64 5.95
CA LEU A 17 -4.02 19.98 5.94
C LEU A 17 -3.35 19.01 6.90
N LYS A 18 -2.80 17.90 6.38
CA LYS A 18 -1.92 17.00 7.13
C LYS A 18 -0.73 16.68 6.23
N GLN A 19 0.41 16.42 6.86
CA GLN A 19 1.59 15.93 6.19
C GLN A 19 1.37 14.52 5.62
N ASN A 20 2.39 13.95 5.01
CA ASN A 20 2.33 12.69 4.28
C ASN A 20 2.24 11.49 5.23
N VAL A 21 1.07 11.33 5.83
CA VAL A 21 0.65 10.11 6.49
C VAL A 21 0.55 9.01 5.42
N LEU A 22 0.52 7.75 5.85
CA LEU A 22 0.46 6.56 4.99
C LEU A 22 -0.98 6.07 4.79
N PRO A 23 -1.21 5.20 3.79
CA PRO A 23 -2.44 4.40 3.70
C PRO A 23 -2.64 3.49 4.92
N PRO A 24 -3.83 2.87 5.06
CA PRO A 24 -4.14 1.90 6.11
C PRO A 24 -3.51 0.53 5.84
N THR A 25 -3.45 -0.30 6.85
CA THR A 25 -2.83 -1.63 6.85
C THR A 25 -3.72 -2.59 7.67
N PRO A 26 -3.69 -3.92 7.43
CA PRO A 26 -4.53 -4.82 8.18
C PRO A 26 -4.06 -4.90 9.63
N LYS A 27 -4.98 -5.17 10.55
CA LYS A 27 -4.69 -5.26 11.99
C LYS A 27 -3.81 -6.43 12.41
N ASN A 28 -3.20 -7.10 11.45
CA ASN A 28 -2.60 -8.39 11.59
C ASN A 28 -1.14 -8.16 11.90
N ILE A 29 -0.44 -7.37 11.06
CA ILE A 29 1.01 -7.22 11.08
C ILE A 29 1.36 -5.75 10.73
N PRO A 30 2.57 -5.26 11.03
CA PRO A 30 3.03 -3.92 10.62
C PRO A 30 3.32 -3.86 9.11
N LEU A 31 3.40 -2.67 8.51
CA LEU A 31 3.75 -2.48 7.08
C LEU A 31 4.99 -3.29 6.66
N PRO A 32 6.17 -3.18 7.34
CA PRO A 32 7.34 -3.97 6.98
C PRO A 32 7.20 -5.48 7.26
N ALA A 33 6.03 -5.97 7.68
CA ALA A 33 5.66 -7.38 7.58
C ALA A 33 4.68 -7.56 6.42
N PHE A 34 3.66 -6.69 6.31
CA PHE A 34 2.55 -6.75 5.37
C PHE A 34 2.97 -6.90 3.91
N GLY A 35 4.20 -6.54 3.56
CA GLY A 35 4.78 -6.82 2.27
C GLY A 35 5.82 -7.93 2.39
N GLN A 36 6.87 -7.66 3.18
CA GLN A 36 8.13 -8.38 3.26
C GLN A 36 8.04 -9.86 3.67
N ARG A 37 6.88 -10.33 4.13
CA ARG A 37 6.66 -11.73 4.51
C ARG A 37 5.33 -12.28 4.00
N ILE A 38 4.65 -11.52 3.14
CA ILE A 38 3.25 -11.73 2.78
C ILE A 38 3.09 -11.67 1.26
N ILE A 39 3.69 -10.66 0.62
CA ILE A 39 3.54 -10.35 -0.80
C ILE A 39 4.68 -10.98 -1.60
N GLY A 40 5.83 -11.26 -0.98
CA GLY A 40 7.01 -11.73 -1.67
C GLY A 40 7.89 -10.59 -2.18
N TRP A 41 7.49 -9.32 -2.00
CA TRP A 41 8.12 -8.19 -2.66
C TRP A 41 9.48 -7.81 -2.06
N GLY A 42 10.11 -8.67 -1.27
CA GLY A 42 11.36 -8.44 -0.58
C GLY A 42 11.26 -7.16 0.20
N THR A 43 12.07 -6.15 -0.13
CA THR A 43 12.15 -4.92 0.68
C THR A 43 12.90 -3.81 -0.06
N GLY A 44 12.28 -3.20 -1.07
CA GLY A 44 12.95 -2.26 -1.94
C GLY A 44 12.51 -2.39 -3.38
N ALA A 45 13.48 -2.38 -4.28
CA ALA A 45 13.27 -2.46 -5.73
C ALA A 45 13.34 -3.92 -6.19
N GLU A 46 14.48 -4.59 -5.98
CA GLU A 46 14.79 -5.93 -6.46
C GLU A 46 13.70 -6.92 -6.07
N GLY A 47 13.30 -6.88 -4.80
CA GLY A 47 12.34 -7.85 -4.27
C GLY A 47 11.04 -7.81 -5.08
N ALA A 48 10.51 -6.59 -5.21
CA ALA A 48 9.29 -6.29 -5.90
C ALA A 48 9.41 -6.52 -7.41
N ARG A 49 10.62 -6.51 -8.00
CA ARG A 49 10.82 -6.83 -9.41
C ARG A 49 10.65 -8.34 -9.60
N GLN A 50 11.41 -9.13 -8.85
CA GLN A 50 11.53 -10.56 -9.06
C GLN A 50 10.23 -11.28 -8.71
N ARG A 51 9.34 -10.67 -7.93
CA ARG A 51 8.02 -11.23 -7.66
C ARG A 51 6.91 -10.61 -8.49
N LEU A 52 7.19 -9.59 -9.29
CA LEU A 52 6.17 -8.94 -10.10
C LEU A 52 6.00 -9.64 -11.42
N GLU A 53 7.01 -9.54 -12.30
CA GLU A 53 6.69 -9.65 -13.71
C GLU A 53 6.26 -11.07 -14.07
N ASN A 54 6.45 -12.00 -13.13
CA ASN A 54 6.18 -13.42 -13.19
C ASN A 54 5.13 -13.86 -12.16
N ILE A 55 4.25 -12.96 -11.72
CA ILE A 55 3.17 -13.32 -10.80
C ILE A 55 2.35 -14.49 -11.39
N GLN A 56 1.57 -15.16 -10.55
CA GLN A 56 0.68 -16.23 -10.94
C GLN A 56 -0.72 -16.02 -10.37
N PRO A 57 -1.72 -16.69 -10.95
CA PRO A 57 -3.11 -16.64 -10.53
C PRO A 57 -3.39 -17.28 -9.17
N ALA A 58 -2.41 -17.91 -8.53
CA ALA A 58 -2.53 -18.41 -7.16
C ALA A 58 -1.80 -17.52 -6.14
N ASP A 59 -0.82 -16.73 -6.58
CA ASP A 59 0.00 -15.91 -5.68
C ASP A 59 -0.81 -14.79 -5.05
N VAL A 60 -1.93 -14.41 -5.65
CA VAL A 60 -2.84 -13.45 -5.06
C VAL A 60 -3.65 -14.10 -3.93
N SER A 61 -4.13 -15.35 -4.12
CA SER A 61 -5.06 -15.97 -3.19
C SER A 61 -4.55 -16.05 -1.77
N MET A 62 -3.25 -16.28 -1.64
CA MET A 62 -2.51 -16.42 -0.40
C MET A 62 -2.67 -15.17 0.46
N ILE A 63 -2.63 -14.00 -0.15
CA ILE A 63 -2.62 -12.76 0.60
C ILE A 63 -3.93 -12.59 1.39
N LYS A 64 -5.05 -13.10 0.87
CA LYS A 64 -6.31 -13.04 1.61
C LYS A 64 -6.21 -13.88 2.88
N LYS A 65 -5.54 -15.04 2.80
CA LYS A 65 -5.37 -15.93 3.95
C LYS A 65 -4.55 -15.26 5.04
N GLN A 66 -3.77 -14.23 4.73
CA GLN A 66 -2.96 -13.51 5.70
C GLN A 66 -3.73 -12.38 6.39
N GLY A 67 -4.99 -12.14 6.01
CA GLY A 67 -5.83 -11.11 6.60
C GLY A 67 -5.79 -9.85 5.75
N THR A 68 -6.29 -9.90 4.52
CA THR A 68 -6.31 -8.73 3.62
C THR A 68 -7.61 -8.64 2.80
N THR A 69 -7.90 -7.47 2.23
CA THR A 69 -9.00 -7.16 1.32
C THR A 69 -8.47 -6.32 0.16
N LEU A 70 -9.27 -6.15 -0.91
CA LEU A 70 -8.85 -5.38 -2.09
C LEU A 70 -8.60 -3.92 -1.76
N GLU A 71 -9.34 -3.40 -0.77
CA GLU A 71 -9.18 -2.04 -0.25
C GLU A 71 -7.76 -1.79 0.27
N MET A 72 -7.08 -2.82 0.81
CA MET A 72 -5.72 -2.67 1.27
C MET A 72 -4.81 -2.50 0.05
N ILE A 73 -4.91 -3.42 -0.91
CA ILE A 73 -3.98 -3.52 -2.03
C ILE A 73 -4.04 -2.23 -2.85
N THR A 74 -5.25 -1.77 -3.14
CA THR A 74 -5.49 -0.53 -3.85
C THR A 74 -4.86 0.65 -3.11
N ALA A 75 -5.01 0.72 -1.78
CA ALA A 75 -4.49 1.86 -1.04
C ALA A 75 -2.96 1.96 -1.09
N TRP A 76 -2.26 0.83 -1.29
CA TRP A 76 -0.81 0.79 -1.38
C TRP A 76 -0.29 0.86 -2.82
N GLN A 77 -1.03 0.42 -3.86
CA GLN A 77 -0.49 0.52 -5.19
C GLN A 77 -0.45 2.00 -5.54
N ASP A 78 -1.58 2.69 -5.33
CA ASP A 78 -1.86 4.06 -5.73
C ASP A 78 -0.93 5.00 -5.00
N PHE A 79 -0.53 4.63 -3.78
CA PHE A 79 0.49 5.32 -3.02
C PHE A 79 1.77 5.39 -3.85
N TYR A 80 2.29 4.24 -4.26
CA TYR A 80 3.53 4.18 -5.02
C TYR A 80 3.37 4.70 -6.46
N GLU A 81 2.17 4.68 -7.03
CA GLU A 81 1.89 5.24 -8.37
C GLU A 81 2.23 6.74 -8.38
N GLN A 82 1.89 7.47 -7.31
CA GLN A 82 2.16 8.91 -7.25
C GLN A 82 3.66 9.23 -7.17
N GLU A 83 4.48 8.28 -6.71
CA GLU A 83 5.92 8.48 -6.62
C GLU A 83 6.48 8.51 -8.04
N GLN A 84 5.97 7.65 -8.93
CA GLN A 84 6.50 7.54 -10.27
C GLN A 84 6.22 8.80 -11.06
N GLN A 85 4.96 9.25 -11.05
CA GLN A 85 4.56 10.38 -11.88
C GLN A 85 5.38 11.62 -11.53
N ARG A 86 5.60 11.90 -10.25
CA ARG A 86 6.36 13.07 -9.84
C ARG A 86 7.84 12.91 -10.17
N ASN A 87 8.42 11.72 -9.99
CA ASN A 87 9.85 11.49 -10.10
C ASN A 87 10.12 10.11 -10.71
N GLU A 88 10.40 10.11 -12.02
CA GLU A 88 10.57 8.90 -12.85
C GLU A 88 11.78 8.02 -12.44
N ASN A 89 12.56 8.40 -11.43
CA ASN A 89 13.81 7.74 -11.05
C ASN A 89 13.64 6.95 -9.74
N ASN A 90 12.49 6.31 -9.51
CA ASN A 90 12.12 5.77 -8.20
C ASN A 90 11.62 4.34 -8.34
N PRO A 91 12.52 3.41 -8.68
CA PRO A 91 12.17 2.05 -9.07
C PRO A 91 11.61 1.25 -7.90
N THR A 92 11.98 1.57 -6.65
CA THR A 92 11.40 0.97 -5.45
C THR A 92 9.88 1.09 -5.53
N ALA A 93 9.37 2.31 -5.56
CA ALA A 93 7.94 2.56 -5.68
C ALA A 93 7.41 1.95 -6.97
N LYS A 94 8.09 2.12 -8.11
CA LYS A 94 7.64 1.56 -9.38
C LYS A 94 7.27 0.09 -9.28
N TYR A 95 8.21 -0.75 -8.84
CA TYR A 95 7.96 -2.17 -8.77
C TYR A 95 6.83 -2.49 -7.77
N ARG A 96 6.77 -1.82 -6.60
CA ARG A 96 5.69 -2.02 -5.65
C ARG A 96 4.33 -1.70 -6.26
N ALA A 97 4.18 -0.55 -6.93
CA ALA A 97 2.94 -0.15 -7.60
C ALA A 97 2.56 -1.24 -8.60
N ARG A 98 3.45 -1.54 -9.55
CA ARG A 98 3.20 -2.45 -10.65
C ARG A 98 2.79 -3.83 -10.14
N LEU A 99 3.36 -4.26 -9.01
CA LEU A 99 3.01 -5.49 -8.33
C LEU A 99 1.61 -5.40 -7.75
N MET A 100 1.35 -4.46 -6.83
CA MET A 100 0.07 -4.32 -6.14
C MET A 100 -1.08 -4.12 -7.15
N LYS A 101 -0.89 -3.30 -8.20
CA LYS A 101 -1.74 -3.22 -9.39
C LYS A 101 -2.13 -4.60 -9.92
N LYS A 102 -1.16 -5.46 -10.25
CA LYS A 102 -1.47 -6.80 -10.74
C LYS A 102 -2.20 -7.66 -9.70
N ILE A 103 -1.94 -7.48 -8.41
CA ILE A 103 -2.64 -8.22 -7.36
C ILE A 103 -4.12 -7.80 -7.38
N ALA A 104 -4.42 -6.51 -7.55
CA ALA A 104 -5.78 -5.99 -7.69
C ALA A 104 -6.43 -6.31 -9.05
N ASP A 105 -5.65 -6.78 -10.02
CA ASP A 105 -6.13 -7.19 -11.34
C ASP A 105 -6.63 -8.62 -11.22
N LEU A 106 -5.71 -9.48 -10.79
CA LEU A 106 -5.88 -10.90 -10.57
C LEU A 106 -6.55 -11.19 -9.23
N TRP A 107 -7.32 -10.25 -8.70
CA TRP A 107 -8.11 -10.47 -7.50
C TRP A 107 -9.18 -11.53 -7.77
N GLY A 1 1.49 9.27 11.66
CA GLY A 1 2.81 9.77 12.06
C GLY A 1 2.93 11.20 11.55
N THR A 2 3.55 12.09 12.34
CA THR A 2 3.47 13.53 12.13
C THR A 2 2.00 13.95 11.95
N ASP A 3 1.13 13.38 12.80
CA ASP A 3 -0.29 13.69 12.91
C ASP A 3 -0.45 14.55 14.15
N PHE A 4 -0.73 15.83 13.97
CA PHE A 4 -1.05 16.77 15.04
C PHE A 4 -2.00 17.84 14.49
N GLY A 5 -2.80 18.43 15.36
CA GLY A 5 -3.89 19.34 14.99
C GLY A 5 -5.16 18.52 14.79
N THR A 6 -6.00 18.41 15.82
CA THR A 6 -7.35 17.85 15.74
C THR A 6 -8.32 18.57 16.69
N THR A 7 -7.86 19.56 17.45
CA THR A 7 -8.50 20.10 18.65
C THR A 7 -9.87 20.75 18.39
N ASN A 8 -10.18 21.07 17.13
CA ASN A 8 -11.31 21.90 16.71
C ASN A 8 -12.12 21.19 15.63
N ASN A 9 -12.09 19.85 15.62
CA ASN A 9 -12.57 19.03 14.54
C ASN A 9 -13.62 18.05 15.06
N PHE A 10 -14.85 18.26 14.62
CA PHE A 10 -15.99 17.38 14.85
C PHE A 10 -15.86 16.08 14.04
N VAL A 11 -16.92 15.28 13.94
CA VAL A 11 -16.90 13.94 13.37
C VAL A 11 -18.05 13.87 12.36
N SER A 12 -17.75 14.08 11.08
CA SER A 12 -18.71 13.97 9.98
C SER A 12 -17.94 13.73 8.66
N PRO A 13 -18.62 13.31 7.58
CA PRO A 13 -18.02 13.11 6.26
C PRO A 13 -17.62 14.44 5.61
N ASN A 14 -16.48 14.98 6.03
CA ASN A 14 -15.85 16.12 5.39
C ASN A 14 -14.43 16.24 5.93
N LEU A 15 -13.45 15.74 5.20
CA LEU A 15 -12.03 15.93 5.50
C LEU A 15 -11.36 16.11 4.16
N GLN A 16 -11.04 17.36 3.80
CA GLN A 16 -10.41 17.70 2.53
C GLN A 16 -8.91 18.00 2.70
N LEU A 17 -8.39 17.74 3.90
CA LEU A 17 -7.11 18.21 4.41
C LEU A 17 -6.05 17.13 4.23
N LYS A 18 -5.53 17.01 3.01
CA LYS A 18 -4.48 16.05 2.69
C LYS A 18 -3.18 16.49 3.35
N GLN A 19 -2.59 15.62 4.16
CA GLN A 19 -1.33 15.82 4.87
C GLN A 19 -0.48 14.56 4.65
N ASN A 20 0.74 14.53 5.19
CA ASN A 20 1.66 13.41 5.05
C ASN A 20 1.23 12.30 6.03
N VAL A 21 0.34 11.42 5.59
CA VAL A 21 -0.22 10.34 6.41
C VAL A 21 -0.38 9.07 5.56
N LEU A 22 0.11 7.94 6.08
CA LEU A 22 0.04 6.66 5.39
C LEU A 22 -1.40 6.16 5.34
N PRO A 23 -1.79 5.38 4.31
CA PRO A 23 -3.04 4.63 4.30
C PRO A 23 -3.12 3.60 5.45
N PRO A 24 -4.31 3.09 5.76
CA PRO A 24 -4.52 2.11 6.83
C PRO A 24 -4.09 0.70 6.42
N THR A 25 -4.16 -0.22 7.38
CA THR A 25 -3.75 -1.61 7.28
C THR A 25 -4.85 -2.49 7.87
N PRO A 26 -4.86 -3.81 7.61
CA PRO A 26 -5.77 -4.72 8.30
C PRO A 26 -5.39 -4.81 9.77
N LYS A 27 -6.36 -5.10 10.64
CA LYS A 27 -6.14 -5.14 12.10
C LYS A 27 -5.31 -6.34 12.58
N ASN A 28 -4.67 -7.05 11.67
CA ASN A 28 -3.89 -8.23 11.89
C ASN A 28 -2.49 -7.75 12.28
N ILE A 29 -1.76 -7.10 11.37
CA ILE A 29 -0.30 -6.93 11.48
C ILE A 29 0.14 -5.48 11.19
N PRO A 30 1.33 -5.04 11.65
CA PRO A 30 1.84 -3.70 11.39
C PRO A 30 2.17 -3.51 9.90
N LEU A 31 2.33 -2.26 9.44
CA LEU A 31 2.75 -1.93 8.08
C LEU A 31 4.00 -2.74 7.66
N PRO A 32 5.12 -2.74 8.40
CA PRO A 32 6.29 -3.54 8.05
C PRO A 32 6.08 -5.07 8.07
N ALA A 33 4.89 -5.58 8.42
CA ALA A 33 4.52 -6.98 8.28
C ALA A 33 3.57 -7.17 7.09
N PHE A 34 2.65 -6.22 6.85
CA PHE A 34 1.57 -6.32 5.86
C PHE A 34 2.06 -6.50 4.40
N GLY A 35 3.36 -6.39 4.12
CA GLY A 35 3.93 -6.61 2.81
C GLY A 35 5.02 -7.66 2.85
N GLN A 36 6.02 -7.46 3.72
CA GLN A 36 7.23 -8.27 3.73
C GLN A 36 6.98 -9.75 4.07
N ARG A 37 5.82 -10.09 4.67
CA ARG A 37 5.45 -11.45 5.06
C ARG A 37 4.04 -11.82 4.58
N ILE A 38 3.51 -11.06 3.62
CA ILE A 38 2.12 -11.15 3.17
C ILE A 38 2.10 -11.05 1.65
N ILE A 39 2.46 -9.88 1.11
CA ILE A 39 2.47 -9.60 -0.32
C ILE A 39 3.56 -10.42 -1.02
N GLY A 40 4.70 -10.62 -0.36
CA GLY A 40 5.87 -11.28 -0.94
C GLY A 40 6.95 -10.29 -1.38
N TRP A 41 6.73 -8.98 -1.24
CA TRP A 41 7.52 -7.94 -1.90
C TRP A 41 8.92 -7.71 -1.30
N GLY A 42 9.46 -8.66 -0.55
CA GLY A 42 10.76 -8.59 0.09
C GLY A 42 10.71 -7.51 1.14
N THR A 43 11.29 -6.33 0.88
CA THR A 43 10.98 -5.14 1.67
C THR A 43 11.32 -3.83 0.97
N GLY A 44 11.59 -3.89 -0.32
CA GLY A 44 12.22 -2.78 -1.03
C GLY A 44 11.87 -2.78 -2.49
N ALA A 45 12.55 -1.91 -3.23
CA ALA A 45 12.46 -1.80 -4.69
C ALA A 45 12.72 -3.17 -5.30
N GLU A 46 13.86 -3.76 -4.96
CA GLU A 46 14.30 -5.07 -5.38
C GLU A 46 13.21 -6.12 -5.16
N GLY A 47 12.74 -6.27 -3.91
CA GLY A 47 11.73 -7.27 -3.59
C GLY A 47 10.46 -7.06 -4.41
N ALA A 48 9.95 -5.82 -4.43
CA ALA A 48 8.74 -5.47 -5.15
C ALA A 48 8.92 -5.53 -6.66
N ARG A 49 10.15 -5.66 -7.19
CA ARG A 49 10.42 -5.83 -8.62
C ARG A 49 10.38 -7.32 -8.92
N GLN A 50 11.23 -8.08 -8.22
CA GLN A 50 11.46 -9.50 -8.45
C GLN A 50 10.20 -10.29 -8.13
N ARG A 51 9.32 -9.76 -7.29
CA ARG A 51 8.06 -10.41 -6.93
C ARG A 51 6.86 -9.64 -7.50
N LEU A 52 7.04 -8.77 -8.49
CA LEU A 52 5.96 -8.17 -9.27
C LEU A 52 5.88 -8.82 -10.62
N GLU A 53 6.94 -8.72 -11.41
CA GLU A 53 6.79 -8.70 -12.87
C GLU A 53 6.28 -10.04 -13.42
N ASN A 54 6.27 -11.05 -12.57
CA ASN A 54 6.07 -12.46 -12.84
C ASN A 54 5.12 -13.06 -11.81
N ILE A 55 4.15 -12.27 -11.32
CA ILE A 55 3.19 -12.65 -10.28
C ILE A 55 2.39 -13.88 -10.72
N GLN A 56 1.69 -14.52 -9.79
CA GLN A 56 0.79 -15.62 -10.09
C GLN A 56 -0.58 -15.33 -9.48
N PRO A 57 -1.66 -15.99 -9.97
CA PRO A 57 -3.00 -15.85 -9.41
C PRO A 57 -3.13 -16.39 -7.99
N ALA A 58 -2.15 -17.17 -7.52
CA ALA A 58 -2.09 -17.64 -6.15
C ALA A 58 -1.51 -16.58 -5.21
N ASP A 59 -0.54 -15.79 -5.69
CA ASP A 59 0.18 -14.83 -4.85
C ASP A 59 -0.77 -13.71 -4.40
N VAL A 60 -1.91 -13.54 -5.06
CA VAL A 60 -3.00 -12.65 -4.65
C VAL A 60 -3.98 -13.41 -3.75
N SER A 61 -4.44 -14.59 -4.16
CA SER A 61 -5.25 -15.49 -3.35
C SER A 61 -4.45 -16.17 -2.23
N MET A 62 -3.51 -15.46 -1.63
CA MET A 62 -3.00 -15.71 -0.29
C MET A 62 -3.25 -14.47 0.58
N ILE A 63 -3.10 -13.25 0.03
CA ILE A 63 -3.32 -11.99 0.72
C ILE A 63 -4.73 -11.93 1.28
N LYS A 64 -5.71 -12.37 0.47
CA LYS A 64 -7.11 -12.40 0.84
C LYS A 64 -7.34 -13.23 2.10
N LYS A 65 -6.56 -14.30 2.31
CA LYS A 65 -6.72 -15.16 3.47
C LYS A 65 -6.16 -14.52 4.74
N GLN A 66 -5.32 -13.50 4.62
CA GLN A 66 -4.68 -12.87 5.76
C GLN A 66 -5.51 -11.66 6.27
N GLY A 67 -6.81 -11.65 6.01
CA GLY A 67 -7.71 -10.64 6.57
C GLY A 67 -7.66 -9.33 5.81
N THR A 68 -7.53 -9.40 4.48
CA THR A 68 -7.31 -8.26 3.61
C THR A 68 -8.45 -8.16 2.59
N THR A 69 -8.78 -6.94 2.18
CA THR A 69 -9.77 -6.68 1.13
C THR A 69 -9.13 -5.88 0.00
N LEU A 70 -9.85 -5.73 -1.11
CA LEU A 70 -9.39 -4.99 -2.28
C LEU A 70 -9.10 -3.53 -1.90
N GLU A 71 -9.88 -2.97 -0.98
CA GLU A 71 -9.66 -1.61 -0.49
C GLU A 71 -8.30 -1.43 0.18
N MET A 72 -7.74 -2.52 0.71
CA MET A 72 -6.43 -2.50 1.34
C MET A 72 -5.29 -2.62 0.33
N ILE A 73 -5.57 -2.83 -0.95
CA ILE A 73 -4.55 -2.85 -1.99
C ILE A 73 -4.55 -1.49 -2.67
N THR A 74 -5.75 -0.95 -2.95
CA THR A 74 -5.89 0.24 -3.77
C THR A 74 -5.25 1.47 -3.14
N ALA A 75 -5.28 1.62 -1.82
CA ALA A 75 -4.82 2.85 -1.18
C ALA A 75 -3.30 2.88 -1.04
N TRP A 76 -2.69 1.73 -0.72
CA TRP A 76 -1.25 1.55 -0.66
C TRP A 76 -0.64 1.72 -2.04
N GLN A 77 -1.33 1.25 -3.07
CA GLN A 77 -0.91 1.46 -4.44
C GLN A 77 -0.80 2.95 -4.70
N ASP A 78 -1.93 3.65 -4.57
CA ASP A 78 -2.06 4.99 -5.12
C ASP A 78 -1.24 6.00 -4.30
N PHE A 79 -1.01 5.71 -3.02
CA PHE A 79 -0.01 6.39 -2.20
C PHE A 79 1.35 6.34 -2.89
N TYR A 80 1.82 5.14 -3.28
CA TYR A 80 3.12 5.02 -3.93
C TYR A 80 3.12 5.59 -5.34
N GLU A 81 2.00 5.58 -6.06
CA GLU A 81 1.92 6.27 -7.35
C GLU A 81 2.09 7.77 -7.15
N GLN A 82 1.38 8.32 -6.18
CA GLN A 82 1.43 9.72 -5.77
C GLN A 82 2.74 10.13 -5.09
N GLU A 83 3.67 9.21 -4.83
CA GLU A 83 5.02 9.53 -4.36
C GLU A 83 6.14 9.16 -5.36
N GLN A 84 5.81 8.59 -6.52
CA GLN A 84 6.84 8.17 -7.49
C GLN A 84 7.11 9.27 -8.49
N GLN A 85 6.05 9.71 -9.16
CA GLN A 85 6.04 10.72 -10.22
C GLN A 85 6.83 11.98 -9.84
N ARG A 86 6.63 12.44 -8.60
CA ARG A 86 7.26 13.64 -8.03
C ARG A 86 8.79 13.57 -8.05
N ASN A 87 9.38 12.37 -8.10
CA ASN A 87 10.81 12.16 -8.11
C ASN A 87 11.10 10.89 -8.88
N GLU A 88 11.44 11.03 -10.17
CA GLU A 88 11.65 9.93 -11.12
C GLU A 88 12.61 8.85 -10.60
N ASN A 89 13.47 9.20 -9.64
CA ASN A 89 14.52 8.38 -9.07
C ASN A 89 14.04 7.34 -8.04
N ASN A 90 12.74 7.21 -7.75
CA ASN A 90 12.27 6.45 -6.58
C ASN A 90 11.63 5.10 -6.96
N PRO A 91 12.42 4.05 -7.22
CA PRO A 91 11.92 2.76 -7.68
C PRO A 91 11.16 2.02 -6.57
N THR A 92 11.42 2.36 -5.30
CA THR A 92 10.81 1.68 -4.17
C THR A 92 9.29 1.78 -4.32
N ALA A 93 8.75 3.00 -4.26
CA ALA A 93 7.35 3.25 -4.48
C ALA A 93 6.87 2.67 -5.82
N LYS A 94 7.61 2.95 -6.89
CA LYS A 94 7.25 2.55 -8.23
C LYS A 94 6.84 1.09 -8.32
N TYR A 95 7.70 0.19 -7.87
CA TYR A 95 7.44 -1.23 -7.91
C TYR A 95 6.36 -1.63 -6.91
N ARG A 96 6.32 -1.07 -5.68
CA ARG A 96 5.25 -1.35 -4.73
C ARG A 96 3.88 -1.08 -5.33
N ALA A 97 3.71 0.06 -6.00
CA ALA A 97 2.48 0.40 -6.70
C ALA A 97 2.17 -0.64 -7.77
N ARG A 98 3.12 -0.91 -8.67
CA ARG A 98 2.88 -1.78 -9.80
C ARG A 98 2.49 -3.19 -9.38
N LEU A 99 3.09 -3.65 -8.28
CA LEU A 99 2.75 -4.91 -7.64
C LEU A 99 1.29 -4.87 -7.19
N MET A 100 0.91 -3.86 -6.39
CA MET A 100 -0.47 -3.66 -5.95
C MET A 100 -1.45 -3.62 -7.14
N LYS A 101 -1.12 -2.97 -8.25
CA LYS A 101 -1.95 -2.94 -9.47
C LYS A 101 -2.26 -4.37 -9.89
N LYS A 102 -1.21 -5.15 -10.19
CA LYS A 102 -1.34 -6.53 -10.66
C LYS A 102 -2.15 -7.37 -9.66
N ILE A 103 -1.93 -7.18 -8.35
CA ILE A 103 -2.69 -7.84 -7.30
C ILE A 103 -4.18 -7.54 -7.50
N ALA A 104 -4.54 -6.25 -7.55
CA ALA A 104 -5.91 -5.81 -7.74
C ALA A 104 -6.49 -6.31 -9.07
N ASP A 105 -5.66 -6.66 -10.03
CA ASP A 105 -6.06 -7.09 -11.37
C ASP A 105 -6.53 -8.55 -11.35
N LEU A 106 -6.08 -9.31 -10.36
CA LEU A 106 -6.21 -10.76 -10.20
C LEU A 106 -6.98 -11.06 -8.90
N TRP A 107 -7.74 -10.09 -8.41
CA TRP A 107 -8.41 -10.17 -7.13
C TRP A 107 -9.56 -11.19 -7.14
N GLY A 1 -1.46 5.20 25.02
CA GLY A 1 -2.78 5.66 24.57
C GLY A 1 -3.27 4.83 23.39
N THR A 2 -3.69 5.48 22.30
CA THR A 2 -4.19 4.90 21.06
C THR A 2 -5.47 4.07 21.27
N ASP A 3 -6.62 4.54 20.78
CA ASP A 3 -7.88 3.78 20.82
C ASP A 3 -8.83 4.31 19.77
N PHE A 4 -9.77 3.49 19.29
CA PHE A 4 -10.72 3.90 18.27
C PHE A 4 -12.05 3.18 18.46
N GLY A 5 -13.13 3.95 18.36
CA GLY A 5 -14.49 3.44 18.42
C GLY A 5 -15.18 3.80 17.12
N THR A 6 -15.92 4.91 17.08
CA THR A 6 -16.81 5.24 15.96
C THR A 6 -16.71 6.74 15.59
N THR A 7 -15.62 7.41 15.96
CA THR A 7 -15.38 8.84 15.76
C THR A 7 -15.10 9.20 14.27
N ASN A 8 -15.81 8.60 13.31
CA ASN A 8 -15.85 9.00 11.89
C ASN A 8 -17.30 9.21 11.43
N ASN A 9 -18.29 9.04 12.32
CA ASN A 9 -19.72 9.18 12.00
C ASN A 9 -20.15 10.65 11.94
N PHE A 10 -19.53 11.43 11.05
CA PHE A 10 -19.85 12.81 10.73
C PHE A 10 -19.01 13.23 9.52
N VAL A 11 -19.33 14.38 8.92
CA VAL A 11 -18.56 15.02 7.85
C VAL A 11 -17.10 15.24 8.30
N SER A 12 -16.16 14.48 7.75
CA SER A 12 -14.75 14.75 8.00
C SER A 12 -14.38 16.09 7.35
N PRO A 13 -13.40 16.83 7.88
CA PRO A 13 -13.05 18.14 7.34
C PRO A 13 -12.32 18.00 6.00
N ASN A 14 -12.07 19.14 5.35
CA ASN A 14 -11.25 19.26 4.16
C ASN A 14 -9.99 19.95 4.60
N LEU A 15 -8.86 19.36 4.24
CA LEU A 15 -7.60 20.08 4.12
C LEU A 15 -7.06 19.81 2.72
N GLN A 16 -7.01 20.86 1.90
CA GLN A 16 -6.51 20.82 0.53
C GLN A 16 -4.97 20.85 0.48
N LEU A 17 -4.29 20.33 1.51
CA LEU A 17 -2.89 20.51 1.80
C LEU A 17 -2.46 19.13 2.28
N LYS A 18 -1.41 18.62 1.67
CA LYS A 18 -0.85 17.29 1.85
C LYS A 18 0.66 17.41 1.87
N GLN A 19 1.27 17.49 3.05
CA GLN A 19 2.71 17.42 3.21
C GLN A 19 3.16 15.96 3.01
N ASN A 20 4.48 15.76 3.10
CA ASN A 20 5.14 14.51 2.77
C ASN A 20 5.07 13.51 3.93
N VAL A 21 3.92 12.87 4.08
CA VAL A 21 3.67 11.88 5.11
C VAL A 21 3.23 10.57 4.47
N LEU A 22 3.73 9.45 5.01
CA LEU A 22 3.39 8.13 4.53
C LEU A 22 1.92 7.83 4.89
N PRO A 23 1.17 7.12 4.03
CA PRO A 23 -0.23 6.78 4.32
C PRO A 23 -0.36 5.79 5.50
N PRO A 24 -1.58 5.64 6.07
CA PRO A 24 -1.83 4.84 7.27
C PRO A 24 -1.74 3.33 7.02
N THR A 25 -1.91 2.51 8.07
CA THR A 25 -1.74 1.05 8.03
C THR A 25 -2.70 0.31 8.95
N PRO A 26 -2.93 -1.02 8.76
CA PRO A 26 -3.83 -1.78 9.61
C PRO A 26 -3.22 -1.95 11.00
N LYS A 27 -4.06 -2.18 12.01
CA LYS A 27 -3.62 -2.24 13.41
C LYS A 27 -3.02 -3.60 13.78
N ASN A 28 -2.06 -4.07 12.98
CA ASN A 28 -1.42 -5.34 13.16
C ASN A 28 0.09 -5.21 13.14
N ILE A 29 0.69 -4.48 12.19
CA ILE A 29 2.15 -4.51 11.96
C ILE A 29 2.65 -3.13 11.43
N PRO A 30 3.96 -2.84 11.44
CA PRO A 30 4.53 -1.60 10.88
C PRO A 30 4.67 -1.64 9.35
N LEU A 31 4.98 -0.51 8.69
CA LEU A 31 5.28 -0.40 7.26
C LEU A 31 6.21 -1.50 6.77
N PRO A 32 7.45 -1.65 7.28
CA PRO A 32 8.37 -2.71 6.86
C PRO A 32 7.94 -4.14 7.23
N ALA A 33 6.74 -4.34 7.78
CA ALA A 33 6.12 -5.65 7.95
C ALA A 33 4.90 -5.79 7.05
N PHE A 34 4.08 -4.75 6.92
CA PHE A 34 2.85 -4.75 6.12
C PHE A 34 3.10 -5.04 4.65
N GLY A 35 4.35 -4.94 4.20
CA GLY A 35 4.81 -5.28 2.88
C GLY A 35 5.52 -6.62 2.96
N GLN A 36 6.69 -6.59 3.58
CA GLN A 36 7.67 -7.66 3.65
C GLN A 36 7.01 -8.97 4.06
N ARG A 37 6.40 -8.99 5.24
CA ARG A 37 5.93 -10.19 5.91
C ARG A 37 4.48 -10.53 5.54
N ILE A 38 3.93 -9.92 4.48
CA ILE A 38 2.52 -10.02 4.12
C ILE A 38 2.41 -10.19 2.59
N ILE A 39 2.79 -9.14 1.87
CA ILE A 39 2.73 -9.02 0.41
C ILE A 39 3.79 -9.93 -0.23
N GLY A 40 4.88 -10.25 0.47
CA GLY A 40 5.97 -11.03 -0.12
C GLY A 40 6.83 -10.21 -1.09
N TRP A 41 6.60 -8.90 -1.18
CA TRP A 41 7.29 -7.96 -2.07
C TRP A 41 8.77 -7.75 -1.75
N GLY A 42 9.40 -8.60 -0.93
CA GLY A 42 10.72 -8.40 -0.39
C GLY A 42 10.84 -6.99 0.19
N THR A 43 11.75 -6.17 -0.35
CA THR A 43 12.17 -4.91 0.25
C THR A 43 13.19 -4.23 -0.66
N GLY A 44 12.66 -3.57 -1.69
CA GLY A 44 13.43 -2.78 -2.61
C GLY A 44 12.68 -2.63 -3.90
N ALA A 45 13.21 -3.28 -4.93
CA ALA A 45 12.72 -3.23 -6.30
C ALA A 45 12.49 -4.65 -6.78
N GLU A 46 13.55 -5.45 -6.69
CA GLU A 46 13.56 -6.84 -7.12
C GLU A 46 12.46 -7.63 -6.40
N GLY A 47 12.27 -7.41 -5.10
CA GLY A 47 11.23 -8.10 -4.35
C GLY A 47 9.84 -7.83 -4.96
N ALA A 48 9.54 -6.55 -5.17
CA ALA A 48 8.27 -6.10 -5.70
C ALA A 48 8.14 -6.38 -7.19
N ARG A 49 9.21 -6.77 -7.89
CA ARG A 49 9.12 -7.21 -9.27
C ARG A 49 8.71 -8.69 -9.25
N GLN A 50 9.39 -9.49 -8.44
CA GLN A 50 9.31 -10.94 -8.49
C GLN A 50 7.94 -11.43 -8.04
N ARG A 51 7.19 -10.66 -7.25
CA ARG A 51 5.83 -11.06 -6.88
C ARG A 51 4.74 -10.33 -7.66
N LEU A 52 5.08 -9.33 -8.48
CA LEU A 52 4.14 -8.55 -9.29
C LEU A 52 3.79 -9.29 -10.58
N GLU A 53 4.80 -9.57 -11.42
CA GLU A 53 4.59 -9.77 -12.86
C GLU A 53 3.95 -11.13 -13.19
N ASN A 54 3.70 -11.89 -12.14
CA ASN A 54 3.28 -13.28 -12.10
C ASN A 54 2.31 -13.50 -10.93
N ILE A 55 1.75 -12.42 -10.36
CA ILE A 55 0.93 -12.45 -9.17
C ILE A 55 -0.33 -13.29 -9.41
N GLN A 56 -0.82 -13.95 -8.36
CA GLN A 56 -1.90 -14.90 -8.50
C GLN A 56 -3.12 -14.34 -7.75
N PRO A 57 -4.34 -14.78 -8.10
CA PRO A 57 -5.56 -14.43 -7.38
C PRO A 57 -5.53 -14.92 -5.92
N ALA A 58 -4.68 -15.89 -5.59
CA ALA A 58 -4.54 -16.36 -4.23
C ALA A 58 -3.59 -15.51 -3.40
N ASP A 59 -2.72 -14.71 -4.02
CA ASP A 59 -1.72 -13.90 -3.33
C ASP A 59 -2.35 -12.58 -2.86
N VAL A 60 -3.45 -12.14 -3.50
CA VAL A 60 -4.30 -11.07 -2.97
C VAL A 60 -5.10 -11.67 -1.81
N SER A 61 -5.76 -12.80 -2.08
CA SER A 61 -6.57 -13.59 -1.17
C SER A 61 -5.75 -14.38 -0.13
N MET A 62 -4.67 -13.78 0.37
CA MET A 62 -4.00 -14.15 1.61
C MET A 62 -3.80 -12.92 2.51
N ILE A 63 -3.61 -11.75 1.90
CA ILE A 63 -3.37 -10.49 2.60
C ILE A 63 -4.63 -10.09 3.34
N LYS A 64 -5.81 -10.22 2.72
CA LYS A 64 -7.09 -9.88 3.32
C LYS A 64 -7.25 -10.54 4.69
N LYS A 65 -6.78 -11.77 4.82
CA LYS A 65 -6.92 -12.56 6.05
C LYS A 65 -6.04 -12.03 7.17
N GLN A 66 -5.03 -11.23 6.87
CA GLN A 66 -4.16 -10.63 7.88
C GLN A 66 -4.77 -9.36 8.50
N GLY A 67 -5.90 -8.88 8.00
CA GLY A 67 -6.55 -7.67 8.51
C GLY A 67 -6.28 -6.52 7.58
N THR A 68 -6.65 -6.65 6.32
CA THR A 68 -6.42 -5.64 5.31
C THR A 68 -7.71 -5.50 4.50
N THR A 69 -8.03 -4.27 4.12
CA THR A 69 -9.14 -3.93 3.25
C THR A 69 -8.60 -3.35 1.95
N LEU A 70 -9.50 -3.19 0.98
CA LEU A 70 -9.19 -2.68 -0.33
C LEU A 70 -8.56 -1.33 -0.25
N GLU A 71 -9.20 -0.49 0.55
CA GLU A 71 -8.97 0.93 0.53
C GLU A 71 -7.57 1.28 1.11
N MET A 72 -6.93 0.29 1.73
CA MET A 72 -5.57 0.30 2.23
C MET A 72 -4.60 0.31 1.04
N ILE A 73 -4.86 -0.56 0.07
CA ILE A 73 -3.99 -0.88 -1.05
C ILE A 73 -3.97 0.27 -2.04
N THR A 74 -5.12 0.86 -2.29
CA THR A 74 -5.29 1.95 -3.24
C THR A 74 -4.55 3.21 -2.79
N ALA A 75 -4.49 3.47 -1.49
CA ALA A 75 -3.67 4.58 -0.99
C ALA A 75 -2.18 4.29 -1.17
N TRP A 76 -1.78 3.02 -1.06
CA TRP A 76 -0.38 2.65 -1.15
C TRP A 76 0.11 2.62 -2.59
N GLN A 77 -0.70 2.22 -3.58
CA GLN A 77 -0.22 2.15 -4.94
C GLN A 77 0.08 3.59 -5.39
N ASP A 78 -0.88 4.48 -5.18
CA ASP A 78 -0.85 5.86 -5.63
C ASP A 78 0.33 6.59 -4.97
N PHE A 79 0.64 6.24 -3.72
CA PHE A 79 1.79 6.85 -3.01
C PHE A 79 3.09 6.59 -3.76
N TYR A 80 3.28 5.38 -4.29
CA TYR A 80 4.47 5.03 -5.04
C TYR A 80 4.38 5.49 -6.49
N GLU A 81 3.19 5.69 -7.06
CA GLU A 81 3.01 6.24 -8.40
C GLU A 81 3.45 7.70 -8.43
N GLN A 82 3.20 8.45 -7.36
CA GLN A 82 3.71 9.79 -7.15
C GLN A 82 5.24 9.87 -7.17
N GLU A 83 5.97 8.77 -6.90
CA GLU A 83 7.44 8.80 -6.88
C GLU A 83 7.98 8.87 -8.30
N GLN A 84 7.28 8.23 -9.24
CA GLN A 84 7.71 8.22 -10.62
C GLN A 84 7.60 9.63 -11.20
N GLN A 85 6.57 10.39 -10.82
CA GLN A 85 6.38 11.70 -11.45
C GLN A 85 7.59 12.60 -11.20
N ARG A 86 8.19 12.52 -9.99
CA ARG A 86 9.42 13.25 -9.69
C ARG A 86 10.62 12.62 -10.38
N ASN A 87 10.88 11.32 -10.18
CA ASN A 87 12.09 10.69 -10.69
C ASN A 87 11.84 9.24 -11.10
N GLU A 88 11.11 9.04 -12.19
CA GLU A 88 10.71 7.78 -12.84
C GLU A 88 11.84 6.78 -13.13
N ASN A 89 13.09 7.13 -12.85
CA ASN A 89 14.27 6.26 -12.94
C ASN A 89 14.36 5.30 -11.74
N ASN A 90 13.28 5.15 -10.97
CA ASN A 90 13.19 4.60 -9.63
C ASN A 90 12.36 3.30 -9.62
N PRO A 91 12.95 2.17 -10.06
CA PRO A 91 12.23 0.91 -10.18
C PRO A 91 11.64 0.43 -8.85
N THR A 92 12.17 0.89 -7.70
CA THR A 92 11.75 0.58 -6.35
C THR A 92 10.25 0.83 -6.21
N ALA A 93 9.90 2.11 -6.18
CA ALA A 93 8.55 2.61 -6.10
C ALA A 93 7.74 2.09 -7.27
N LYS A 94 8.30 2.13 -8.49
CA LYS A 94 7.60 1.71 -9.69
C LYS A 94 7.06 0.29 -9.58
N TYR A 95 7.82 -0.64 -9.01
CA TYR A 95 7.32 -1.98 -8.75
C TYR A 95 6.30 -2.00 -7.60
N ARG A 96 6.57 -1.32 -6.46
CA ARG A 96 5.62 -1.28 -5.33
C ARG A 96 4.23 -0.79 -5.76
N ALA A 97 4.19 0.32 -6.50
CA ALA A 97 3.01 0.91 -7.12
C ALA A 97 2.26 -0.16 -7.89
N ARG A 98 2.93 -0.67 -8.92
CA ARG A 98 2.38 -1.64 -9.85
C ARG A 98 1.81 -2.85 -9.14
N LEU A 99 2.48 -3.32 -8.08
CA LEU A 99 2.08 -4.51 -7.32
C LEU A 99 0.79 -4.22 -6.57
N MET A 100 0.75 -3.15 -5.78
CA MET A 100 -0.47 -2.73 -5.08
C MET A 100 -1.63 -2.52 -6.05
N LYS A 101 -1.40 -1.82 -7.17
CA LYS A 101 -2.35 -1.73 -8.27
C LYS A 101 -2.91 -3.08 -8.69
N LYS A 102 -2.04 -4.07 -8.94
CA LYS A 102 -2.46 -5.43 -9.30
C LYS A 102 -3.27 -6.11 -8.20
N ILE A 103 -2.91 -5.91 -6.94
CA ILE A 103 -3.66 -6.46 -5.82
C ILE A 103 -5.09 -5.88 -5.87
N ALA A 104 -5.21 -4.56 -6.03
CA ALA A 104 -6.48 -3.84 -6.14
C ALA A 104 -7.23 -4.15 -7.44
N ASP A 105 -6.63 -4.87 -8.39
CA ASP A 105 -7.24 -5.29 -9.66
C ASP A 105 -7.91 -6.68 -9.53
N LEU A 106 -7.52 -7.43 -8.50
CA LEU A 106 -7.92 -8.81 -8.25
C LEU A 106 -8.69 -8.93 -6.93
N TRP A 107 -9.21 -7.80 -6.45
CA TRP A 107 -9.79 -7.69 -5.13
C TRP A 107 -11.07 -8.50 -4.98
N GLY A 1 -7.95 17.73 43.63
CA GLY A 1 -6.65 17.07 43.60
C GLY A 1 -5.85 17.67 42.46
N THR A 2 -5.66 16.91 41.38
CA THR A 2 -5.31 17.43 40.07
C THR A 2 -6.04 16.48 39.12
N ASP A 3 -7.14 16.97 38.52
CA ASP A 3 -8.36 16.17 38.38
C ASP A 3 -8.87 16.21 36.93
N PHE A 4 -8.03 16.63 35.98
CA PHE A 4 -8.46 17.08 34.65
C PHE A 4 -7.63 16.37 33.58
N GLY A 5 -8.21 16.19 32.38
CA GLY A 5 -7.53 15.50 31.29
C GLY A 5 -8.48 15.27 30.12
N THR A 6 -9.00 16.34 29.52
CA THR A 6 -10.07 16.33 28.53
C THR A 6 -9.59 16.82 27.15
N THR A 7 -8.30 17.09 27.00
CA THR A 7 -7.68 17.91 25.97
C THR A 7 -7.66 17.27 24.56
N ASN A 8 -8.52 16.30 24.23
CA ASN A 8 -8.56 15.69 22.91
C ASN A 8 -9.99 15.43 22.43
N ASN A 9 -10.89 16.38 22.67
CA ASN A 9 -12.23 16.39 22.11
C ASN A 9 -12.54 17.82 21.69
N PHE A 10 -12.23 18.19 20.45
CA PHE A 10 -12.52 19.50 19.87
C PHE A 10 -12.60 19.37 18.35
N VAL A 11 -13.18 20.38 17.69
CA VAL A 11 -13.30 20.51 16.25
C VAL A 11 -12.06 21.23 15.70
N SER A 12 -11.78 21.06 14.41
CA SER A 12 -10.68 21.72 13.71
C SER A 12 -11.22 22.77 12.72
N PRO A 13 -10.42 23.77 12.33
CA PRO A 13 -10.79 24.73 11.30
C PRO A 13 -10.71 24.12 9.89
N ASN A 14 -11.13 24.91 8.90
CA ASN A 14 -11.08 24.61 7.49
C ASN A 14 -9.63 24.39 7.07
N LEU A 15 -9.40 23.16 6.65
CA LEU A 15 -8.28 22.72 5.83
C LEU A 15 -8.76 22.65 4.39
N GLN A 16 -8.47 23.68 3.61
CA GLN A 16 -8.65 23.69 2.17
C GLN A 16 -7.31 23.42 1.45
N LEU A 17 -6.43 22.61 2.07
CA LEU A 17 -5.05 22.39 1.64
C LEU A 17 -4.84 20.88 1.45
N LYS A 18 -5.38 20.36 0.36
CA LYS A 18 -5.37 18.93 0.08
C LYS A 18 -3.93 18.47 -0.20
N GLN A 19 -3.65 17.18 -0.02
CA GLN A 19 -2.30 16.65 0.03
C GLN A 19 -2.27 15.15 -0.28
N ASN A 20 -1.08 14.57 -0.35
CA ASN A 20 -0.81 13.17 -0.65
C ASN A 20 -1.17 12.27 0.54
N VAL A 21 -2.46 12.15 0.81
CA VAL A 21 -3.00 11.14 1.70
C VAL A 21 -2.69 9.75 1.10
N LEU A 22 -2.73 8.70 1.92
CA LEU A 22 -2.53 7.32 1.46
C LEU A 22 -3.86 6.71 1.00
N PRO A 23 -3.84 5.73 0.09
CA PRO A 23 -5.02 4.99 -0.35
C PRO A 23 -5.69 4.19 0.78
N PRO A 24 -6.86 3.59 0.51
CA PRO A 24 -7.54 2.66 1.42
C PRO A 24 -6.66 1.42 1.72
N THR A 25 -7.10 0.58 2.66
CA THR A 25 -6.35 -0.59 3.12
C THR A 25 -7.29 -1.52 3.91
N PRO A 26 -6.99 -2.82 4.03
CA PRO A 26 -7.87 -3.75 4.73
C PRO A 26 -7.81 -3.51 6.24
N LYS A 27 -8.94 -3.67 6.93
CA LYS A 27 -9.10 -3.38 8.37
C LYS A 27 -8.52 -4.47 9.27
N ASN A 28 -7.32 -4.93 8.96
CA ASN A 28 -6.71 -6.13 9.48
C ASN A 28 -5.31 -5.87 10.01
N ILE A 29 -4.52 -5.01 9.37
CA ILE A 29 -3.13 -4.74 9.71
C ILE A 29 -2.78 -3.29 9.32
N PRO A 30 -1.69 -2.70 9.82
CA PRO A 30 -1.20 -1.39 9.38
C PRO A 30 -0.52 -1.47 8.01
N LEU A 31 -0.31 -0.30 7.36
CA LEU A 31 0.44 -0.17 6.11
C LEU A 31 1.76 -0.96 6.13
N PRO A 32 2.68 -0.76 7.11
CA PRO A 32 3.93 -1.54 7.21
C PRO A 32 3.76 -3.04 7.47
N ALA A 33 2.54 -3.57 7.51
CA ALA A 33 2.24 -5.00 7.50
C ALA A 33 1.54 -5.40 6.20
N PHE A 34 0.75 -4.51 5.58
CA PHE A 34 0.04 -4.77 4.32
C PHE A 34 0.96 -4.92 3.09
N GLY A 35 2.25 -5.16 3.27
CA GLY A 35 2.99 -5.87 2.25
C GLY A 35 4.19 -6.61 2.79
N GLN A 36 4.81 -6.09 3.85
CA GLN A 36 5.96 -6.72 4.48
C GLN A 36 5.69 -8.16 4.93
N ARG A 37 4.42 -8.55 5.19
CA ARG A 37 4.05 -9.93 5.49
C ARG A 37 2.78 -10.36 4.77
N ILE A 38 2.43 -9.68 3.67
CA ILE A 38 1.17 -9.87 2.95
C ILE A 38 1.37 -9.86 1.42
N ILE A 39 2.38 -9.15 0.89
CA ILE A 39 2.58 -8.94 -0.55
C ILE A 39 3.97 -9.47 -0.97
N GLY A 40 4.75 -10.02 -0.03
CA GLY A 40 6.05 -10.61 -0.31
C GLY A 40 7.14 -9.58 -0.59
N TRP A 41 6.81 -8.29 -0.59
CA TRP A 41 7.67 -7.25 -1.14
C TRP A 41 8.79 -6.83 -0.22
N GLY A 42 9.04 -7.60 0.85
CA GLY A 42 10.01 -7.34 1.89
C GLY A 42 9.87 -5.90 2.35
N THR A 43 10.90 -5.10 2.09
CA THR A 43 10.87 -3.69 2.41
C THR A 43 11.59 -2.94 1.29
N GLY A 44 11.16 -1.69 1.05
CA GLY A 44 11.81 -0.80 0.12
C GLY A 44 11.56 -1.18 -1.34
N ALA A 45 12.51 -0.80 -2.20
CA ALA A 45 12.47 -1.10 -3.63
C ALA A 45 12.78 -2.58 -3.87
N GLU A 46 13.88 -3.07 -3.29
CA GLU A 46 14.45 -4.34 -3.57
C GLU A 46 13.49 -5.47 -3.29
N GLY A 47 12.82 -5.51 -2.13
CA GLY A 47 11.97 -6.65 -1.83
C GLY A 47 10.83 -6.80 -2.85
N ALA A 48 10.31 -5.69 -3.38
CA ALA A 48 9.33 -5.70 -4.45
C ALA A 48 9.96 -6.22 -5.75
N ARG A 49 11.17 -5.77 -6.09
CA ARG A 49 11.95 -6.25 -7.23
C ARG A 49 12.21 -7.75 -7.11
N GLN A 50 12.42 -8.26 -5.90
CA GLN A 50 12.73 -9.65 -5.66
C GLN A 50 11.53 -10.53 -5.97
N ARG A 51 10.31 -10.10 -5.63
CA ARG A 51 9.13 -10.96 -5.81
C ARG A 51 8.45 -10.75 -7.15
N LEU A 52 8.43 -9.53 -7.67
CA LEU A 52 7.74 -9.14 -8.90
C LEU A 52 7.99 -10.13 -10.02
N GLU A 53 9.25 -10.33 -10.36
CA GLU A 53 9.63 -10.90 -11.64
C GLU A 53 9.39 -12.41 -11.68
N ASN A 54 9.04 -13.00 -10.54
CA ASN A 54 9.09 -14.41 -10.25
C ASN A 54 8.08 -14.75 -9.16
N ILE A 55 6.91 -14.11 -9.20
CA ILE A 55 5.84 -14.41 -8.26
C ILE A 55 5.36 -15.84 -8.50
N GLN A 56 4.66 -16.42 -7.53
CA GLN A 56 4.05 -17.73 -7.66
C GLN A 56 2.57 -17.59 -7.32
N PRO A 57 1.73 -18.52 -7.78
CA PRO A 57 0.28 -18.48 -7.56
C PRO A 57 -0.06 -18.55 -6.07
N ALA A 58 0.72 -19.27 -5.27
CA ALA A 58 0.42 -19.37 -3.84
C ALA A 58 0.59 -18.01 -3.14
N ASP A 59 1.39 -17.11 -3.71
CA ASP A 59 1.72 -15.82 -3.11
C ASP A 59 0.66 -14.76 -3.38
N VAL A 60 -0.29 -15.02 -4.28
CA VAL A 60 -1.53 -14.27 -4.38
C VAL A 60 -2.61 -14.96 -3.54
N SER A 61 -2.68 -16.29 -3.55
CA SER A 61 -3.58 -17.11 -2.74
C SER A 61 -3.27 -17.10 -1.23
N MET A 62 -2.59 -16.09 -0.72
CA MET A 62 -2.47 -15.72 0.68
C MET A 62 -3.31 -14.46 0.91
N ILE A 63 -3.28 -13.51 -0.02
CA ILE A 63 -3.83 -12.17 0.10
C ILE A 63 -5.32 -12.24 0.40
N LYS A 64 -6.02 -13.21 -0.17
CA LYS A 64 -7.46 -13.33 -0.02
C LYS A 64 -7.85 -13.76 1.39
N LYS A 65 -6.97 -14.51 2.06
CA LYS A 65 -7.12 -14.93 3.44
C LYS A 65 -6.88 -13.79 4.43
N GLN A 66 -6.32 -12.67 3.98
CA GLN A 66 -5.85 -11.57 4.80
C GLN A 66 -6.86 -10.43 4.84
N GLY A 67 -8.13 -10.76 4.59
CA GLY A 67 -9.21 -9.80 4.64
C GLY A 67 -9.12 -8.81 3.49
N THR A 68 -8.50 -9.20 2.37
CA THR A 68 -8.22 -8.33 1.25
C THR A 68 -8.97 -8.79 -0.01
N THR A 69 -9.15 -7.89 -0.97
CA THR A 69 -9.84 -8.08 -2.25
C THR A 69 -8.94 -7.51 -3.36
N LEU A 70 -9.29 -7.78 -4.62
CA LEU A 70 -8.57 -7.27 -5.79
C LEU A 70 -8.64 -5.75 -5.85
N GLU A 71 -9.72 -5.15 -5.35
CA GLU A 71 -9.91 -3.71 -5.19
C GLU A 71 -8.80 -3.04 -4.37
N MET A 72 -8.18 -3.78 -3.43
CA MET A 72 -7.05 -3.26 -2.68
C MET A 72 -5.83 -3.14 -3.61
N ILE A 73 -5.63 -4.14 -4.45
CA ILE A 73 -4.45 -4.33 -5.27
C ILE A 73 -4.46 -3.35 -6.44
N THR A 74 -5.62 -3.10 -7.04
CA THR A 74 -5.79 -2.08 -8.07
C THR A 74 -5.42 -0.71 -7.51
N ALA A 75 -5.93 -0.34 -6.33
CA ALA A 75 -5.67 0.99 -5.80
C ALA A 75 -4.19 1.17 -5.48
N TRP A 76 -3.58 0.21 -4.77
CA TRP A 76 -2.17 0.27 -4.41
C TRP A 76 -1.24 0.07 -5.60
N GLN A 77 -1.75 -0.38 -6.75
CA GLN A 77 -1.01 -0.33 -7.99
C GLN A 77 -1.05 1.09 -8.52
N ASP A 78 -2.25 1.57 -8.82
CA ASP A 78 -2.46 2.77 -9.62
C ASP A 78 -1.97 4.02 -8.90
N PHE A 79 -1.97 3.98 -7.55
CA PHE A 79 -1.36 4.97 -6.69
C PHE A 79 0.09 5.24 -7.11
N TYR A 80 0.88 4.20 -7.36
CA TYR A 80 2.28 4.33 -7.71
C TYR A 80 2.51 4.42 -9.21
N GLU A 81 1.71 3.76 -10.03
CA GLU A 81 1.85 3.82 -11.49
C GLU A 81 1.81 5.25 -12.03
N GLN A 82 1.10 6.17 -11.36
CA GLN A 82 1.11 7.58 -11.73
C GLN A 82 2.42 8.28 -11.32
N GLU A 83 3.09 7.83 -10.25
CA GLU A 83 4.29 8.46 -9.72
C GLU A 83 5.42 8.32 -10.71
N GLN A 84 5.46 7.19 -11.43
CA GLN A 84 6.51 6.95 -12.41
C GLN A 84 6.54 8.03 -13.49
N GLN A 85 5.38 8.62 -13.80
CA GLN A 85 5.25 9.62 -14.86
C GLN A 85 5.84 10.94 -14.37
N ARG A 86 5.43 11.42 -13.20
CA ARG A 86 6.00 12.63 -12.61
C ARG A 86 7.46 12.45 -12.24
N ASN A 87 7.93 11.26 -11.88
CA ASN A 87 9.31 10.99 -11.55
C ASN A 87 9.68 9.52 -11.80
N GLU A 88 10.37 9.26 -12.92
CA GLU A 88 10.97 7.95 -13.23
C GLU A 88 11.98 7.51 -12.17
N ASN A 89 12.50 8.47 -11.41
CA ASN A 89 13.60 8.28 -10.48
C ASN A 89 13.24 7.51 -9.21
N ASN A 90 11.99 7.03 -9.04
CA ASN A 90 11.52 6.34 -7.84
C ASN A 90 11.30 4.84 -8.04
N PRO A 91 12.34 4.00 -7.90
CA PRO A 91 12.20 2.56 -8.06
C PRO A 91 11.33 1.95 -6.96
N THR A 92 11.28 2.54 -5.75
CA THR A 92 10.47 2.00 -4.65
C THR A 92 9.00 1.92 -5.07
N ALA A 93 8.48 3.00 -5.66
CA ALA A 93 7.15 3.08 -6.24
C ALA A 93 7.04 2.10 -7.41
N LYS A 94 7.97 2.17 -8.35
CA LYS A 94 7.96 1.43 -9.60
C LYS A 94 7.76 -0.07 -9.39
N TYR A 95 8.66 -0.72 -8.65
CA TYR A 95 8.63 -2.16 -8.47
C TYR A 95 7.32 -2.60 -7.80
N ARG A 96 6.87 -1.91 -6.74
CA ARG A 96 5.66 -2.36 -6.04
C ARG A 96 4.39 -2.18 -6.85
N ALA A 97 4.28 -1.16 -7.71
CA ALA A 97 3.17 -1.02 -8.63
C ALA A 97 3.14 -2.24 -9.57
N ARG A 98 4.27 -2.54 -10.20
CA ARG A 98 4.40 -3.69 -11.08
C ARG A 98 4.08 -5.01 -10.38
N LEU A 99 4.48 -5.16 -9.11
CA LEU A 99 4.20 -6.33 -8.31
C LEU A 99 2.70 -6.52 -8.14
N MET A 100 1.98 -5.48 -7.75
CA MET A 100 0.52 -5.50 -7.69
C MET A 100 -0.09 -5.97 -9.03
N LYS A 101 0.46 -5.52 -10.17
CA LYS A 101 -0.03 -5.92 -11.49
C LYS A 101 0.01 -7.44 -11.68
N LYS A 102 1.12 -8.06 -11.28
CA LYS A 102 1.24 -9.51 -11.32
C LYS A 102 0.28 -10.21 -10.38
N ILE A 103 0.05 -9.68 -9.19
CA ILE A 103 -0.95 -10.24 -8.27
C ILE A 103 -2.32 -10.24 -8.97
N ALA A 104 -2.68 -9.12 -9.59
CA ALA A 104 -3.93 -8.91 -10.30
C ALA A 104 -4.02 -9.63 -11.66
N ASP A 105 -3.04 -10.44 -12.02
CA ASP A 105 -3.03 -11.28 -13.22
C ASP A 105 -3.38 -12.73 -12.85
N LEU A 106 -3.35 -13.04 -11.56
CA LEU A 106 -3.41 -14.39 -10.98
C LEU A 106 -4.58 -14.56 -10.01
N TRP A 107 -5.51 -13.60 -9.99
CA TRP A 107 -6.46 -13.42 -8.89
C TRP A 107 -7.62 -14.41 -8.97
N GLY A 1 4.97 12.24 19.45
CA GLY A 1 5.73 11.26 18.67
C GLY A 1 4.81 10.12 18.30
N THR A 2 4.96 8.96 18.94
CA THR A 2 4.14 7.77 18.71
C THR A 2 2.69 8.04 19.10
N ASP A 3 1.83 8.37 18.14
CA ASP A 3 0.37 8.42 18.32
C ASP A 3 -0.28 7.22 17.66
N PHE A 4 -1.58 7.03 17.87
CA PHE A 4 -2.47 6.16 17.11
C PHE A 4 -3.91 6.59 17.40
N GLY A 5 -4.85 6.19 16.55
CA GLY A 5 -6.28 6.34 16.79
C GLY A 5 -6.97 6.93 15.59
N THR A 6 -7.05 6.17 14.50
CA THR A 6 -7.44 6.62 13.17
C THR A 6 -8.71 5.90 12.69
N THR A 7 -9.52 5.38 13.62
CA THR A 7 -10.47 4.31 13.40
C THR A 7 -11.86 4.80 12.89
N ASN A 8 -12.00 6.04 12.39
CA ASN A 8 -13.33 6.61 12.15
C ASN A 8 -13.50 7.44 10.88
N ASN A 9 -12.53 7.45 9.95
CA ASN A 9 -12.60 8.24 8.73
C ASN A 9 -12.72 7.25 7.58
N PHE A 10 -13.84 7.34 6.86
CA PHE A 10 -14.23 6.48 5.76
C PHE A 10 -14.63 7.33 4.54
N VAL A 11 -13.89 8.41 4.29
CA VAL A 11 -14.18 9.37 3.22
C VAL A 11 -12.88 9.70 2.49
N SER A 12 -12.93 9.78 1.16
CA SER A 12 -11.81 10.20 0.34
C SER A 12 -12.23 11.37 -0.56
N PRO A 13 -12.45 12.58 0.00
CA PRO A 13 -12.66 13.77 -0.81
C PRO A 13 -11.38 14.09 -1.61
N ASN A 14 -11.54 14.89 -2.67
CA ASN A 14 -10.61 15.00 -3.80
C ASN A 14 -9.28 15.72 -3.50
N LEU A 15 -8.90 15.86 -2.23
CA LEU A 15 -7.83 16.70 -1.72
C LEU A 15 -6.48 15.96 -1.76
N GLN A 16 -5.75 15.99 -2.88
CA GLN A 16 -4.43 15.34 -3.01
C GLN A 16 -3.29 16.17 -2.39
N LEU A 17 -3.61 17.29 -1.75
CA LEU A 17 -2.68 18.33 -1.31
C LEU A 17 -2.63 18.47 0.21
N LYS A 18 -2.52 17.32 0.84
CA LYS A 18 -2.34 17.15 2.28
C LYS A 18 -0.85 17.23 2.61
N GLN A 19 -0.50 17.40 3.90
CA GLN A 19 0.88 17.34 4.35
C GLN A 19 1.43 15.91 4.26
N ASN A 20 2.76 15.82 4.40
CA ASN A 20 3.61 14.64 4.40
C ASN A 20 3.32 13.81 5.64
N VAL A 21 2.38 12.90 5.55
CA VAL A 21 2.13 11.89 6.56
C VAL A 21 1.73 10.58 5.88
N LEU A 22 1.94 9.46 6.57
CA LEU A 22 1.60 8.13 6.06
C LEU A 22 0.07 7.95 6.07
N PRO A 23 -0.48 7.14 5.16
CA PRO A 23 -1.83 6.59 5.30
C PRO A 23 -1.93 5.65 6.52
N PRO A 24 -3.16 5.26 6.91
CA PRO A 24 -3.37 4.33 8.03
C PRO A 24 -2.91 2.90 7.72
N THR A 25 -2.94 1.99 8.69
CA THR A 25 -2.62 0.56 8.51
C THR A 25 -3.66 -0.30 9.22
N PRO A 26 -3.78 -1.60 8.89
CA PRO A 26 -4.71 -2.49 9.56
C PRO A 26 -4.29 -2.63 11.03
N LYS A 27 -5.28 -2.81 11.91
CA LYS A 27 -5.10 -2.99 13.34
C LYS A 27 -4.57 -4.39 13.68
N ASN A 28 -3.55 -4.86 12.96
CA ASN A 28 -3.01 -6.19 13.05
C ASN A 28 -1.50 -6.08 13.15
N ILE A 29 -0.83 -5.32 12.28
CA ILE A 29 0.63 -5.28 12.22
C ILE A 29 1.09 -3.87 11.79
N PRO A 30 2.36 -3.47 12.01
CA PRO A 30 2.88 -2.15 11.63
C PRO A 30 3.18 -2.06 10.14
N LEU A 31 3.51 -0.85 9.65
CA LEU A 31 3.99 -0.61 8.29
C LEU A 31 5.12 -1.59 7.92
N PRO A 32 6.24 -1.68 8.68
CA PRO A 32 7.31 -2.64 8.42
C PRO A 32 6.93 -4.15 8.53
N ALA A 33 5.66 -4.49 8.71
CA ALA A 33 5.13 -5.84 8.56
C ALA A 33 4.05 -5.93 7.48
N PHE A 34 3.21 -4.90 7.31
CA PHE A 34 2.01 -4.91 6.47
C PHE A 34 2.28 -5.19 4.99
N GLY A 35 3.53 -5.08 4.54
CA GLY A 35 3.95 -5.49 3.22
C GLY A 35 4.96 -6.60 3.33
N GLN A 36 5.99 -6.40 4.15
CA GLN A 36 7.10 -7.29 4.40
C GLN A 36 6.70 -8.76 4.62
N ARG A 37 5.59 -9.04 5.31
CA ARG A 37 5.13 -10.41 5.62
C ARG A 37 3.69 -10.68 5.16
N ILE A 38 3.14 -9.87 4.26
CA ILE A 38 1.72 -9.96 3.86
C ILE A 38 1.59 -9.86 2.33
N ILE A 39 2.40 -9.00 1.70
CA ILE A 39 2.32 -8.61 0.29
C ILE A 39 3.50 -9.28 -0.46
N GLY A 40 4.46 -9.90 0.23
CA GLY A 40 5.60 -10.54 -0.41
C GLY A 40 6.52 -9.56 -1.12
N TRP A 41 6.38 -8.26 -0.87
CA TRP A 41 7.10 -7.20 -1.57
C TRP A 41 8.51 -6.98 -1.02
N GLY A 42 9.03 -7.97 -0.29
CA GLY A 42 10.30 -7.97 0.41
C GLY A 42 10.42 -6.70 1.20
N THR A 43 11.43 -5.93 0.86
CA THR A 43 11.57 -4.56 1.27
C THR A 43 12.36 -3.85 0.19
N GLY A 44 11.76 -2.81 -0.38
CA GLY A 44 12.37 -1.97 -1.38
C GLY A 44 11.75 -2.21 -2.74
N ALA A 45 12.47 -1.73 -3.76
CA ALA A 45 12.06 -1.68 -5.15
C ALA A 45 12.00 -3.11 -5.72
N GLU A 46 13.10 -3.83 -5.58
CA GLU A 46 13.31 -5.22 -5.98
C GLU A 46 12.17 -6.09 -5.49
N GLY A 47 11.98 -6.12 -4.16
CA GLY A 47 11.02 -6.99 -3.53
C GLY A 47 9.63 -6.81 -4.15
N ALA A 48 9.20 -5.55 -4.32
CA ALA A 48 7.93 -5.24 -4.94
C ALA A 48 7.88 -5.67 -6.41
N ARG A 49 8.96 -5.52 -7.19
CA ARG A 49 8.97 -5.81 -8.61
C ARG A 49 8.74 -7.30 -8.82
N GLN A 50 9.57 -8.12 -8.18
CA GLN A 50 9.64 -9.55 -8.40
C GLN A 50 8.34 -10.23 -7.97
N ARG A 51 7.49 -9.58 -7.16
CA ARG A 51 6.19 -10.13 -6.81
C ARG A 51 5.09 -9.60 -7.71
N LEU A 52 5.08 -8.28 -7.94
CA LEU A 52 4.12 -7.56 -8.76
C LEU A 52 3.93 -8.19 -10.12
N GLU A 53 5.01 -8.19 -10.91
CA GLU A 53 4.82 -8.16 -12.34
C GLU A 53 4.08 -9.41 -12.81
N ASN A 54 4.12 -10.48 -12.00
CA ASN A 54 3.79 -11.84 -12.31
C ASN A 54 2.82 -12.46 -11.30
N ILE A 55 2.21 -11.64 -10.44
CA ILE A 55 1.33 -12.03 -9.33
C ILE A 55 0.12 -12.85 -9.81
N GLN A 56 -0.52 -13.59 -8.91
CA GLN A 56 -1.68 -14.43 -9.22
C GLN A 56 -2.91 -13.90 -8.48
N PRO A 57 -4.13 -14.33 -8.85
CA PRO A 57 -5.33 -14.01 -8.08
C PRO A 57 -5.25 -14.59 -6.66
N ALA A 58 -4.66 -15.78 -6.49
CA ALA A 58 -4.60 -16.38 -5.16
C ALA A 58 -3.72 -15.57 -4.21
N ASP A 59 -2.71 -14.87 -4.76
CA ASP A 59 -1.81 -13.99 -4.01
C ASP A 59 -2.57 -12.78 -3.47
N VAL A 60 -3.76 -12.48 -3.98
CA VAL A 60 -4.61 -11.40 -3.52
C VAL A 60 -5.53 -11.93 -2.42
N SER A 61 -6.17 -13.07 -2.63
CA SER A 61 -7.03 -13.77 -1.66
C SER A 61 -6.27 -14.39 -0.46
N MET A 62 -5.07 -13.92 -0.15
CA MET A 62 -4.36 -14.11 1.12
C MET A 62 -4.42 -12.83 1.95
N ILE A 63 -4.39 -11.66 1.32
CA ILE A 63 -4.19 -10.36 1.97
C ILE A 63 -5.39 -10.03 2.87
N LYS A 64 -6.61 -10.39 2.47
CA LYS A 64 -7.80 -10.08 3.24
C LYS A 64 -7.83 -10.91 4.52
N LYS A 65 -7.28 -12.13 4.51
CA LYS A 65 -7.18 -12.96 5.69
C LYS A 65 -6.32 -12.30 6.77
N GLN A 66 -5.44 -11.37 6.38
CA GLN A 66 -4.59 -10.67 7.31
C GLN A 66 -5.27 -9.41 7.88
N GLY A 67 -6.55 -9.19 7.60
CA GLY A 67 -7.34 -8.16 8.25
C GLY A 67 -7.45 -6.88 7.43
N THR A 68 -7.27 -6.99 6.12
CA THR A 68 -7.14 -5.88 5.18
C THR A 68 -8.49 -5.64 4.49
N THR A 69 -8.68 -4.49 3.82
CA THR A 69 -9.82 -4.22 2.93
C THR A 69 -9.33 -3.45 1.71
N LEU A 70 -10.19 -3.34 0.69
CA LEU A 70 -9.95 -2.63 -0.57
C LEU A 70 -9.58 -1.16 -0.37
N GLU A 71 -10.19 -0.52 0.63
CA GLU A 71 -9.88 0.84 1.07
C GLU A 71 -8.42 1.00 1.49
N MET A 72 -7.84 -0.05 2.07
CA MET A 72 -6.48 0.00 2.58
C MET A 72 -5.51 0.05 1.41
N ILE A 73 -5.78 -0.76 0.39
CA ILE A 73 -4.91 -0.91 -0.76
C ILE A 73 -4.91 0.38 -1.57
N THR A 74 -6.09 0.95 -1.81
CA THR A 74 -6.23 2.20 -2.55
C THR A 74 -5.53 3.37 -1.85
N ALA A 75 -5.59 3.47 -0.52
CA ALA A 75 -4.86 4.51 0.20
C ALA A 75 -3.34 4.39 -0.01
N TRP A 76 -2.79 3.19 0.20
CA TRP A 76 -1.36 2.96 0.06
C TRP A 76 -0.88 3.09 -1.39
N GLN A 77 -1.69 2.65 -2.34
CA GLN A 77 -1.43 2.82 -3.76
C GLN A 77 -1.18 4.28 -4.06
N ASP A 78 -2.17 5.13 -3.75
CA ASP A 78 -2.15 6.55 -4.07
C ASP A 78 -0.96 7.22 -3.40
N PHE A 79 -0.70 6.93 -2.13
CA PHE A 79 0.46 7.47 -1.43
C PHE A 79 1.77 7.19 -2.16
N TYR A 80 1.95 5.97 -2.70
CA TYR A 80 3.14 5.65 -3.48
C TYR A 80 3.10 6.32 -4.85
N GLU A 81 1.95 6.45 -5.49
CA GLU A 81 1.81 7.21 -6.73
C GLU A 81 2.25 8.66 -6.51
N GLN A 82 1.95 9.22 -5.34
CA GLN A 82 2.37 10.56 -4.95
C GLN A 82 3.89 10.66 -4.75
N GLU A 83 4.56 9.69 -4.12
CA GLU A 83 6.02 9.77 -3.94
C GLU A 83 6.78 9.32 -5.19
N GLN A 84 6.09 8.93 -6.27
CA GLN A 84 6.74 8.51 -7.51
C GLN A 84 6.61 9.59 -8.57
N GLN A 85 5.41 10.12 -8.76
CA GLN A 85 5.15 11.06 -9.84
C GLN A 85 6.04 12.31 -9.73
N ARG A 86 6.43 12.68 -8.49
CA ARG A 86 7.38 13.76 -8.24
C ARG A 86 8.72 13.54 -8.94
N ASN A 87 9.26 12.31 -9.02
CA ASN A 87 10.57 12.05 -9.59
C ASN A 87 10.66 10.67 -10.21
N GLU A 88 11.12 10.60 -11.46
CA GLU A 88 11.32 9.35 -12.19
C GLU A 88 12.27 8.41 -11.43
N ASN A 89 13.19 8.97 -10.64
CA ASN A 89 14.25 8.22 -9.96
C ASN A 89 13.76 7.50 -8.69
N ASN A 90 12.45 7.40 -8.43
CA ASN A 90 11.93 6.60 -7.32
C ASN A 90 11.29 5.31 -7.81
N PRO A 91 12.07 4.24 -8.03
CA PRO A 91 11.52 2.94 -8.41
C PRO A 91 10.78 2.26 -7.27
N THR A 92 11.07 2.60 -6.01
CA THR A 92 10.54 1.94 -4.83
C THR A 92 9.03 2.13 -4.81
N ALA A 93 8.59 3.39 -4.74
CA ALA A 93 7.18 3.72 -4.80
C ALA A 93 6.56 3.21 -6.10
N LYS A 94 7.28 3.35 -7.21
CA LYS A 94 6.79 2.92 -8.52
C LYS A 94 6.29 1.48 -8.51
N TYR A 95 7.14 0.52 -8.13
CA TYR A 95 6.76 -0.89 -8.09
C TYR A 95 5.68 -1.12 -7.02
N ARG A 96 5.79 -0.50 -5.83
CA ARG A 96 4.81 -0.60 -4.75
C ARG A 96 3.40 -0.23 -5.18
N ALA A 97 3.24 0.95 -5.76
CA ALA A 97 2.00 1.47 -6.27
C ALA A 97 1.40 0.46 -7.23
N ARG A 98 2.18 0.07 -8.23
CA ARG A 98 1.74 -0.88 -9.23
C ARG A 98 1.30 -2.20 -8.62
N LEU A 99 2.01 -2.68 -7.60
CA LEU A 99 1.65 -3.88 -6.86
C LEU A 99 0.26 -3.69 -6.25
N MET A 100 0.09 -2.68 -5.40
CA MET A 100 -1.19 -2.35 -4.77
C MET A 100 -2.33 -2.21 -5.79
N LYS A 101 -2.10 -1.48 -6.88
CA LYS A 101 -3.02 -1.32 -8.01
C LYS A 101 -3.55 -2.66 -8.50
N LYS A 102 -2.63 -3.54 -8.90
CA LYS A 102 -2.96 -4.87 -9.42
C LYS A 102 -3.68 -5.73 -8.39
N ILE A 103 -3.52 -5.42 -7.10
CA ILE A 103 -4.17 -6.21 -6.07
C ILE A 103 -5.67 -5.88 -6.07
N ALA A 104 -6.07 -4.62 -6.22
CA ALA A 104 -7.49 -4.25 -6.34
C ALA A 104 -8.12 -4.77 -7.63
N ASP A 105 -7.31 -5.02 -8.67
CA ASP A 105 -7.80 -5.51 -9.95
C ASP A 105 -8.24 -6.96 -9.83
N LEU A 106 -7.76 -7.67 -8.82
CA LEU A 106 -7.92 -9.10 -8.62
C LEU A 106 -8.69 -9.40 -7.34
N TRP A 107 -9.30 -8.37 -6.75
CA TRP A 107 -9.90 -8.44 -5.44
C TRP A 107 -10.92 -9.56 -5.37
N GLY A 1 13.78 10.89 5.45
CA GLY A 1 12.51 11.61 5.58
C GLY A 1 11.91 11.36 6.95
N THR A 2 12.33 12.12 7.95
CA THR A 2 12.01 11.87 9.35
C THR A 2 10.50 11.95 9.61
N ASP A 3 10.01 11.30 10.67
CA ASP A 3 8.60 11.19 11.03
C ASP A 3 8.45 11.49 12.52
N PHE A 4 7.66 12.51 12.86
CA PHE A 4 7.30 12.94 14.22
C PHE A 4 6.09 13.90 14.13
N GLY A 5 5.68 14.48 15.26
CA GLY A 5 4.75 15.61 15.33
C GLY A 5 3.32 15.19 15.65
N THR A 6 3.17 14.04 16.31
CA THR A 6 1.93 13.29 16.54
C THR A 6 1.93 12.70 17.95
N THR A 7 2.72 13.28 18.87
CA THR A 7 2.68 13.03 20.30
C THR A 7 1.40 13.63 20.93
N ASN A 8 0.31 13.69 20.16
CA ASN A 8 -0.98 14.29 20.48
C ASN A 8 -2.02 13.55 19.61
N ASN A 9 -3.23 14.08 19.43
CA ASN A 9 -4.31 13.57 18.57
C ASN A 9 -5.51 14.53 18.67
N PHE A 10 -6.15 14.90 17.56
CA PHE A 10 -7.25 15.87 17.56
C PHE A 10 -8.29 15.65 16.46
N VAL A 11 -9.50 16.22 16.67
CA VAL A 11 -10.57 16.38 15.68
C VAL A 11 -11.56 17.46 16.15
N SER A 12 -12.17 18.18 15.22
CA SER A 12 -13.35 19.05 15.37
C SER A 12 -14.07 19.13 14.01
N PRO A 13 -15.32 19.63 13.95
CA PRO A 13 -15.97 20.02 12.71
C PRO A 13 -15.28 21.21 12.05
N ASN A 14 -14.25 20.97 11.25
CA ASN A 14 -13.46 22.09 10.74
C ASN A 14 -12.65 21.80 9.48
N LEU A 15 -12.98 20.73 8.78
CA LEU A 15 -12.24 20.33 7.59
C LEU A 15 -12.68 21.18 6.40
N GLN A 16 -12.10 22.36 6.32
CA GLN A 16 -12.36 23.45 5.38
C GLN A 16 -11.39 23.42 4.19
N LEU A 17 -10.81 22.25 3.89
CA LEU A 17 -9.76 21.99 2.93
C LEU A 17 -9.80 20.49 2.67
N LYS A 18 -9.72 20.09 1.41
CA LYS A 18 -9.58 18.68 1.03
C LYS A 18 -8.09 18.31 1.00
N GLN A 19 -7.74 17.16 1.57
CA GLN A 19 -6.38 16.80 1.91
C GLN A 19 -5.97 15.47 1.27
N ASN A 20 -4.72 15.05 1.49
CA ASN A 20 -4.20 13.77 1.02
C ASN A 20 -4.70 12.63 1.90
N VAL A 21 -5.91 12.15 1.65
CA VAL A 21 -6.41 10.94 2.31
C VAL A 21 -5.73 9.71 1.66
N LEU A 22 -5.81 8.55 2.30
CA LEU A 22 -5.27 7.28 1.82
C LEU A 22 -6.41 6.35 1.35
N PRO A 23 -6.14 5.36 0.48
CA PRO A 23 -7.07 4.28 0.17
C PRO A 23 -7.42 3.41 1.40
N PRO A 24 -8.50 2.61 1.32
CA PRO A 24 -9.02 1.82 2.44
C PRO A 24 -8.24 0.51 2.67
N THR A 25 -8.58 -0.21 3.74
CA THR A 25 -7.88 -1.39 4.20
C THR A 25 -8.90 -2.43 4.70
N PRO A 26 -8.56 -3.72 4.75
CA PRO A 26 -9.45 -4.74 5.27
C PRO A 26 -9.62 -4.53 6.78
N LYS A 27 -10.72 -5.00 7.36
CA LYS A 27 -11.12 -4.70 8.74
C LYS A 27 -10.36 -5.54 9.78
N ASN A 28 -9.03 -5.67 9.64
CA ASN A 28 -8.26 -6.66 10.35
C ASN A 28 -6.95 -6.14 10.86
N ILE A 29 -6.23 -5.31 10.11
CA ILE A 29 -4.90 -4.87 10.48
C ILE A 29 -4.71 -3.42 9.99
N PRO A 30 -3.73 -2.67 10.52
CA PRO A 30 -3.43 -1.32 10.07
C PRO A 30 -2.71 -1.33 8.70
N LEU A 31 -2.59 -0.18 8.05
CA LEU A 31 -1.78 0.00 6.83
C LEU A 31 -0.36 -0.58 7.01
N PRO A 32 0.43 -0.22 8.04
CA PRO A 32 1.73 -0.82 8.31
C PRO A 32 1.73 -2.33 8.63
N ALA A 33 0.59 -3.04 8.52
CA ALA A 33 0.48 -4.48 8.59
C ALA A 33 -0.06 -5.06 7.28
N PHE A 34 -1.03 -4.39 6.65
CA PHE A 34 -1.69 -4.88 5.42
C PHE A 34 -0.73 -5.04 4.24
N GLY A 35 0.51 -4.57 4.37
CA GLY A 35 1.58 -4.80 3.43
C GLY A 35 2.61 -5.75 4.03
N GLN A 36 3.27 -5.36 5.12
CA GLN A 36 4.50 -6.01 5.59
C GLN A 36 4.36 -7.53 5.77
N ARG A 37 3.19 -8.00 6.22
CA ARG A 37 2.96 -9.40 6.56
C ARG A 37 1.98 -10.10 5.63
N ILE A 38 1.52 -9.43 4.58
CA ILE A 38 0.46 -9.91 3.69
C ILE A 38 1.00 -9.92 2.25
N ILE A 39 1.72 -8.87 1.87
CA ILE A 39 2.31 -8.62 0.56
C ILE A 39 3.83 -8.88 0.63
N GLY A 40 4.38 -9.12 1.83
CA GLY A 40 5.77 -9.51 2.01
C GLY A 40 6.79 -8.43 1.63
N TRP A 41 6.31 -7.23 1.29
CA TRP A 41 7.05 -6.15 0.65
C TRP A 41 8.05 -5.42 1.57
N GLY A 42 8.51 -6.08 2.63
CA GLY A 42 9.21 -5.51 3.76
C GLY A 42 8.50 -4.25 4.19
N THR A 43 9.08 -3.08 3.95
CA THR A 43 8.34 -1.81 3.94
C THR A 43 9.07 -0.67 3.22
N GLY A 44 10.12 -0.96 2.46
CA GLY A 44 11.15 0.03 2.18
C GLY A 44 11.82 -0.09 0.82
N ALA A 45 11.04 -0.13 -0.27
CA ALA A 45 11.48 -0.20 -1.68
C ALA A 45 12.13 -1.56 -1.99
N GLU A 46 13.27 -1.87 -1.37
CA GLU A 46 13.96 -3.14 -1.37
C GLU A 46 13.00 -4.25 -1.01
N GLY A 47 12.34 -4.13 0.15
CA GLY A 47 11.35 -5.07 0.63
C GLY A 47 10.37 -5.49 -0.48
N ALA A 48 9.88 -4.52 -1.25
CA ALA A 48 8.96 -4.75 -2.35
C ALA A 48 9.66 -5.41 -3.54
N ARG A 49 10.87 -4.99 -3.92
CA ARG A 49 11.58 -5.55 -5.08
C ARG A 49 11.71 -7.06 -4.93
N GLN A 50 12.12 -7.53 -3.76
CA GLN A 50 12.46 -8.92 -3.53
C GLN A 50 11.22 -9.80 -3.43
N ARG A 51 10.00 -9.25 -3.50
CA ARG A 51 8.78 -10.04 -3.72
C ARG A 51 8.11 -9.74 -5.07
N LEU A 52 8.38 -8.58 -5.67
CA LEU A 52 7.83 -8.13 -6.94
C LEU A 52 8.26 -9.04 -8.09
N GLU A 53 9.57 -9.10 -8.32
CA GLU A 53 10.09 -9.45 -9.65
C GLU A 53 9.96 -10.93 -9.94
N ASN A 54 9.54 -11.68 -8.93
CA ASN A 54 9.73 -13.09 -8.73
C ASN A 54 8.49 -13.68 -8.03
N ILE A 55 7.37 -12.94 -8.07
CA ILE A 55 6.07 -13.33 -7.54
C ILE A 55 5.63 -14.66 -8.20
N GLN A 56 4.66 -15.35 -7.62
CA GLN A 56 4.13 -16.61 -8.12
C GLN A 56 2.60 -16.58 -8.20
N PRO A 57 1.96 -17.52 -8.93
CA PRO A 57 0.51 -17.68 -8.94
C PRO A 57 -0.03 -18.08 -7.56
N ALA A 58 0.80 -18.68 -6.70
CA ALA A 58 0.38 -19.01 -5.35
C ALA A 58 0.43 -17.79 -4.43
N ASP A 59 1.24 -16.77 -4.75
CA ASP A 59 1.46 -15.63 -3.86
C ASP A 59 0.31 -14.65 -3.88
N VAL A 60 -0.55 -14.71 -4.90
CA VAL A 60 -1.83 -13.98 -4.91
C VAL A 60 -2.85 -14.76 -4.08
N SER A 61 -3.04 -16.05 -4.34
CA SER A 61 -4.00 -16.91 -3.66
C SER A 61 -3.52 -17.38 -2.28
N MET A 62 -2.77 -16.51 -1.59
CA MET A 62 -2.61 -16.48 -0.15
C MET A 62 -3.26 -15.21 0.41
N ILE A 63 -3.12 -14.05 -0.24
CA ILE A 63 -3.59 -12.74 0.22
C ILE A 63 -5.11 -12.76 0.41
N LYS A 64 -5.84 -13.38 -0.50
CA LYS A 64 -7.30 -13.48 -0.44
C LYS A 64 -7.78 -14.15 0.85
N LYS A 65 -6.99 -15.08 1.39
CA LYS A 65 -7.31 -15.78 2.63
C LYS A 65 -7.05 -14.91 3.86
N GLN A 66 -6.43 -13.75 3.70
CA GLN A 66 -6.26 -12.75 4.73
C GLN A 66 -7.25 -11.62 4.44
N GLY A 67 -8.50 -11.97 4.13
CA GLY A 67 -9.64 -11.08 4.23
C GLY A 67 -9.61 -9.92 3.26
N THR A 68 -9.08 -10.16 2.06
CA THR A 68 -8.81 -9.14 1.06
C THR A 68 -9.61 -9.45 -0.22
N THR A 69 -9.83 -8.43 -1.05
CA THR A 69 -10.46 -8.56 -2.36
C THR A 69 -9.60 -7.81 -3.39
N LEU A 70 -9.91 -8.01 -4.68
CA LEU A 70 -9.23 -7.35 -5.77
C LEU A 70 -9.19 -5.85 -5.57
N GLU A 71 -10.34 -5.34 -5.19
CA GLU A 71 -10.64 -3.94 -5.22
C GLU A 71 -9.67 -3.12 -4.35
N MET A 72 -9.11 -3.78 -3.34
CA MET A 72 -8.15 -3.25 -2.39
C MET A 72 -6.74 -3.23 -2.97
N ILE A 73 -6.41 -4.18 -3.85
CA ILE A 73 -5.13 -4.26 -4.54
C ILE A 73 -5.05 -3.13 -5.56
N THR A 74 -6.10 -2.97 -6.37
CA THR A 74 -6.17 -1.93 -7.40
C THR A 74 -6.07 -0.54 -6.75
N ALA A 75 -6.73 -0.30 -5.61
CA ALA A 75 -6.73 1.03 -5.02
C ALA A 75 -5.35 1.43 -4.50
N TRP A 76 -4.65 0.57 -3.74
CA TRP A 76 -3.33 0.94 -3.26
C TRP A 76 -2.30 0.99 -4.37
N GLN A 77 -2.49 0.25 -5.46
CA GLN A 77 -1.64 0.39 -6.63
C GLN A 77 -1.76 1.83 -7.14
N ASP A 78 -2.97 2.25 -7.48
CA ASP A 78 -3.22 3.51 -8.16
C ASP A 78 -2.87 4.74 -7.31
N PHE A 79 -2.87 4.58 -5.99
CA PHE A 79 -2.30 5.57 -5.10
C PHE A 79 -0.83 5.81 -5.44
N TYR A 80 0.00 4.76 -5.41
CA TYR A 80 1.44 4.91 -5.53
C TYR A 80 1.86 5.25 -6.97
N GLU A 81 1.12 4.78 -7.97
CA GLU A 81 1.27 5.21 -9.36
C GLU A 81 1.13 6.71 -9.49
N GLN A 82 0.06 7.30 -8.98
CA GLN A 82 -0.18 8.73 -9.13
C GLN A 82 0.75 9.60 -8.29
N GLU A 83 1.64 9.05 -7.46
CA GLU A 83 2.74 9.84 -6.92
C GLU A 83 3.98 9.84 -7.83
N GLN A 84 4.16 8.90 -8.75
CA GLN A 84 5.31 8.91 -9.66
C GLN A 84 5.26 10.09 -10.63
N GLN A 85 4.08 10.45 -11.13
CA GLN A 85 3.82 11.62 -11.95
C GLN A 85 4.01 12.97 -11.22
N ARG A 86 4.41 12.97 -9.94
CA ARG A 86 4.90 14.16 -9.22
C ARG A 86 6.33 13.98 -8.74
N ASN A 87 6.67 12.83 -8.18
CA ASN A 87 7.96 12.53 -7.57
C ASN A 87 8.48 11.21 -8.11
N GLU A 88 9.19 11.28 -9.24
CA GLU A 88 9.91 10.16 -9.81
C GLU A 88 10.92 9.58 -8.81
N ASN A 89 11.49 10.44 -7.96
CA ASN A 89 12.52 10.15 -6.97
C ASN A 89 12.04 9.28 -5.79
N ASN A 90 10.87 8.62 -5.86
CA ASN A 90 10.27 7.95 -4.70
C ASN A 90 10.18 6.44 -4.90
N PRO A 91 11.30 5.71 -4.75
CA PRO A 91 11.39 4.32 -5.18
C PRO A 91 10.55 3.40 -4.29
N THR A 92 10.27 3.77 -3.04
CA THR A 92 9.41 2.99 -2.16
C THR A 92 8.04 2.78 -2.83
N ALA A 93 7.38 3.86 -3.27
CA ALA A 93 6.14 3.80 -4.03
C ALA A 93 6.35 3.00 -5.32
N LYS A 94 7.41 3.34 -6.04
CA LYS A 94 7.68 2.87 -7.40
C LYS A 94 7.97 1.36 -7.52
N TYR A 95 8.24 0.66 -6.42
CA TYR A 95 8.32 -0.80 -6.43
C TYR A 95 7.01 -1.45 -5.96
N ARG A 96 6.27 -0.83 -5.02
CA ARG A 96 5.08 -1.49 -4.47
C ARG A 96 3.88 -1.44 -5.40
N ALA A 97 3.64 -0.35 -6.14
CA ALA A 97 2.49 -0.31 -7.04
C ALA A 97 2.66 -1.39 -8.11
N ARG A 98 3.86 -1.48 -8.69
CA ARG A 98 4.29 -2.56 -9.58
C ARG A 98 4.04 -3.94 -8.99
N LEU A 99 4.16 -4.10 -7.67
CA LEU A 99 3.91 -5.36 -6.97
C LEU A 99 2.42 -5.65 -7.00
N MET A 100 1.60 -4.67 -6.59
CA MET A 100 0.15 -4.78 -6.61
C MET A 100 -0.36 -5.08 -8.02
N LYS A 101 0.21 -4.49 -9.07
CA LYS A 101 -0.15 -4.82 -10.45
C LYS A 101 -0.06 -6.33 -10.67
N LYS A 102 1.07 -6.97 -10.33
CA LYS A 102 1.23 -8.40 -10.54
C LYS A 102 0.14 -9.18 -9.82
N ILE A 103 -0.06 -8.92 -8.53
CA ILE A 103 -1.12 -9.54 -7.75
C ILE A 103 -2.48 -9.34 -8.44
N ALA A 104 -2.84 -8.13 -8.85
CA ALA A 104 -4.11 -7.81 -9.51
C ALA A 104 -4.26 -8.51 -10.87
N ASP A 105 -3.14 -8.80 -11.53
CA ASP A 105 -3.09 -9.39 -12.86
C ASP A 105 -3.25 -10.90 -12.80
N LEU A 106 -2.72 -11.50 -11.75
CA LEU A 106 -2.87 -12.90 -11.40
C LEU A 106 -4.21 -13.15 -10.70
N TRP A 107 -4.99 -12.08 -10.44
CA TRP A 107 -6.21 -12.17 -9.69
C TRP A 107 -7.26 -12.89 -10.50
N GLY A 1 7.94 5.95 13.65
CA GLY A 1 7.01 4.99 14.26
C GLY A 1 5.65 5.65 14.45
N THR A 2 4.61 5.10 13.84
CA THR A 2 3.27 5.69 13.81
C THR A 2 2.23 4.56 13.76
N ASP A 3 1.79 4.11 14.93
CA ASP A 3 0.71 3.15 15.06
C ASP A 3 -0.25 3.64 16.15
N PHE A 4 -1.54 3.75 15.80
CA PHE A 4 -2.61 4.27 16.66
C PHE A 4 -3.90 3.49 16.36
N GLY A 5 -4.91 3.70 17.20
CA GLY A 5 -6.28 3.32 16.91
C GLY A 5 -7.03 4.46 16.21
N THR A 6 -8.34 4.51 16.43
CA THR A 6 -9.33 4.96 15.45
C THR A 6 -10.37 5.74 16.25
N THR A 7 -9.93 6.88 16.81
CA THR A 7 -10.72 7.62 17.80
C THR A 7 -10.85 9.11 17.42
N ASN A 8 -10.08 9.57 16.42
CA ASN A 8 -10.12 10.91 15.85
C ASN A 8 -11.02 10.93 14.61
N ASN A 9 -12.04 10.08 14.60
CA ASN A 9 -13.08 9.96 13.59
C ASN A 9 -14.12 11.07 13.77
N PHE A 10 -13.74 12.31 13.40
CA PHE A 10 -14.60 13.48 13.52
C PHE A 10 -14.79 14.15 12.17
N VAL A 11 -15.89 14.89 12.04
CA VAL A 11 -16.19 15.67 10.85
C VAL A 11 -15.28 16.90 10.83
N SER A 12 -14.85 17.27 9.63
CA SER A 12 -14.18 18.51 9.29
C SER A 12 -14.76 18.99 7.95
N PRO A 13 -14.65 20.29 7.63
CA PRO A 13 -15.07 20.84 6.34
C PRO A 13 -14.04 20.61 5.24
N ASN A 14 -14.35 21.17 4.07
CA ASN A 14 -13.47 21.39 2.93
C ASN A 14 -12.28 22.21 3.39
N LEU A 15 -11.17 21.55 3.69
CA LEU A 15 -9.87 22.15 3.91
C LEU A 15 -8.82 21.05 3.66
N GLN A 16 -8.51 20.79 2.40
CA GLN A 16 -7.55 19.76 1.97
C GLN A 16 -6.11 20.25 2.12
N LEU A 17 -5.83 21.06 3.14
CA LEU A 17 -4.58 21.77 3.33
C LEU A 17 -3.89 21.07 4.49
N LYS A 18 -3.13 20.02 4.16
CA LYS A 18 -2.35 19.20 5.10
C LYS A 18 -1.06 18.79 4.37
N GLN A 19 -0.12 18.20 5.10
CA GLN A 19 1.09 17.63 4.51
C GLN A 19 0.73 16.40 3.67
N ASN A 20 1.76 15.74 3.13
CA ASN A 20 1.61 14.49 2.37
C ASN A 20 1.40 13.33 3.34
N VAL A 21 0.16 13.17 3.82
CA VAL A 21 -0.24 12.10 4.73
C VAL A 21 -0.23 10.77 3.95
N LEU A 22 0.02 9.66 4.63
CA LEU A 22 -0.06 8.30 4.08
C LEU A 22 -1.52 7.85 3.94
N PRO A 23 -1.82 6.86 3.08
CA PRO A 23 -3.11 6.17 3.07
C PRO A 23 -3.36 5.31 4.35
N PRO A 24 -4.61 4.84 4.56
CA PRO A 24 -4.99 4.00 5.69
C PRO A 24 -4.48 2.55 5.56
N THR A 25 -4.67 1.72 6.58
CA THR A 25 -4.27 0.30 6.59
C THR A 25 -5.37 -0.57 7.20
N PRO A 26 -5.33 -1.91 7.03
CA PRO A 26 -6.25 -2.79 7.72
C PRO A 26 -5.96 -2.77 9.21
N LYS A 27 -7.02 -2.76 10.02
CA LYS A 27 -7.04 -2.70 11.48
C LYS A 27 -6.51 -3.97 12.18
N ASN A 28 -5.46 -4.55 11.63
CA ASN A 28 -4.94 -5.85 11.97
C ASN A 28 -3.47 -5.70 12.23
N ILE A 29 -2.73 -4.95 11.38
CA ILE A 29 -1.30 -4.72 11.54
C ILE A 29 -0.96 -3.33 10.97
N PRO A 30 0.15 -2.69 11.38
CA PRO A 30 0.59 -1.42 10.82
C PRO A 30 1.35 -1.61 9.50
N LEU A 31 1.70 -0.51 8.82
CA LEU A 31 2.49 -0.55 7.58
C LEU A 31 3.75 -1.44 7.67
N PRO A 32 4.67 -1.31 8.62
CA PRO A 32 5.87 -2.14 8.67
C PRO A 32 5.57 -3.64 8.93
N ALA A 33 4.30 -4.02 9.00
CA ALA A 33 3.81 -5.36 8.83
C ALA A 33 3.00 -5.53 7.54
N PHE A 34 2.17 -4.55 7.12
CA PHE A 34 1.12 -4.76 6.12
C PHE A 34 1.68 -5.16 4.75
N GLY A 35 2.95 -4.90 4.47
CA GLY A 35 3.60 -5.32 3.25
C GLY A 35 4.70 -6.31 3.56
N GLN A 36 5.60 -5.94 4.47
CA GLN A 36 6.81 -6.68 4.78
C GLN A 36 6.55 -8.15 5.11
N ARG A 37 5.40 -8.49 5.71
CA ARG A 37 5.08 -9.83 6.20
C ARG A 37 3.73 -10.31 5.68
N ILE A 38 3.27 -9.75 4.56
CA ILE A 38 1.98 -10.08 3.97
C ILE A 38 2.23 -10.19 2.46
N ILE A 39 2.51 -9.05 1.84
CA ILE A 39 2.76 -8.81 0.42
C ILE A 39 4.17 -9.30 0.03
N GLY A 40 4.97 -9.81 0.99
CA GLY A 40 6.28 -10.36 0.73
C GLY A 40 7.27 -9.38 0.11
N TRP A 41 7.00 -8.08 0.16
CA TRP A 41 7.73 -7.06 -0.61
C TRP A 41 9.01 -6.56 0.07
N GLY A 42 9.48 -7.26 1.13
CA GLY A 42 10.55 -6.79 1.99
C GLY A 42 10.30 -5.35 2.40
N THR A 43 11.21 -4.43 2.05
CA THR A 43 10.98 -2.99 2.27
C THR A 43 11.86 -2.05 1.44
N GLY A 44 12.53 -2.58 0.43
CA GLY A 44 13.64 -1.90 -0.22
C GLY A 44 13.68 -2.29 -1.68
N ALA A 45 12.96 -1.54 -2.53
CA ALA A 45 12.90 -1.57 -3.99
C ALA A 45 12.85 -2.99 -4.56
N GLU A 46 14.00 -3.63 -4.59
CA GLU A 46 14.26 -5.04 -4.91
C GLU A 46 13.22 -5.91 -4.21
N GLY A 47 12.97 -5.66 -2.92
CA GLY A 47 12.00 -6.37 -2.11
C GLY A 47 10.68 -6.57 -2.84
N ALA A 48 10.11 -5.47 -3.35
CA ALA A 48 8.85 -5.46 -4.07
C ALA A 48 9.00 -5.98 -5.49
N ARG A 49 10.14 -5.76 -6.14
CA ARG A 49 10.35 -6.25 -7.51
C ARG A 49 10.19 -7.77 -7.52
N GLN A 50 10.74 -8.45 -6.50
CA GLN A 50 10.80 -9.90 -6.45
C GLN A 50 9.44 -10.52 -6.22
N ARG A 51 8.42 -9.76 -5.81
CA ARG A 51 7.08 -10.30 -5.57
C ARG A 51 6.06 -9.82 -6.60
N LEU A 52 6.24 -8.61 -7.14
CA LEU A 52 5.46 -8.01 -8.23
C LEU A 52 5.53 -8.86 -9.47
N GLU A 53 6.69 -8.91 -10.12
CA GLU A 53 6.75 -9.15 -11.57
C GLU A 53 6.28 -10.55 -11.96
N ASN A 54 5.99 -11.35 -10.95
CA ASN A 54 5.83 -12.77 -10.95
C ASN A 54 4.95 -13.06 -9.73
N ILE A 55 3.78 -12.40 -9.69
CA ILE A 55 2.71 -12.71 -8.75
C ILE A 55 2.15 -14.10 -9.10
N GLN A 56 1.37 -14.70 -8.20
CA GLN A 56 0.58 -15.88 -8.47
C GLN A 56 -0.90 -15.50 -8.28
N PRO A 57 -1.84 -16.26 -8.84
CA PRO A 57 -3.27 -16.11 -8.62
C PRO A 57 -3.68 -16.48 -7.18
N ALA A 58 -2.86 -17.25 -6.46
CA ALA A 58 -3.06 -17.52 -5.05
C ALA A 58 -2.48 -16.41 -4.16
N ASP A 59 -1.59 -15.56 -4.67
CA ASP A 59 -0.85 -14.58 -3.88
C ASP A 59 -1.76 -13.42 -3.49
N VAL A 60 -2.81 -13.19 -4.27
CA VAL A 60 -3.88 -12.26 -3.99
C VAL A 60 -4.80 -12.88 -2.93
N SER A 61 -5.33 -14.08 -3.19
CA SER A 61 -6.23 -14.87 -2.35
C SER A 61 -5.59 -15.44 -1.09
N MET A 62 -4.60 -14.74 -0.55
CA MET A 62 -4.07 -14.93 0.78
C MET A 62 -4.22 -13.63 1.59
N ILE A 63 -4.00 -12.46 0.97
CA ILE A 63 -3.96 -11.14 1.61
C ILE A 63 -5.32 -10.81 2.22
N LYS A 64 -6.39 -11.19 1.52
CA LYS A 64 -7.76 -11.02 1.96
C LYS A 64 -7.95 -11.60 3.35
N LYS A 65 -7.44 -12.82 3.56
CA LYS A 65 -7.61 -13.56 4.80
C LYS A 65 -6.88 -12.91 5.98
N GLN A 66 -5.95 -11.99 5.73
CA GLN A 66 -5.28 -11.28 6.80
C GLN A 66 -6.09 -10.06 7.27
N GLY A 67 -7.27 -9.81 6.70
CA GLY A 67 -8.18 -8.77 7.15
C GLY A 67 -8.19 -7.55 6.23
N THR A 68 -7.99 -7.77 4.92
CA THR A 68 -7.80 -6.73 3.91
C THR A 68 -9.06 -6.61 3.03
N THR A 69 -9.11 -5.63 2.12
CA THR A 69 -10.11 -5.46 1.05
C THR A 69 -9.40 -4.96 -0.21
N LEU A 70 -10.09 -4.94 -1.35
CA LEU A 70 -9.58 -4.35 -2.60
C LEU A 70 -9.24 -2.88 -2.41
N GLU A 71 -10.08 -2.16 -1.67
CA GLU A 71 -9.98 -0.73 -1.41
C GLU A 71 -8.66 -0.30 -0.77
N MET A 72 -8.01 -1.23 -0.09
CA MET A 72 -6.69 -1.06 0.49
C MET A 72 -5.64 -0.96 -0.62
N ILE A 73 -5.67 -1.93 -1.53
CA ILE A 73 -4.64 -2.17 -2.54
C ILE A 73 -4.61 -0.95 -3.46
N THR A 74 -5.76 -0.44 -3.85
CA THR A 74 -5.93 0.71 -4.73
C THR A 74 -5.28 1.95 -4.14
N ALA A 75 -5.48 2.19 -2.83
CA ALA A 75 -5.02 3.42 -2.19
C ALA A 75 -3.49 3.46 -2.16
N TRP A 76 -2.85 2.38 -1.74
CA TRP A 76 -1.39 2.33 -1.67
C TRP A 76 -0.76 2.37 -3.06
N GLN A 77 -1.43 1.78 -4.05
CA GLN A 77 -0.98 1.81 -5.44
C GLN A 77 -0.91 3.25 -5.93
N ASP A 78 -2.04 3.95 -5.92
CA ASP A 78 -2.20 5.31 -6.43
C ASP A 78 -1.18 6.22 -5.76
N PHE A 79 -1.04 6.07 -4.44
CA PHE A 79 -0.14 6.84 -3.63
C PHE A 79 1.30 6.74 -4.14
N TYR A 80 1.82 5.52 -4.28
CA TYR A 80 3.18 5.33 -4.76
C TYR A 80 3.34 5.74 -6.22
N GLU A 81 2.32 5.57 -7.06
CA GLU A 81 2.29 6.09 -8.42
C GLU A 81 2.47 7.61 -8.43
N GLN A 82 1.87 8.28 -7.46
CA GLN A 82 1.98 9.71 -7.26
C GLN A 82 3.35 10.16 -6.71
N GLU A 83 4.27 9.24 -6.42
CA GLU A 83 5.69 9.56 -6.12
C GLU A 83 6.58 9.46 -7.36
N GLN A 84 6.14 8.76 -8.42
CA GLN A 84 7.06 8.10 -9.34
C GLN A 84 7.02 8.70 -10.74
N GLN A 85 5.81 8.98 -11.20
CA GLN A 85 5.54 9.69 -12.46
C GLN A 85 6.28 11.03 -12.49
N ARG A 86 6.40 11.69 -11.33
CA ARG A 86 7.12 12.95 -11.18
C ARG A 86 8.63 12.80 -11.33
N ASN A 87 9.24 11.70 -10.86
CA ASN A 87 10.68 11.48 -10.85
C ASN A 87 10.96 10.00 -11.06
N GLU A 88 11.41 9.66 -12.27
CA GLU A 88 11.59 8.30 -12.76
C GLU A 88 12.59 7.52 -11.91
N ASN A 89 13.50 8.21 -11.24
CA ASN A 89 14.64 7.61 -10.55
C ASN A 89 14.28 7.08 -9.16
N ASN A 90 12.99 6.96 -8.84
CA ASN A 90 12.50 6.30 -7.63
C ASN A 90 11.99 4.90 -8.00
N PRO A 91 12.86 3.88 -8.06
CA PRO A 91 12.44 2.50 -8.32
C PRO A 91 11.58 1.96 -7.17
N THR A 92 11.75 2.48 -5.96
CA THR A 92 11.15 1.98 -4.73
C THR A 92 9.63 1.94 -4.89
N ALA A 93 9.01 3.13 -4.95
CA ALA A 93 7.60 3.34 -5.22
C ALA A 93 7.16 2.56 -6.45
N LYS A 94 7.97 2.65 -7.51
CA LYS A 94 7.73 2.14 -8.85
C LYS A 94 7.76 0.61 -8.99
N TYR A 95 8.13 -0.13 -7.95
CA TYR A 95 7.87 -1.57 -7.88
C TYR A 95 6.68 -1.85 -6.97
N ARG A 96 6.60 -1.21 -5.79
CA ARG A 96 5.56 -1.52 -4.81
C ARG A 96 4.15 -1.13 -5.26
N ALA A 97 3.95 -0.02 -5.99
CA ALA A 97 2.68 0.27 -6.63
C ALA A 97 2.33 -0.83 -7.63
N ARG A 98 3.24 -1.12 -8.55
CA ARG A 98 3.03 -2.14 -9.57
C ARG A 98 2.71 -3.50 -8.95
N LEU A 99 3.24 -3.80 -7.77
CA LEU A 99 2.91 -5.00 -7.01
C LEU A 99 1.43 -4.99 -6.65
N MET A 100 0.97 -3.90 -6.02
CA MET A 100 -0.44 -3.69 -5.68
C MET A 100 -1.33 -3.89 -6.90
N LYS A 101 -0.94 -3.32 -8.07
CA LYS A 101 -1.66 -3.53 -9.34
C LYS A 101 -1.93 -5.01 -9.54
N LYS A 102 -0.87 -5.82 -9.53
CA LYS A 102 -0.93 -7.26 -9.78
C LYS A 102 -1.94 -7.95 -8.90
N ILE A 103 -1.92 -7.69 -7.61
CA ILE A 103 -2.90 -8.23 -6.67
C ILE A 103 -4.31 -7.85 -7.11
N ALA A 104 -4.60 -6.57 -7.33
CA ALA A 104 -5.91 -6.09 -7.76
C ALA A 104 -6.28 -6.52 -9.19
N ASP A 105 -5.32 -7.00 -9.99
CA ASP A 105 -5.48 -7.52 -11.36
C ASP A 105 -6.06 -8.94 -11.33
N LEU A 106 -6.01 -9.59 -10.16
CA LEU A 106 -6.33 -11.00 -9.95
C LEU A 106 -7.35 -11.16 -8.83
N TRP A 107 -8.00 -10.06 -8.41
CA TRP A 107 -8.95 -10.06 -7.32
C TRP A 107 -10.11 -11.01 -7.62
N GLY A 1 -0.12 22.98 7.50
CA GLY A 1 0.76 23.00 8.68
C GLY A 1 1.75 21.85 8.65
N THR A 2 2.79 21.87 9.47
CA THR A 2 4.11 21.42 9.00
C THR A 2 4.89 20.55 9.99
N ASP A 3 4.39 20.30 11.20
CA ASP A 3 5.11 19.52 12.22
C ASP A 3 4.13 18.60 12.97
N PHE A 4 4.58 17.94 14.03
CA PHE A 4 3.85 17.11 14.99
C PHE A 4 3.95 17.76 16.37
N GLY A 5 3.40 17.10 17.40
CA GLY A 5 3.53 17.52 18.78
C GLY A 5 2.33 16.99 19.58
N THR A 6 1.30 17.81 19.72
CA THR A 6 0.16 17.57 20.61
C THR A 6 -1.16 17.38 19.83
N THR A 7 -1.07 17.33 18.51
CA THR A 7 -2.19 17.66 17.63
C THR A 7 -3.23 16.53 17.55
N ASN A 8 -2.99 15.37 18.16
CA ASN A 8 -3.95 14.26 18.16
C ASN A 8 -5.02 14.39 19.26
N ASN A 9 -4.84 15.28 20.25
CA ASN A 9 -5.53 15.18 21.53
C ASN A 9 -7.00 15.64 21.51
N PHE A 10 -7.51 16.13 20.38
CA PHE A 10 -8.88 16.63 20.23
C PHE A 10 -9.61 15.88 19.11
N VAL A 11 -10.92 16.05 19.01
CA VAL A 11 -11.75 15.68 17.87
C VAL A 11 -13.06 16.47 18.00
N SER A 12 -13.59 16.97 16.89
CA SER A 12 -14.90 17.61 16.78
C SER A 12 -15.47 17.42 15.36
N PRO A 13 -16.79 17.60 15.16
CA PRO A 13 -17.46 17.36 13.88
C PRO A 13 -17.21 18.45 12.84
N ASN A 14 -16.21 18.26 11.98
CA ASN A 14 -15.86 19.28 10.99
C ASN A 14 -14.89 18.69 9.98
N LEU A 15 -15.13 18.90 8.68
CA LEU A 15 -14.30 18.35 7.60
C LEU A 15 -13.89 19.48 6.65
N GLN A 16 -13.13 20.42 7.17
CA GLN A 16 -12.52 21.53 6.43
C GLN A 16 -11.10 21.20 5.94
N LEU A 17 -10.70 19.93 6.00
CA LEU A 17 -9.32 19.48 5.96
C LEU A 17 -9.11 18.36 4.96
N LYS A 18 -9.07 18.73 3.68
CA LYS A 18 -8.60 17.83 2.62
C LYS A 18 -7.08 17.85 2.64
N GLN A 19 -6.47 16.70 2.90
CA GLN A 19 -5.04 16.49 3.02
C GLN A 19 -4.68 15.23 2.23
N ASN A 20 -3.40 14.90 2.20
CA ASN A 20 -2.86 13.61 1.79
C ASN A 20 -3.33 12.61 2.85
N VAL A 21 -4.41 11.94 2.54
CA VAL A 21 -5.06 10.89 3.33
C VAL A 21 -4.73 9.56 2.66
N LEU A 22 -4.56 8.48 3.43
CA LEU A 22 -4.13 7.19 2.89
C LEU A 22 -5.30 6.44 2.22
N PRO A 23 -4.99 5.49 1.33
CA PRO A 23 -5.95 4.48 0.85
C PRO A 23 -6.34 3.47 1.96
N PRO A 24 -7.42 2.69 1.73
CA PRO A 24 -8.01 1.80 2.74
C PRO A 24 -7.20 0.52 3.01
N THR A 25 -7.51 -0.17 4.12
CA THR A 25 -6.94 -1.47 4.49
C THR A 25 -8.04 -2.38 5.07
N PRO A 26 -7.84 -3.72 5.08
CA PRO A 26 -8.78 -4.64 5.69
C PRO A 26 -8.86 -4.45 7.21
N LYS A 27 -10.00 -4.80 7.82
CA LYS A 27 -10.15 -4.78 9.28
C LYS A 27 -9.60 -6.06 9.90
N ASN A 28 -8.30 -6.27 9.74
CA ASN A 28 -7.62 -7.32 10.48
C ASN A 28 -6.32 -6.86 11.07
N ILE A 29 -5.56 -5.98 10.40
CA ILE A 29 -4.22 -5.59 10.80
C ILE A 29 -3.98 -4.13 10.41
N PRO A 30 -2.99 -3.44 10.99
CA PRO A 30 -2.64 -2.07 10.60
C PRO A 30 -1.92 -2.04 9.25
N LEU A 31 -1.76 -0.86 8.63
CA LEU A 31 -0.96 -0.63 7.41
C LEU A 31 0.45 -1.26 7.52
N PRO A 32 1.26 -0.95 8.55
CA PRO A 32 2.54 -1.63 8.81
C PRO A 32 2.45 -3.13 9.15
N ALA A 33 1.29 -3.77 9.08
CA ALA A 33 1.17 -5.24 8.98
C ALA A 33 0.62 -5.68 7.63
N PHE A 34 -0.27 -4.93 6.99
CA PHE A 34 -0.94 -5.33 5.76
C PHE A 34 -0.01 -5.61 4.56
N GLY A 35 1.25 -5.15 4.56
CA GLY A 35 2.15 -5.37 3.45
C GLY A 35 3.23 -6.37 3.81
N GLN A 36 4.09 -6.01 4.77
CA GLN A 36 5.28 -6.71 5.18
C GLN A 36 5.05 -8.18 5.55
N ARG A 37 3.86 -8.55 6.02
CA ARG A 37 3.58 -9.94 6.45
C ARG A 37 2.46 -10.62 5.66
N ILE A 38 1.99 -10.00 4.59
CA ILE A 38 0.83 -10.47 3.82
C ILE A 38 1.18 -10.51 2.34
N ILE A 39 1.74 -9.40 1.83
CA ILE A 39 2.13 -9.19 0.44
C ILE A 39 3.61 -9.56 0.27
N GLY A 40 4.35 -9.79 1.36
CA GLY A 40 5.71 -10.30 1.29
C GLY A 40 6.70 -9.30 0.67
N TRP A 41 6.33 -8.01 0.60
CA TRP A 41 7.11 -6.95 -0.03
C TRP A 41 8.25 -6.41 0.84
N GLY A 42 8.70 -7.23 1.79
CA GLY A 42 9.68 -6.88 2.80
C GLY A 42 9.15 -5.67 3.53
N THR A 43 9.80 -4.52 3.38
CA THR A 43 9.35 -3.27 3.98
C THR A 43 9.99 -2.06 3.26
N GLY A 44 10.45 -2.26 2.02
CA GLY A 44 11.34 -1.33 1.35
C GLY A 44 11.24 -1.38 -0.16
N ALA A 45 12.26 -0.82 -0.81
CA ALA A 45 12.42 -0.84 -2.27
C ALA A 45 12.80 -2.24 -2.68
N GLU A 46 13.93 -2.72 -2.15
CA GLU A 46 14.48 -4.03 -2.38
C GLU A 46 13.47 -5.12 -2.01
N GLY A 47 12.84 -4.97 -0.84
CA GLY A 47 11.83 -5.90 -0.35
C GLY A 47 10.65 -6.03 -1.32
N ALA A 48 10.31 -4.97 -2.07
CA ALA A 48 9.29 -5.08 -3.09
C ALA A 48 9.88 -5.69 -4.36
N ARG A 49 11.09 -5.29 -4.78
CA ARG A 49 11.70 -5.70 -6.05
C ARG A 49 11.77 -7.23 -6.14
N GLN A 50 12.34 -7.92 -5.14
CA GLN A 50 12.65 -9.32 -5.29
C GLN A 50 11.37 -10.15 -5.37
N ARG A 51 10.27 -9.76 -4.71
CA ARG A 51 9.00 -10.49 -4.80
C ARG A 51 8.12 -10.05 -5.97
N LEU A 52 8.30 -8.83 -6.47
CA LEU A 52 7.54 -8.27 -7.58
C LEU A 52 7.73 -9.10 -8.83
N GLU A 53 8.91 -8.98 -9.45
CA GLU A 53 9.03 -9.14 -10.90
C GLU A 53 8.58 -10.50 -11.38
N ASN A 54 8.61 -11.44 -10.44
CA ASN A 54 8.70 -12.84 -10.64
C ASN A 54 7.65 -13.51 -9.73
N ILE A 55 6.51 -12.84 -9.58
CA ILE A 55 5.40 -13.27 -8.74
C ILE A 55 4.94 -14.67 -9.17
N GLN A 56 4.23 -15.36 -8.29
CA GLN A 56 3.63 -16.66 -8.58
C GLN A 56 2.12 -16.55 -8.39
N PRO A 57 1.35 -17.43 -9.03
CA PRO A 57 -0.09 -17.51 -8.87
C PRO A 57 -0.46 -17.97 -7.46
N ALA A 58 0.42 -18.71 -6.77
CA ALA A 58 0.16 -19.09 -5.40
C ALA A 58 0.29 -17.93 -4.42
N ASP A 59 0.99 -16.86 -4.82
CA ASP A 59 1.28 -15.72 -3.95
C ASP A 59 0.18 -14.67 -4.02
N VAL A 60 -0.69 -14.72 -5.04
CA VAL A 60 -1.92 -13.92 -5.05
C VAL A 60 -2.97 -14.66 -4.23
N SER A 61 -3.12 -15.97 -4.45
CA SER A 61 -4.07 -16.82 -3.73
C SER A 61 -3.58 -17.21 -2.32
N MET A 62 -2.71 -16.41 -1.69
CA MET A 62 -2.62 -16.36 -0.24
C MET A 62 -3.39 -15.12 0.24
N ILE A 63 -3.35 -14.02 -0.51
CA ILE A 63 -3.77 -12.72 -0.01
C ILE A 63 -5.28 -12.70 0.28
N LYS A 64 -6.10 -13.39 -0.50
CA LYS A 64 -7.55 -13.43 -0.21
C LYS A 64 -7.85 -14.26 1.04
N LYS A 65 -6.99 -15.22 1.40
CA LYS A 65 -7.10 -15.89 2.70
C LYS A 65 -6.79 -14.92 3.83
N GLN A 66 -5.95 -13.92 3.59
CA GLN A 66 -5.62 -12.88 4.54
C GLN A 66 -6.64 -11.74 4.37
N GLY A 67 -7.91 -12.07 4.20
CA GLY A 67 -9.02 -11.16 4.46
C GLY A 67 -9.10 -9.97 3.52
N THR A 68 -8.58 -10.10 2.30
CA THR A 68 -8.31 -8.97 1.43
C THR A 68 -9.11 -9.11 0.13
N THR A 69 -9.34 -8.00 -0.57
CA THR A 69 -10.13 -7.93 -1.79
C THR A 69 -9.35 -7.17 -2.87
N LEU A 70 -9.79 -7.30 -4.13
CA LEU A 70 -9.16 -6.69 -5.30
C LEU A 70 -9.08 -5.18 -5.14
N GLU A 71 -10.08 -4.56 -4.51
CA GLU A 71 -10.13 -3.14 -4.20
C GLU A 71 -8.91 -2.67 -3.40
N MET A 72 -8.42 -3.51 -2.49
CA MET A 72 -7.27 -3.19 -1.67
C MET A 72 -5.97 -3.42 -2.45
N ILE A 73 -6.01 -4.18 -3.54
CA ILE A 73 -4.85 -4.41 -4.38
C ILE A 73 -4.82 -3.38 -5.52
N THR A 74 -5.92 -2.73 -5.84
CA THR A 74 -5.88 -1.55 -6.70
C THR A 74 -5.43 -0.33 -5.90
N ALA A 75 -5.99 -0.04 -4.72
CA ALA A 75 -5.82 1.31 -4.20
C ALA A 75 -4.36 1.66 -3.86
N TRP A 76 -3.57 0.71 -3.35
CA TRP A 76 -2.16 0.92 -3.09
C TRP A 76 -1.29 0.67 -4.32
N GLN A 77 -1.78 0.26 -5.50
CA GLN A 77 -0.94 0.33 -6.66
C GLN A 77 -0.84 1.79 -7.05
N ASP A 78 -2.01 2.34 -7.36
CA ASP A 78 -2.22 3.63 -7.98
C ASP A 78 -1.69 4.71 -7.06
N PHE A 79 -1.91 4.53 -5.75
CA PHE A 79 -1.48 5.49 -4.74
C PHE A 79 -0.01 5.81 -4.92
N TYR A 80 0.86 4.80 -5.06
CA TYR A 80 2.28 5.02 -5.22
C TYR A 80 2.66 5.43 -6.63
N GLU A 81 1.94 4.96 -7.66
CA GLU A 81 2.12 5.42 -9.04
C GLU A 81 2.06 6.94 -9.11
N GLN A 82 1.07 7.50 -8.43
CA GLN A 82 0.82 8.93 -8.34
C GLN A 82 1.90 9.73 -7.59
N GLU A 83 2.92 9.06 -7.05
CA GLU A 83 4.06 9.67 -6.37
C GLU A 83 5.34 9.52 -7.18
N GLN A 84 5.29 8.75 -8.25
CA GLN A 84 6.45 8.20 -8.94
C GLN A 84 6.45 8.70 -10.37
N GLN A 85 5.26 8.94 -10.91
CA GLN A 85 5.11 9.59 -12.22
C GLN A 85 5.94 10.90 -12.30
N ARG A 86 6.13 11.56 -11.16
CA ARG A 86 6.81 12.84 -11.00
C ARG A 86 8.33 12.77 -10.83
N ASN A 87 8.88 11.58 -10.68
CA ASN A 87 10.29 11.36 -10.45
C ASN A 87 10.77 10.09 -11.13
N GLU A 88 12.06 10.08 -11.39
CA GLU A 88 12.82 8.97 -11.95
C GLU A 88 13.73 8.30 -10.93
N ASN A 89 13.60 8.69 -9.65
CA ASN A 89 14.55 8.42 -8.59
C ASN A 89 13.81 8.11 -7.28
N ASN A 90 12.61 7.51 -7.35
CA ASN A 90 11.91 7.01 -6.17
C ASN A 90 11.49 5.54 -6.30
N PRO A 91 12.47 4.62 -6.35
CA PRO A 91 12.23 3.21 -6.63
C PRO A 91 11.36 2.53 -5.57
N THR A 92 11.32 3.03 -4.32
CA THR A 92 10.54 2.41 -3.26
C THR A 92 9.07 2.30 -3.70
N ALA A 93 8.50 3.41 -4.19
CA ALA A 93 7.17 3.46 -4.78
C ALA A 93 7.10 2.58 -6.05
N LYS A 94 8.13 2.70 -6.89
CA LYS A 94 8.15 2.13 -8.24
C LYS A 94 8.27 0.61 -8.30
N TYR A 95 8.56 -0.06 -7.18
CA TYR A 95 8.51 -1.52 -7.12
C TYR A 95 7.20 -1.99 -6.49
N ARG A 96 6.74 -1.34 -5.42
CA ARG A 96 5.53 -1.76 -4.72
C ARG A 96 4.25 -1.58 -5.55
N ALA A 97 4.10 -0.46 -6.25
CA ALA A 97 2.94 -0.21 -7.09
C ALA A 97 2.80 -1.36 -8.09
N ARG A 98 3.88 -1.58 -8.86
CA ARG A 98 4.04 -2.65 -9.82
C ARG A 98 3.71 -4.03 -9.24
N LEU A 99 4.16 -4.33 -8.02
CA LEU A 99 3.87 -5.57 -7.30
C LEU A 99 2.37 -5.73 -7.09
N MET A 100 1.71 -4.76 -6.48
CA MET A 100 0.27 -4.77 -6.28
C MET A 100 -0.45 -4.99 -7.62
N LYS A 101 -0.04 -4.29 -8.69
CA LYS A 101 -0.60 -4.52 -10.03
C LYS A 101 -0.60 -5.99 -10.43
N LYS A 102 0.56 -6.66 -10.39
CA LYS A 102 0.64 -8.08 -10.76
C LYS A 102 -0.30 -8.95 -9.94
N ILE A 103 -0.50 -8.67 -8.66
CA ILE A 103 -1.42 -9.43 -7.83
C ILE A 103 -2.85 -9.26 -8.38
N ALA A 104 -3.28 -8.04 -8.72
CA ALA A 104 -4.59 -7.78 -9.32
C ALA A 104 -4.75 -8.44 -10.70
N ASP A 105 -3.65 -8.60 -11.42
CA ASP A 105 -3.61 -9.14 -12.77
C ASP A 105 -4.04 -10.60 -12.77
N LEU A 106 -3.72 -11.29 -11.68
CA LEU A 106 -3.94 -12.72 -11.46
C LEU A 106 -5.23 -13.02 -10.70
N TRP A 107 -6.05 -12.02 -10.39
CA TRP A 107 -7.00 -12.11 -9.28
C TRP A 107 -8.02 -13.21 -9.45
#